data_1ENM
# 
_entry.id   1ENM 
# 
_audit_conform.dict_name       mmcif_pdbx.dic 
_audit_conform.dict_version    5.399 
_audit_conform.dict_location   http://mmcif.pdb.org/dictionaries/ascii/mmcif_pdbx.dic 
# 
loop_
_database_2.database_id 
_database_2.database_code 
_database_2.pdbx_database_accession 
_database_2.pdbx_DOI 
PDB   1ENM         pdb_00001enm 10.2210/pdb1enm/pdb 
RCSB  RCSB010747   ?            ?                   
WWPDB D_1000010747 ?            ?                   
# 
loop_
_pdbx_audit_revision_history.ordinal 
_pdbx_audit_revision_history.data_content_type 
_pdbx_audit_revision_history.major_revision 
_pdbx_audit_revision_history.minor_revision 
_pdbx_audit_revision_history.revision_date 
1 'Structure model' 1 0 2000-06-21 
2 'Structure model' 1 1 2008-04-27 
3 'Structure model' 1 2 2011-07-13 
4 'Structure model' 2 0 2019-12-25 
5 'Structure model' 3 0 2020-07-29 
6 'Structure model' 3 1 2023-08-09 
7 'Structure model' 3 2 2024-11-20 
# 
loop_
_pdbx_audit_revision_details.ordinal 
_pdbx_audit_revision_details.revision_ordinal 
_pdbx_audit_revision_details.data_content_type 
_pdbx_audit_revision_details.provider 
_pdbx_audit_revision_details.type 
_pdbx_audit_revision_details.description 
_pdbx_audit_revision_details.details 
1 1 'Structure model' repository 'Initial release' ?                          ? 
2 5 'Structure model' repository Remediation       'Carbohydrate remediation' ? 
# 
loop_
_pdbx_audit_revision_group.ordinal 
_pdbx_audit_revision_group.revision_ordinal 
_pdbx_audit_revision_group.data_content_type 
_pdbx_audit_revision_group.group 
1  2 'Structure model' 'Version format compliance' 
2  3 'Structure model' 'Non-polymer description'   
3  3 'Structure model' 'Version format compliance' 
4  4 'Structure model' Advisory                    
5  4 'Structure model' 'Database references'       
6  4 'Structure model' 'Derived calculations'      
7  4 'Structure model' 'Polymer sequence'          
8  5 'Structure model' Advisory                    
9  5 'Structure model' 'Atomic model'              
10 5 'Structure model' 'Data collection'           
11 5 'Structure model' 'Derived calculations'      
12 5 'Structure model' 'Structure summary'         
13 6 'Structure model' Advisory                    
14 6 'Structure model' 'Data collection'           
15 6 'Structure model' 'Database references'       
16 6 'Structure model' 'Refinement description'    
17 6 'Structure model' 'Structure summary'         
18 7 'Structure model' 'Structure summary'         
# 
loop_
_pdbx_audit_revision_category.ordinal 
_pdbx_audit_revision_category.revision_ordinal 
_pdbx_audit_revision_category.data_content_type 
_pdbx_audit_revision_category.category 
1  4 'Structure model' entity_poly                   
2  4 'Structure model' pdbx_struct_mod_residue       
3  4 'Structure model' pdbx_unobs_or_zero_occ_atoms  
4  4 'Structure model' struct_conn                   
5  4 'Structure model' struct_ref_seq_dif            
6  5 'Structure model' atom_site                     
7  5 'Structure model' chem_comp                     
8  5 'Structure model' entity                        
9  5 'Structure model' entity_name_com               
10 5 'Structure model' pdbx_branch_scheme            
11 5 'Structure model' pdbx_chem_comp_identifier     
12 5 'Structure model' pdbx_entity_branch            
13 5 'Structure model' pdbx_entity_branch_descriptor 
14 5 'Structure model' pdbx_entity_branch_link       
15 5 'Structure model' pdbx_entity_branch_list       
16 5 'Structure model' pdbx_entity_nonpoly           
17 5 'Structure model' pdbx_molecule_features        
18 5 'Structure model' pdbx_nonpoly_scheme           
19 5 'Structure model' pdbx_struct_assembly_gen      
20 5 'Structure model' pdbx_unobs_or_zero_occ_atoms  
21 5 'Structure model' struct_asym                   
22 5 'Structure model' struct_conn                   
23 5 'Structure model' struct_site                   
24 5 'Structure model' struct_site_gen               
25 6 'Structure model' chem_comp                     
26 6 'Structure model' chem_comp_atom                
27 6 'Structure model' chem_comp_bond                
28 6 'Structure model' database_2                    
29 6 'Structure model' pdbx_initial_refinement_model 
30 6 'Structure model' pdbx_unobs_or_zero_occ_atoms  
31 7 'Structure model' pdbx_entry_details            
32 7 'Structure model' pdbx_modification_feature     
# 
loop_
_pdbx_audit_revision_item.ordinal 
_pdbx_audit_revision_item.revision_ordinal 
_pdbx_audit_revision_item.data_content_type 
_pdbx_audit_revision_item.item 
1  4 'Structure model' '_entity_poly.pdbx_seq_one_letter_code_can'    
2  4 'Structure model' '_pdbx_struct_mod_residue.parent_comp_id'      
3  4 'Structure model' '_struct_conn.pdbx_leaving_atom_flag'          
4  5 'Structure model' '_atom_site.B_iso_or_equiv'                    
5  5 'Structure model' '_atom_site.Cartn_x'                           
6  5 'Structure model' '_atom_site.Cartn_y'                           
7  5 'Structure model' '_atom_site.Cartn_z'                           
8  5 'Structure model' '_atom_site.auth_asym_id'                      
9  5 'Structure model' '_atom_site.auth_seq_id'                       
10 5 'Structure model' '_atom_site.label_asym_id'                     
11 5 'Structure model' '_chem_comp.name'                              
12 5 'Structure model' '_chem_comp.type'                              
13 5 'Structure model' '_entity.formula_weight'                       
14 5 'Structure model' '_entity.pdbx_description'                     
15 5 'Structure model' '_entity.pdbx_number_of_molecules'             
16 5 'Structure model' '_entity.type'                                 
17 5 'Structure model' '_pdbx_struct_assembly_gen.asym_id_list'       
18 5 'Structure model' '_pdbx_unobs_or_zero_occ_atoms.auth_asym_id'   
19 5 'Structure model' '_pdbx_unobs_or_zero_occ_atoms.auth_seq_id'    
20 5 'Structure model' '_pdbx_unobs_or_zero_occ_atoms.label_seq_id'   
21 5 'Structure model' '_struct_conn.pdbx_dist_value'                 
22 5 'Structure model' '_struct_conn.ptnr1_auth_asym_id'              
23 5 'Structure model' '_struct_conn.ptnr1_auth_comp_id'              
24 5 'Structure model' '_struct_conn.ptnr1_auth_seq_id'               
25 5 'Structure model' '_struct_conn.ptnr1_label_asym_id'             
26 5 'Structure model' '_struct_conn.ptnr1_label_atom_id'             
27 5 'Structure model' '_struct_conn.ptnr1_label_comp_id'             
28 5 'Structure model' '_struct_conn.ptnr1_label_seq_id'              
29 5 'Structure model' '_struct_conn.ptnr2_auth_asym_id'              
30 5 'Structure model' '_struct_conn.ptnr2_auth_comp_id'              
31 5 'Structure model' '_struct_conn.ptnr2_auth_seq_id'               
32 5 'Structure model' '_struct_conn.ptnr2_label_asym_id'             
33 5 'Structure model' '_struct_conn.ptnr2_label_atom_id'             
34 5 'Structure model' '_struct_conn.ptnr2_label_comp_id'             
35 5 'Structure model' '_struct_conn.ptnr2_label_seq_id'              
36 6 'Structure model' '_chem_comp.pdbx_synonyms'                     
37 6 'Structure model' '_database_2.pdbx_DOI'                         
38 6 'Structure model' '_database_2.pdbx_database_accession'          
39 7 'Structure model' '_pdbx_entry_details.has_protein_modification' 
# 
_pdbx_database_status.status_code                     REL 
_pdbx_database_status.entry_id                        1ENM 
_pdbx_database_status.recvd_initial_deposition_date   2000-03-21 
_pdbx_database_status.deposit_site                    RCSB 
_pdbx_database_status.process_site                    RCSB 
_pdbx_database_status.status_code_sf                  REL 
_pdbx_database_status.SG_entry                        . 
_pdbx_database_status.status_code_mr                  ? 
_pdbx_database_status.pdb_format_compatible           Y 
_pdbx_database_status.status_code_cs                  ? 
_pdbx_database_status.methods_development_category    ? 
_pdbx_database_status.status_code_nmr_data            ? 
# 
loop_
_pdbx_database_related.db_name 
_pdbx_database_related.db_id 
_pdbx_database_related.details 
_pdbx_database_related.content_type 
PDB 1EIS 'UDA uncomplexed form'        unspecified 
PDB 1EN2 'UDA tetrasaccharide complex' unspecified 
# 
loop_
_audit_author.name 
_audit_author.pdbx_ordinal 
'Saul, F.A.'        1 
'Rovira, P.'        2 
'Boulot, G.'        3 
'Van Damme, E.J.M.' 4 
'Peumans, W.J.'     5 
'Truffa-Bachi, P.'  6 
'Bentley, G.A.'     7 
# 
loop_
_citation.id 
_citation.title 
_citation.journal_abbrev 
_citation.journal_volume 
_citation.page_first 
_citation.page_last 
_citation.year 
_citation.journal_id_ASTM 
_citation.country 
_citation.journal_id_ISSN 
_citation.journal_id_CSD 
_citation.book_publisher 
_citation.pdbx_database_id_PubMed 
_citation.pdbx_database_id_DOI 
primary 'Crystal structure of Urtica dioica agglutinin, a superantigen presented by MHC molecules of class I and class II.' 
'Structure Fold.Des.' 8  593 603 2000 FODEFH UK 0969-2126 1263 ? 10873861 '10.1016/S0969-2126(00)00142-8' 
1       'Characterisation of Urtica dioica Agglutinin Isolectins and the Encoding Gene Family'                              
'Plant Mol.Biol.'     39 335 347 1999 PMBIDB NE 0167-4412 2006 ? ?        10.1023/A:1006134932290         
# 
loop_
_citation_author.citation_id 
_citation_author.name 
_citation_author.ordinal 
_citation_author.identifier_ORCID 
primary 'Saul, F.A.'          1  ? 
primary 'Rovira, P.'          2  ? 
primary 'Boulot, G.'          3  ? 
primary 'Van Damme, E.J.M.'   4  ? 
primary 'Peumans, W.J.'       5  ? 
primary 'Truffa-Bachi, P.'    6  ? 
primary 'Bentley, G.A.'       7  ? 
1       'Does, M.P.'          8  ? 
1       'Ng, D.K.'            9  ? 
1       'Dekker, H.L.'        10 ? 
1       'Peumans, W.J.'       11 ? 
1       'Houterman, P.M.'     12 ? 
1       'Van Damme, E.J.'     13 ? 
1       'Cornelissen, B.J.C.' 14 ? 
# 
loop_
_entity.id 
_entity.type 
_entity.src_method 
_entity.pdbx_description 
_entity.formula_weight 
_entity.pdbx_number_of_molecules 
_entity.pdbx_ec 
_entity.pdbx_mutation 
_entity.pdbx_fragment 
_entity.details 
1 polymer  nat 'AGGLUTININ ISOLECTIN I/AGGLUTININ ISOLECTIN V/ AGGLUTININ ISOLECTIN VI' 9350.269 1  ? ? ? 
'THREE ISOFORMS ARE PRESENT IN THE CRYSTAL: ISOLECTIN I, V, AND VI' 
2 branched man 
;2-acetamido-2-deoxy-beta-D-glucopyranose-(1-4)-2-acetamido-2-deoxy-beta-D-glucopyranose-(1-4)-2-acetamido-2-deoxy-beta-D-glucopyranose
;
627.594  1  ? ? ? ?                                                                   
3 water    nat water 18.015   37 ? ? ? ?                                                                   
# 
loop_
_entity_name_com.entity_id 
_entity_name_com.name 
1 UDA                        
2 triacetyl-beta-chitotriose 
# 
_entity_poly.entity_id                      1 
_entity_poly.type                           'polypeptide(L)' 
_entity_poly.nstd_linkage                   no 
_entity_poly.nstd_monomer                   yes 
_entity_poly.pdbx_seq_one_letter_code       
;(PCA)RCGSQGGGSTCPGLRCCSIWGWCGDSEPYCGRTCENKCWSGERSDHRCGAAVGNPPCGQDRCCSVHGWCGGGNDY
CSGGNCQYRCSSS
;
_entity_poly.pdbx_seq_one_letter_code_can   
;QRCGSQGGGSTCPGLRCCSIWGWCGDSEPYCGRTCENKCWSGERSDHRCGAAVGNPPCGQDRCCSVHGWCGGGNDYCSGG
NCQYRCSSS
;
_entity_poly.pdbx_strand_id                 A 
_entity_poly.pdbx_target_identifier         ? 
# 
_pdbx_entity_nonpoly.entity_id   3 
_pdbx_entity_nonpoly.name        water 
_pdbx_entity_nonpoly.comp_id     HOH 
# 
loop_
_entity_poly_seq.entity_id 
_entity_poly_seq.num 
_entity_poly_seq.mon_id 
_entity_poly_seq.hetero 
1 1  PCA n 
1 2  ARG n 
1 3  CYS n 
1 4  GLY n 
1 5  SER n 
1 6  GLN n 
1 7  GLY n 
1 8  GLY n 
1 9  GLY n 
1 10 SER y 
1 10 GLY y 
1 11 THR n 
1 12 CYS n 
1 13 PRO n 
1 14 GLY y 
1 14 ALA y 
1 15 LEU n 
1 16 ARG y 
1 16 TRP y 
1 17 CYS n 
1 18 CYS n 
1 19 SER n 
1 20 ILE n 
1 21 TRP n 
1 22 GLY n 
1 23 TRP n 
1 24 CYS n 
1 25 GLY n 
1 26 ASP n 
1 27 SER n 
1 28 GLU n 
1 29 PRO n 
1 30 TYR n 
1 31 CYS n 
1 32 GLY n 
1 33 ARG n 
1 34 THR n 
1 35 CYS n 
1 36 GLU n 
1 37 ASN n 
1 38 LYS n 
1 39 CYS n 
1 40 TRP n 
1 41 SER n 
1 42 GLY n 
1 43 GLU n 
1 44 ARG n 
1 45 SER n 
1 46 ASP n 
1 47 HIS n 
1 48 ARG n 
1 49 CYS n 
1 50 GLY n 
1 51 ALA n 
1 52 ALA n 
1 53 VAL n 
1 54 GLY n 
1 55 ASN n 
1 56 PRO n 
1 57 PRO n 
1 58 CYS n 
1 59 GLY n 
1 60 GLN n 
1 61 ASP n 
1 62 ARG n 
1 63 CYS n 
1 64 CYS n 
1 65 SER n 
1 66 VAL n 
1 67 HIS n 
1 68 GLY n 
1 69 TRP n 
1 70 CYS n 
1 71 GLY n 
1 72 GLY n 
1 73 GLY n 
1 74 ASN n 
1 75 ASP n 
1 76 TYR n 
1 77 CYS n 
1 78 SER n 
1 79 GLY n 
1 80 GLY y 
1 80 SER y 
1 81 ASN y 
1 81 LYS y 
1 82 CYS n 
1 83 GLN n 
1 84 TYR n 
1 85 ARG n 
1 86 CYS n 
1 87 SER n 
1 88 SER n 
1 89 SER n 
# 
_entity_src_nat.entity_id                  1 
_entity_src_nat.pdbx_src_id                1 
_entity_src_nat.pdbx_alt_source_flag       sample 
_entity_src_nat.pdbx_beg_seq_num           ? 
_entity_src_nat.pdbx_end_seq_num           ? 
_entity_src_nat.common_name                'great nettle' 
_entity_src_nat.pdbx_organism_scientific   'Urtica dioica' 
_entity_src_nat.pdbx_ncbi_taxonomy_id      3501 
_entity_src_nat.genus                      Urtica 
_entity_src_nat.species                    ? 
_entity_src_nat.strain                     ? 
_entity_src_nat.tissue                     ? 
_entity_src_nat.tissue_fraction            ? 
_entity_src_nat.pdbx_secretion             ? 
_entity_src_nat.pdbx_fragment              ? 
_entity_src_nat.pdbx_variant               ? 
_entity_src_nat.pdbx_cell_line             ? 
_entity_src_nat.pdbx_atcc                  ? 
_entity_src_nat.pdbx_cellular_location     ? 
_entity_src_nat.pdbx_organ                 ? 
_entity_src_nat.pdbx_organelle             ? 
_entity_src_nat.pdbx_cell                  ? 
_entity_src_nat.pdbx_plasmid_name          ? 
_entity_src_nat.pdbx_plasmid_details       ? 
_entity_src_nat.details                    'PURIFIED FROM RHIZOMES' 
# 
_pdbx_entity_branch.entity_id   2 
_pdbx_entity_branch.type        oligosaccharide 
# 
loop_
_pdbx_entity_branch_descriptor.ordinal 
_pdbx_entity_branch_descriptor.entity_id 
_pdbx_entity_branch_descriptor.descriptor 
_pdbx_entity_branch_descriptor.type 
_pdbx_entity_branch_descriptor.program 
_pdbx_entity_branch_descriptor.program_version 
1 2 DGlcpNAcb1-4DGlcpNAcb1-4DGlcpNAcb1-ROH                                'Glycam Condensed Sequence' GMML       1.0   
2 2 'WURCS=2.0/1,3,2/[a2122h-1b_1-5_2*NCC/3=O]/1-1-1/a4-b1_b4-c1'         WURCS                       PDB2Glycan 1.1.0 
3 2 '[][D-1-deoxy-GlcpNAc]{[(4+1)][b-D-GlcpNAc]{[(4+1)][b-D-GlcpNAc]{}}}' LINUCS                      PDB-CARE   ?     
# 
loop_
_pdbx_entity_branch_link.link_id 
_pdbx_entity_branch_link.entity_id 
_pdbx_entity_branch_link.entity_branch_list_num_1 
_pdbx_entity_branch_link.comp_id_1 
_pdbx_entity_branch_link.atom_id_1 
_pdbx_entity_branch_link.leaving_atom_id_1 
_pdbx_entity_branch_link.entity_branch_list_num_2 
_pdbx_entity_branch_link.comp_id_2 
_pdbx_entity_branch_link.atom_id_2 
_pdbx_entity_branch_link.leaving_atom_id_2 
_pdbx_entity_branch_link.value_order 
_pdbx_entity_branch_link.details 
1 2 2 NAG C1 O1 1 NAG O4 HO4 sing ? 
2 2 3 NAG C1 O1 2 NAG O4 HO4 sing ? 
# 
loop_
_chem_comp.id 
_chem_comp.type 
_chem_comp.mon_nstd_flag 
_chem_comp.name 
_chem_comp.pdbx_synonyms 
_chem_comp.formula 
_chem_comp.formula_weight 
ALA 'L-peptide linking'          y ALANINE                                  ? 'C3 H7 N O2'     89.093  
ARG 'L-peptide linking'          y ARGININE                                 ? 'C6 H15 N4 O2 1' 175.209 
ASN 'L-peptide linking'          y ASPARAGINE                               ? 'C4 H8 N2 O3'    132.118 
ASP 'L-peptide linking'          y 'ASPARTIC ACID'                          ? 'C4 H7 N O4'     133.103 
CYS 'L-peptide linking'          y CYSTEINE                                 ? 'C3 H7 N O2 S'   121.158 
GLN 'L-peptide linking'          y GLUTAMINE                                ? 'C5 H10 N2 O3'   146.144 
GLU 'L-peptide linking'          y 'GLUTAMIC ACID'                          ? 'C5 H9 N O4'     147.129 
GLY 'peptide linking'            y GLYCINE                                  ? 'C2 H5 N O2'     75.067  
HIS 'L-peptide linking'          y HISTIDINE                                ? 'C6 H10 N3 O2 1' 156.162 
HOH non-polymer                  . WATER                                    ? 'H2 O'           18.015  
ILE 'L-peptide linking'          y ISOLEUCINE                               ? 'C6 H13 N O2'    131.173 
LEU 'L-peptide linking'          y LEUCINE                                  ? 'C6 H13 N O2'    131.173 
LYS 'L-peptide linking'          y LYSINE                                   ? 'C6 H15 N2 O2 1' 147.195 
NAG 'D-saccharide, beta linking' . 2-acetamido-2-deoxy-beta-D-glucopyranose 
;N-acetyl-beta-D-glucosamine; 2-acetamido-2-deoxy-beta-D-glucose; 2-acetamido-2-deoxy-D-glucose; 2-acetamido-2-deoxy-glucose; N-ACETYL-D-GLUCOSAMINE
;
'C8 H15 N O6'    221.208 
PCA 'L-peptide linking'          n 'PYROGLUTAMIC ACID'                      ? 'C5 H7 N O3'     129.114 
PRO 'L-peptide linking'          y PROLINE                                  ? 'C5 H9 N O2'     115.130 
SER 'L-peptide linking'          y SERINE                                   ? 'C3 H7 N O3'     105.093 
THR 'L-peptide linking'          y THREONINE                                ? 'C4 H9 N O3'     119.119 
TRP 'L-peptide linking'          y TRYPTOPHAN                               ? 'C11 H12 N2 O2'  204.225 
TYR 'L-peptide linking'          y TYROSINE                                 ? 'C9 H11 N O3'    181.189 
VAL 'L-peptide linking'          y VALINE                                   ? 'C5 H11 N O2'    117.146 
# 
loop_
_pdbx_chem_comp_identifier.comp_id 
_pdbx_chem_comp_identifier.type 
_pdbx_chem_comp_identifier.program 
_pdbx_chem_comp_identifier.program_version 
_pdbx_chem_comp_identifier.identifier 
NAG 'CONDENSED IUPAC CARBOHYDRATE SYMBOL' GMML     1.0 DGlcpNAcb                      
NAG 'COMMON NAME'                         GMML     1.0 N-acetyl-b-D-glucopyranosamine 
NAG 'IUPAC CARBOHYDRATE SYMBOL'           PDB-CARE 1.0 b-D-GlcpNAc                    
NAG 'SNFG CARBOHYDRATE SYMBOL'            GMML     1.0 GlcNAc                         
# 
loop_
_pdbx_poly_seq_scheme.asym_id 
_pdbx_poly_seq_scheme.entity_id 
_pdbx_poly_seq_scheme.seq_id 
_pdbx_poly_seq_scheme.mon_id 
_pdbx_poly_seq_scheme.ndb_seq_num 
_pdbx_poly_seq_scheme.pdb_seq_num 
_pdbx_poly_seq_scheme.auth_seq_num 
_pdbx_poly_seq_scheme.pdb_mon_id 
_pdbx_poly_seq_scheme.auth_mon_id 
_pdbx_poly_seq_scheme.pdb_strand_id 
_pdbx_poly_seq_scheme.pdb_ins_code 
_pdbx_poly_seq_scheme.hetero 
A 1 1  PCA 1  1  1  PCA PCA A . n 
A 1 2  ARG 2  2  2  ARG ARG A . n 
A 1 3  CYS 3  3  3  CYS CYS A . n 
A 1 4  GLY 4  4  4  GLY GLY A . n 
A 1 5  SER 5  5  5  SER SER A . n 
A 1 6  GLN 6  6  6  GLN GLN A . n 
A 1 7  GLY 7  7  7  GLY GLY A . n 
A 1 8  GLY 8  8  8  GLY GLY A . n 
A 1 9  GLY 9  9  9  GLY GLY A . n 
A 1 10 SER 10 10 10 SER SER A . y 
A 1 10 GLY 10 10 10 GLY GLY A . y 
A 1 11 THR 11 11 11 THR THR A . n 
A 1 12 CYS 12 12 12 CYS CYS A . n 
A 1 13 PRO 13 13 13 PRO PRO A . n 
A 1 14 GLY 14 14 14 GLY GLY A . y 
A 1 14 ALA 14 14 14 ALA ALA A . y 
A 1 15 LEU 15 15 15 LEU LEU A . n 
A 1 16 ARG 16 16 16 ARG ARG A . y 
A 1 16 TRP 16 16 16 TRP TRP A . y 
A 1 17 CYS 17 17 17 CYS CYS A . n 
A 1 18 CYS 18 18 18 CYS CYS A . n 
A 1 19 SER 19 19 19 SER SER A . n 
A 1 20 ILE 20 20 20 ILE ILE A . n 
A 1 21 TRP 21 21 21 TRP TRP A . n 
A 1 22 GLY 22 22 22 GLY GLY A . n 
A 1 23 TRP 23 23 23 TRP TRP A . n 
A 1 24 CYS 24 24 24 CYS CYS A . n 
A 1 25 GLY 25 25 25 GLY GLY A . n 
A 1 26 ASP 26 26 26 ASP ASP A . n 
A 1 27 SER 27 27 27 SER SER A . n 
A 1 28 GLU 28 28 28 GLU GLU A . n 
A 1 29 PRO 29 29 29 PRO PRO A . n 
A 1 30 TYR 30 30 30 TYR TYR A . n 
A 1 31 CYS 31 31 31 CYS CYS A . n 
A 1 32 GLY 32 32 32 GLY GLY A . n 
A 1 33 ARG 33 33 33 ARG ARG A . n 
A 1 34 THR 34 34 34 THR THR A . n 
A 1 35 CYS 35 35 35 CYS CYS A . n 
A 1 36 GLU 36 36 36 GLU GLU A . n 
A 1 37 ASN 37 37 37 ASN ASN A . n 
A 1 38 LYS 38 38 38 LYS LYS A . n 
A 1 39 CYS 39 39 39 CYS CYS A . n 
A 1 40 TRP 40 40 40 TRP TRP A . n 
A 1 41 SER 41 41 41 SER SER A . n 
A 1 42 GLY 42 42 42 GLY GLY A . n 
A 1 43 GLU 43 43 43 GLU GLU A . n 
A 1 44 ARG 44 44 44 ARG ARG A . n 
A 1 45 SER 45 45 45 SER SER A . n 
A 1 46 ASP 46 46 46 ASP ASP A . n 
A 1 47 HIS 47 47 47 HIS HIS A . n 
A 1 48 ARG 48 48 48 ARG ARG A . n 
A 1 49 CYS 49 49 49 CYS CYS A . n 
A 1 50 GLY 50 50 50 GLY GLY A . n 
A 1 51 ALA 51 51 51 ALA ALA A . n 
A 1 52 ALA 52 52 52 ALA ALA A . n 
A 1 53 VAL 53 53 53 VAL VAL A . n 
A 1 54 GLY 54 54 54 GLY GLY A . n 
A 1 55 ASN 55 55 55 ASN ASN A . n 
A 1 56 PRO 56 56 56 PRO PRO A . n 
A 1 57 PRO 57 57 57 PRO PRO A . n 
A 1 58 CYS 58 58 58 CYS CYS A . n 
A 1 59 GLY 59 59 59 GLY GLY A . n 
A 1 60 GLN 60 60 60 GLN GLN A . n 
A 1 61 ASP 61 61 61 ASP ASP A . n 
A 1 62 ARG 62 62 62 ARG ARG A . n 
A 1 63 CYS 63 63 63 CYS CYS A . n 
A 1 64 CYS 64 64 64 CYS CYS A . n 
A 1 65 SER 65 65 65 SER SER A . n 
A 1 66 VAL 66 66 66 VAL VAL A . n 
A 1 67 HIS 67 67 67 HIS HIS A . n 
A 1 68 GLY 68 68 68 GLY GLY A . n 
A 1 69 TRP 69 69 69 TRP TRP A . n 
A 1 70 CYS 70 70 70 CYS CYS A . n 
A 1 71 GLY 71 71 71 GLY GLY A . n 
A 1 72 GLY 72 72 72 GLY GLY A . n 
A 1 73 GLY 73 73 73 GLY GLY A . n 
A 1 74 ASN 74 74 74 ASN ASN A . n 
A 1 75 ASP 75 75 75 ASP ASP A . n 
A 1 76 TYR 76 76 76 TYR TYR A . n 
A 1 77 CYS 77 77 77 CYS CYS A . n 
A 1 78 SER 78 78 78 SER SER A . n 
A 1 79 GLY 79 79 79 GLY GLY A . n 
A 1 80 GLY 80 80 80 GLY GLY A . y 
A 1 80 SER 80 80 80 SER SER A . y 
A 1 81 ASN 81 81 81 ASN ASN A . y 
A 1 81 LYS 81 81 81 LYS LYS A . y 
A 1 82 CYS 82 82 82 CYS CYS A . n 
A 1 83 GLN 83 83 83 GLN GLN A . n 
A 1 84 TYR 84 84 84 TYR TYR A . n 
A 1 85 ARG 85 85 85 ARG ARG A . n 
A 1 86 CYS 86 86 86 CYS CYS A . n 
A 1 87 SER 87 87 ?  ?   ?   A . n 
A 1 88 SER 88 88 ?  ?   ?   A . n 
A 1 89 SER 89 89 ?  ?   ?   A . n 
# 
loop_
_pdbx_branch_scheme.asym_id 
_pdbx_branch_scheme.entity_id 
_pdbx_branch_scheme.mon_id 
_pdbx_branch_scheme.num 
_pdbx_branch_scheme.pdb_asym_id 
_pdbx_branch_scheme.pdb_mon_id 
_pdbx_branch_scheme.pdb_seq_num 
_pdbx_branch_scheme.auth_asym_id 
_pdbx_branch_scheme.auth_mon_id 
_pdbx_branch_scheme.auth_seq_num 
_pdbx_branch_scheme.hetero 
B 2 NAG 1 B NAG 1 D NAG 3 n 
B 2 NAG 2 B NAG 2 C NAG 2 n 
B 2 NAG 3 B NAG 3 B NAG 1 n 
# 
loop_
_pdbx_nonpoly_scheme.asym_id 
_pdbx_nonpoly_scheme.entity_id 
_pdbx_nonpoly_scheme.mon_id 
_pdbx_nonpoly_scheme.ndb_seq_num 
_pdbx_nonpoly_scheme.pdb_seq_num 
_pdbx_nonpoly_scheme.auth_seq_num 
_pdbx_nonpoly_scheme.pdb_mon_id 
_pdbx_nonpoly_scheme.auth_mon_id 
_pdbx_nonpoly_scheme.pdb_strand_id 
_pdbx_nonpoly_scheme.pdb_ins_code 
C 3 HOH 1  93  1  HOH WAT A . 
C 3 HOH 2  94  2  HOH WAT A . 
C 3 HOH 3  95  3  HOH WAT A . 
C 3 HOH 4  96  4  HOH WAT A . 
C 3 HOH 5  97  5  HOH WAT A . 
C 3 HOH 6  98  6  HOH WAT A . 
C 3 HOH 7  99  7  HOH WAT A . 
C 3 HOH 8  100 8  HOH WAT A . 
C 3 HOH 9  101 9  HOH WAT A . 
C 3 HOH 10 102 10 HOH WAT A . 
C 3 HOH 11 103 11 HOH WAT A . 
C 3 HOH 12 104 12 HOH WAT A . 
C 3 HOH 13 105 13 HOH WAT A . 
C 3 HOH 14 106 14 HOH WAT A . 
C 3 HOH 15 107 15 HOH WAT A . 
C 3 HOH 16 108 16 HOH WAT A . 
C 3 HOH 17 109 17 HOH WAT A . 
C 3 HOH 18 110 18 HOH WAT A . 
C 3 HOH 19 111 19 HOH WAT A . 
C 3 HOH 20 112 20 HOH WAT A . 
C 3 HOH 21 113 21 HOH WAT A . 
C 3 HOH 22 114 22 HOH WAT A . 
C 3 HOH 23 115 23 HOH WAT A . 
C 3 HOH 24 116 24 HOH WAT A . 
C 3 HOH 25 117 25 HOH WAT A . 
C 3 HOH 26 118 26 HOH WAT A . 
C 3 HOH 27 119 27 HOH WAT A . 
C 3 HOH 28 120 28 HOH WAT A . 
C 3 HOH 29 121 29 HOH WAT A . 
C 3 HOH 30 122 30 HOH WAT A . 
C 3 HOH 31 123 31 HOH WAT A . 
C 3 HOH 32 124 32 HOH WAT A . 
C 3 HOH 33 125 33 HOH WAT A . 
C 3 HOH 34 126 34 HOH WAT A . 
C 3 HOH 35 127 35 HOH WAT A . 
C 3 HOH 36 128 36 HOH WAT A . 
C 3 HOH 37 129 37 HOH WAT A . 
# 
loop_
_pdbx_unobs_or_zero_occ_atoms.id 
_pdbx_unobs_or_zero_occ_atoms.PDB_model_num 
_pdbx_unobs_or_zero_occ_atoms.polymer_flag 
_pdbx_unobs_or_zero_occ_atoms.occupancy_flag 
_pdbx_unobs_or_zero_occ_atoms.auth_asym_id 
_pdbx_unobs_or_zero_occ_atoms.auth_comp_id 
_pdbx_unobs_or_zero_occ_atoms.auth_seq_id 
_pdbx_unobs_or_zero_occ_atoms.PDB_ins_code 
_pdbx_unobs_or_zero_occ_atoms.auth_atom_id 
_pdbx_unobs_or_zero_occ_atoms.label_alt_id 
_pdbx_unobs_or_zero_occ_atoms.label_asym_id 
_pdbx_unobs_or_zero_occ_atoms.label_comp_id 
_pdbx_unobs_or_zero_occ_atoms.label_seq_id 
_pdbx_unobs_or_zero_occ_atoms.label_atom_id 
1 1 Y 0 A ALA 14 ? CB B A ALA 14 CB 
2 1 N 1 B NAG 1  ? O1 ? B NAG 1  O1 
# 
loop_
_software.name 
_software.classification 
_software.version 
_software.citation_id 
_software.pdbx_ordinal 
DENZO     'data reduction' . ? 1 
SCALEPACK 'data scaling'   . ? 2 
AMoRE     phasing          . ? 3 
REFMAC    refinement       . ? 4 
# 
_cell.entry_id           1ENM 
_cell.length_a           38.780 
_cell.length_b           46.160 
_cell.length_c           57.250 
_cell.angle_alpha        90.00 
_cell.angle_beta         90.00 
_cell.angle_gamma        90.00 
_cell.Z_PDB              4 
_cell.pdbx_unique_axis   ? 
_cell.length_a_esd       ? 
_cell.length_b_esd       ? 
_cell.length_c_esd       ? 
_cell.angle_alpha_esd    ? 
_cell.angle_beta_esd     ? 
_cell.angle_gamma_esd    ? 
# 
_symmetry.entry_id                         1ENM 
_symmetry.space_group_name_H-M             'P 21 21 21' 
_symmetry.pdbx_full_space_group_name_H-M   ? 
_symmetry.cell_setting                     ? 
_symmetry.Int_Tables_number                19 
_symmetry.space_group_name_Hall            ? 
# 
_exptl.entry_id          1ENM 
_exptl.method            'X-RAY DIFFRACTION' 
_exptl.crystals_number   1 
# 
_exptl_crystal.id                    1 
_exptl_crystal.density_meas          ? 
_exptl_crystal.density_percent_sol   54.81 
_exptl_crystal.density_Matthews      2.72 
_exptl_crystal.description           ? 
_exptl_crystal.F_000                 ? 
_exptl_crystal.preparation           ? 
# 
_exptl_crystal_grow.crystal_id      1 
_exptl_crystal_grow.method          'VAPOR DIFFUSION, SITTING DROP' 
_exptl_crystal_grow.pH              6.0 
_exptl_crystal_grow.temp            290.0 
_exptl_crystal_grow.temp_details    ? 
_exptl_crystal_grow.pdbx_details    
'PEG 6000, sodium acetate, sodium chloride, pH 6.0, VAPOR DIFFUSION, SITTING DROP, temperature 290.0K' 
_exptl_crystal_grow.pdbx_pH_range   ? 
# 
_diffrn.id                     1 
_diffrn.ambient_temp           298.0 
_diffrn.ambient_temp_details   ? 
_diffrn.crystal_id             1 
# 
_diffrn_detector.diffrn_id              1 
_diffrn_detector.detector               'IMAGE PLATE' 
_diffrn_detector.type                   MARRESEARCH 
_diffrn_detector.pdbx_collection_date   1999-10-22 
_diffrn_detector.details                ? 
# 
_diffrn_radiation.diffrn_id                        1 
_diffrn_radiation.wavelength_id                    1 
_diffrn_radiation.monochromator                    ? 
_diffrn_radiation.pdbx_monochromatic_or_laue_m_l   M 
_diffrn_radiation.pdbx_diffrn_protocol             'SINGLE WAVELENGTH' 
_diffrn_radiation.pdbx_scattering_type             x-ray 
# 
_diffrn_radiation_wavelength.id           1 
_diffrn_radiation_wavelength.wavelength   0.96 
_diffrn_radiation_wavelength.wt           1.0 
# 
_diffrn_source.diffrn_id                   1 
_diffrn_source.source                      SYNCHROTRON 
_diffrn_source.type                        'LURE BEAMLINE DW32' 
_diffrn_source.pdbx_wavelength             0.96 
_diffrn_source.pdbx_synchrotron_site       LURE 
_diffrn_source.pdbx_synchrotron_beamline   DW32 
_diffrn_source.pdbx_wavelength_list        ? 
# 
_reflns.entry_id                     1ENM 
_reflns.observed_criterion_sigma_I   0.0 
_reflns.observed_criterion_sigma_F   0.0 
_reflns.d_resolution_low             25.0 
_reflns.d_resolution_high            1.9 
_reflns.number_obs                   8284 
_reflns.number_all                   8284 
_reflns.percent_possible_obs         96.9 
_reflns.pdbx_Rmerge_I_obs            0.102 
_reflns.pdbx_Rsym_value              ? 
_reflns.pdbx_netI_over_sigmaI        8.8 
_reflns.B_iso_Wilson_estimate        30.8 
_reflns.pdbx_redundancy              3.9 
_reflns.R_free_details               ? 
_reflns.limit_h_max                  ? 
_reflns.limit_h_min                  ? 
_reflns.limit_k_max                  ? 
_reflns.limit_k_min                  ? 
_reflns.limit_l_max                  ? 
_reflns.limit_l_min                  ? 
_reflns.observed_criterion_F_max     ? 
_reflns.observed_criterion_F_min     ? 
_reflns.pdbx_chi_squared             ? 
_reflns.pdbx_scaling_rejects         ? 
_reflns.pdbx_ordinal                 1 
_reflns.pdbx_diffrn_id               1 
# 
_reflns_shell.d_res_high             1.90 
_reflns_shell.d_res_low              1.97 
_reflns_shell.percent_possible_obs   ? 
_reflns_shell.percent_possible_all   98.0 
_reflns_shell.Rmerge_I_obs           0.473 
_reflns_shell.meanI_over_sigI_obs    ? 
_reflns_shell.pdbx_Rsym_value        ? 
_reflns_shell.pdbx_redundancy        3.9 
_reflns_shell.number_unique_all      817 
_reflns_shell.number_measured_all    ? 
_reflns_shell.number_measured_obs    ? 
_reflns_shell.number_unique_obs      ? 
_reflns_shell.pdbx_chi_squared       ? 
_reflns_shell.pdbx_ordinal           1 
_reflns_shell.pdbx_diffrn_id         1 
# 
_refine.entry_id                                 1ENM 
_refine.ls_number_reflns_obs                     8283 
_refine.ls_number_reflns_all                     8283 
_refine.pdbx_ls_sigma_I                          0 
_refine.pdbx_ls_sigma_F                          0 
_refine.pdbx_data_cutoff_high_absF               ? 
_refine.pdbx_data_cutoff_low_absF                ? 
_refine.ls_d_res_low                             25.0 
_refine.ls_d_res_high                            1.90 
_refine.ls_percent_reflns_obs                    96.9 
_refine.ls_R_factor_obs                          0.206 
_refine.ls_R_factor_all                          0.206 
_refine.ls_R_factor_R_work                       0.201 
_refine.ls_R_factor_R_free                       0.24 
_refine.ls_R_factor_R_free_error                 ? 
_refine.ls_R_factor_R_free_error_details         ? 
_refine.ls_percent_reflns_R_free                 ? 
_refine.ls_number_reflns_R_free                  423 
_refine.ls_number_parameters                     ? 
_refine.ls_number_restraints                     ? 
_refine.occupancy_min                            ? 
_refine.occupancy_max                            ? 
_refine.B_iso_mean                               ? 
_refine.aniso_B[1][1]                            ? 
_refine.aniso_B[2][2]                            ? 
_refine.aniso_B[3][3]                            ? 
_refine.aniso_B[1][2]                            ? 
_refine.aniso_B[1][3]                            ? 
_refine.aniso_B[2][3]                            ? 
_refine.solvent_model_details                    ? 
_refine.solvent_model_param_ksol                 ? 
_refine.solvent_model_param_bsol                 ? 
_refine.pdbx_ls_cross_valid_method               ? 
_refine.details                                  
;The structure was determined by molecular replacement methods based on the uncomplexed UDA structure (1EIS).
A bulk solvent correction was applied.
;
_refine.pdbx_starting_model                      1EIS 
_refine.pdbx_method_to_determine_struct          'MOLECULAR REPLACEMENT' 
_refine.pdbx_isotropic_thermal_model             ? 
_refine.pdbx_stereochemistry_target_values       'Engh & Huber' 
_refine.pdbx_stereochem_target_val_spec_case     ? 
_refine.pdbx_R_Free_selection_details            RANDOM 
_refine.pdbx_overall_ESU_R_Free                  ? 
_refine.overall_SU_B                             ? 
_refine.ls_redundancy_reflns_obs                 ? 
_refine.B_iso_min                                ? 
_refine.B_iso_max                                ? 
_refine.overall_SU_ML                            ? 
_refine.pdbx_overall_ESU_R                       ? 
_refine.pdbx_data_cutoff_high_rms_absF           ? 
_refine.correlation_coeff_Fo_to_Fc               ? 
_refine.correlation_coeff_Fo_to_Fc_free          ? 
_refine.pdbx_solvent_vdw_probe_radii             ? 
_refine.pdbx_solvent_ion_probe_radii             ? 
_refine.pdbx_solvent_shrinkage_radii             ? 
_refine.overall_SU_R_Cruickshank_DPI             ? 
_refine.overall_SU_R_free                        ? 
_refine.pdbx_refine_id                           'X-RAY DIFFRACTION' 
_refine.pdbx_overall_phase_error                 ? 
_refine.ls_wR_factor_R_free                      ? 
_refine.ls_wR_factor_R_work                      ? 
_refine.overall_FOM_free_R_set                   ? 
_refine.overall_FOM_work_R_set                   ? 
_refine.pdbx_diffrn_id                           1 
_refine.pdbx_TLS_residual_ADP_flag               ? 
_refine.pdbx_overall_SU_R_free_Cruickshank_DPI   ? 
_refine.pdbx_overall_SU_R_Blow_DPI               ? 
_refine.pdbx_overall_SU_R_free_Blow_DPI          ? 
# 
_refine_hist.pdbx_refine_id                   'X-RAY DIFFRACTION' 
_refine_hist.cycle_id                         LAST 
_refine_hist.pdbx_number_atoms_protein        660 
_refine_hist.pdbx_number_atoms_nucleic_acid   0 
_refine_hist.pdbx_number_atoms_ligand         42 
_refine_hist.number_atoms_solvent             37 
_refine_hist.number_atoms_total               739 
_refine_hist.d_res_high                       1.90 
_refine_hist.d_res_low                        25.0 
# 
loop_
_refine_ls_restr.type 
_refine_ls_restr.dev_ideal 
_refine_ls_restr.dev_ideal_target 
_refine_ls_restr.weight 
_refine_ls_restr.number 
_refine_ls_restr.pdbx_refine_id 
_refine_ls_restr.pdbx_restraint_function 
p_bond_d            0.016  0.020  ? ? 'X-RAY DIFFRACTION' ? 
p_angle_d           0.015  0.020  ? ? 'X-RAY DIFFRACTION' ? 
p_planar_d          0.018  0.030  ? ? 'X-RAY DIFFRACTION' ? 
p_hb_or_metal_coord ?      ?      ? ? 'X-RAY DIFFRACTION' ? 
p_plane_restr       ?      0.020  ? ? 'X-RAY DIFFRACTION' ? 
p_chiral_restr      0.158  0.150  ? ? 'X-RAY DIFFRACTION' ? 
p_singtor_nbd       0.150  0.300  ? ? 'X-RAY DIFFRACTION' ? 
p_multtor_nbd       0.175  0.300  ? ? 'X-RAY DIFFRACTION' ? 
p_xhyhbond_nbd      ?      ?      ? ? 'X-RAY DIFFRACTION' ? 
p_xyhbond_nbd       ?      ?      ? ? 'X-RAY DIFFRACTION' ? 
p_special_tor       0.000  15.000 ? ? 'X-RAY DIFFRACTION' ? 
p_planar_tor        4.800  7.000  ? ? 'X-RAY DIFFRACTION' ? 
p_staggered_tor     14.600 15.000 ? ? 'X-RAY DIFFRACTION' ? 
p_orthonormal_tor   ?      ?      ? ? 'X-RAY DIFFRACTION' ? 
p_transverse_tor    26.300 20.000 ? ? 'X-RAY DIFFRACTION' ? 
p_mcbond_it         1.763  2.000  ? ? 'X-RAY DIFFRACTION' ? 
p_mcangle_it        2.667  3.000  ? ? 'X-RAY DIFFRACTION' ? 
p_scbond_it         2.736  3.000  ? ? 'X-RAY DIFFRACTION' ? 
p_scangle_it        4.220  4.000  ? ? 'X-RAY DIFFRACTION' ? 
# 
_struct.entry_id                  1ENM 
_struct.title                     
;UDA TRISACCHARIDE COMPLEX. CRYSTAL STRUCTURE OF URTICA DIOICA AGGLUTININ, A SUPERANTIGEN PRESENTED BY MHC MOLECULES OF CLASS I AND CLASS II
;
_struct.pdbx_model_details        ? 
_struct.pdbx_CASP_flag            ? 
_struct.pdbx_model_type_details   ? 
# 
_struct_keywords.entry_id        1ENM 
_struct_keywords.pdbx_keywords   'SUGAR BINDING PROTEIN' 
_struct_keywords.text            'LECTIN, HEVEIN DOMAIN, UDA, SUPERANTIGEN, SACCHARIDE BINDING, SUGAR BINDING PROTEIN' 
# 
loop_
_struct_asym.id 
_struct_asym.pdbx_blank_PDB_chainid_flag 
_struct_asym.pdbx_modified 
_struct_asym.entity_id 
_struct_asym.details 
A N N 1 ? 
B N N 2 ? 
C N N 3 ? 
# 
_struct_ref.id                         1 
_struct_ref.db_code                    AAD03614 
_struct_ref.db_name                    GB 
_struct_ref.entity_id                  1 
_struct_ref.pdbx_db_accession          4138900 
_struct_ref.pdbx_align_begin           24 
_struct_ref.pdbx_seq_one_letter_code   
;QRCGSQGGGGTCPALWCCSIWGWCGDSEPYCGRTCENKCWSGERSDHRCGAAVGNPPCGQDRCCSVHGWCGGGNDYCSGS
KCQYRCSSS
;
_struct_ref.pdbx_db_isoform            ? 
# 
_struct_ref_seq.align_id                      1 
_struct_ref_seq.ref_id                        1 
_struct_ref_seq.pdbx_PDB_id_code              1ENM 
_struct_ref_seq.pdbx_strand_id                A 
_struct_ref_seq.seq_align_beg                 1 
_struct_ref_seq.pdbx_seq_align_beg_ins_code   ? 
_struct_ref_seq.seq_align_end                 89 
_struct_ref_seq.pdbx_seq_align_end_ins_code   ? 
_struct_ref_seq.pdbx_db_accession             4138900 
_struct_ref_seq.db_align_beg                  24 
_struct_ref_seq.pdbx_db_align_beg_ins_code    ? 
_struct_ref_seq.db_align_end                  112 
_struct_ref_seq.pdbx_db_align_end_ins_code    ? 
_struct_ref_seq.pdbx_auth_seq_align_beg       1 
_struct_ref_seq.pdbx_auth_seq_align_end       89 
# 
loop_
_struct_ref_seq_dif.align_id 
_struct_ref_seq_dif.pdbx_pdb_id_code 
_struct_ref_seq_dif.mon_id 
_struct_ref_seq_dif.pdbx_pdb_strand_id 
_struct_ref_seq_dif.seq_num 
_struct_ref_seq_dif.pdbx_pdb_ins_code 
_struct_ref_seq_dif.pdbx_seq_db_name 
_struct_ref_seq_dif.pdbx_seq_db_accession_code 
_struct_ref_seq_dif.db_mon_id 
_struct_ref_seq_dif.pdbx_seq_db_seq_num 
_struct_ref_seq_dif.details 
_struct_ref_seq_dif.pdbx_auth_seq_num 
_struct_ref_seq_dif.pdbx_ordinal 
1 1ENM SER A 10 ? GB 4138900 GLY 33  microheterogeneity 10 1 
1 1ENM GLY A 14 ? GB 4138900 ALA 37  microheterogeneity 14 2 
1 1ENM ARG A 16 ? GB 4138900 TRP 39  microheterogeneity 16 3 
1 1ENM GLY A 80 ? GB 4138900 SER 103 microheterogeneity 80 4 
1 1ENM ASN A 81 ? GB 4138900 LYS 104 microheterogeneity 81 5 
# 
_pdbx_struct_assembly.id                   1 
_pdbx_struct_assembly.details              author_defined_assembly 
_pdbx_struct_assembly.method_details       ? 
_pdbx_struct_assembly.oligomeric_details   monomeric 
_pdbx_struct_assembly.oligomeric_count     1 
# 
_pdbx_struct_assembly_gen.assembly_id       1 
_pdbx_struct_assembly_gen.oper_expression   1 
_pdbx_struct_assembly_gen.asym_id_list      A,B,C 
# 
_pdbx_struct_oper_list.id                   1 
_pdbx_struct_oper_list.type                 'identity operation' 
_pdbx_struct_oper_list.name                 1_555 
_pdbx_struct_oper_list.symmetry_operation   x,y,z 
_pdbx_struct_oper_list.matrix[1][1]         1.0000000000 
_pdbx_struct_oper_list.matrix[1][2]         0.0000000000 
_pdbx_struct_oper_list.matrix[1][3]         0.0000000000 
_pdbx_struct_oper_list.vector[1]            0.0000000000 
_pdbx_struct_oper_list.matrix[2][1]         0.0000000000 
_pdbx_struct_oper_list.matrix[2][2]         1.0000000000 
_pdbx_struct_oper_list.matrix[2][3]         0.0000000000 
_pdbx_struct_oper_list.vector[2]            0.0000000000 
_pdbx_struct_oper_list.matrix[3][1]         0.0000000000 
_pdbx_struct_oper_list.matrix[3][2]         0.0000000000 
_pdbx_struct_oper_list.matrix[3][3]         1.0000000000 
_pdbx_struct_oper_list.vector[3]            0.0000000000 
# 
_struct_biol.id                    1 
_struct_biol.pdbx_parent_biol_id   ? 
_struct_biol.details               ? 
# 
loop_
_struct_conf.conf_type_id 
_struct_conf.id 
_struct_conf.pdbx_PDB_helix_id 
_struct_conf.beg_label_comp_id 
_struct_conf.beg_label_asym_id 
_struct_conf.beg_label_seq_id 
_struct_conf.pdbx_beg_PDB_ins_code 
_struct_conf.end_label_comp_id 
_struct_conf.end_label_asym_id 
_struct_conf.end_label_seq_id 
_struct_conf.pdbx_end_PDB_ins_code 
_struct_conf.beg_auth_comp_id 
_struct_conf.beg_auth_asym_id 
_struct_conf.beg_auth_seq_id 
_struct_conf.end_auth_comp_id 
_struct_conf.end_auth_asym_id 
_struct_conf.end_auth_seq_id 
_struct_conf.pdbx_PDB_helix_class 
_struct_conf.details 
_struct_conf.pdbx_PDB_helix_length 
HELX_P HELX_P1 1 CYS A 3  ? GLY A 8  ? CYS A 3  GLY A 8  1 ? 6 
HELX_P HELX_P2 2 CYS A 12 ? ARG A 16 ? CYS A 12 ARG A 16 5 ? 5 
HELX_P HELX_P3 3 SER A 27 ? GLY A 32 ? SER A 27 GLY A 32 1 ? 6 
HELX_P HELX_P4 4 CYS A 39 ? GLU A 43 ? CYS A 39 GLU A 43 5 ? 5 
HELX_P HELX_P5 5 GLY A 50 ? GLY A 54 ? GLY A 50 GLY A 54 5 ? 5 
HELX_P HELX_P6 6 GLY A 73 ? SER A 78 ? GLY A 73 SER A 78 1 ? 6 
# 
_struct_conf_type.id          HELX_P 
_struct_conf_type.criteria    ? 
_struct_conf_type.reference   ? 
# 
loop_
_struct_conn.id 
_struct_conn.conn_type_id 
_struct_conn.pdbx_leaving_atom_flag 
_struct_conn.pdbx_PDB_id 
_struct_conn.ptnr1_label_asym_id 
_struct_conn.ptnr1_label_comp_id 
_struct_conn.ptnr1_label_seq_id 
_struct_conn.ptnr1_label_atom_id 
_struct_conn.pdbx_ptnr1_label_alt_id 
_struct_conn.pdbx_ptnr1_PDB_ins_code 
_struct_conn.pdbx_ptnr1_standard_comp_id 
_struct_conn.ptnr1_symmetry 
_struct_conn.ptnr2_label_asym_id 
_struct_conn.ptnr2_label_comp_id 
_struct_conn.ptnr2_label_seq_id 
_struct_conn.ptnr2_label_atom_id 
_struct_conn.pdbx_ptnr2_label_alt_id 
_struct_conn.pdbx_ptnr2_PDB_ins_code 
_struct_conn.ptnr1_auth_asym_id 
_struct_conn.ptnr1_auth_comp_id 
_struct_conn.ptnr1_auth_seq_id 
_struct_conn.ptnr2_auth_asym_id 
_struct_conn.ptnr2_auth_comp_id 
_struct_conn.ptnr2_auth_seq_id 
_struct_conn.ptnr2_symmetry 
_struct_conn.pdbx_ptnr3_label_atom_id 
_struct_conn.pdbx_ptnr3_label_seq_id 
_struct_conn.pdbx_ptnr3_label_comp_id 
_struct_conn.pdbx_ptnr3_label_asym_id 
_struct_conn.pdbx_ptnr3_label_alt_id 
_struct_conn.pdbx_ptnr3_PDB_ins_code 
_struct_conn.details 
_struct_conn.pdbx_dist_value 
_struct_conn.pdbx_value_order 
_struct_conn.pdbx_role 
disulf1 disulf ?    ? A CYS 3  SG ? ? ? 1_555 A CYS 18 SG ? ? A CYS 3  A CYS 18 1_555 ? ? ? ? ? ? ? 2.045 ? ? 
disulf2 disulf ?    ? A CYS 12 SG ? ? ? 1_555 A CYS 24 SG ? ? A CYS 12 A CYS 24 1_555 ? ? ? ? ? ? ? 2.048 ? ? 
disulf3 disulf ?    ? A CYS 17 SG ? ? ? 1_555 A CYS 31 SG ? ? A CYS 17 A CYS 31 1_555 ? ? ? ? ? ? ? 2.006 ? ? 
disulf4 disulf ?    ? A CYS 35 SG ? ? ? 1_555 A CYS 39 SG ? ? A CYS 35 A CYS 39 1_555 ? ? ? ? ? ? ? 2.070 ? ? 
disulf5 disulf ?    ? A CYS 49 SG ? ? ? 1_555 A CYS 64 SG ? ? A CYS 49 A CYS 64 1_555 ? ? ? ? ? ? ? 2.061 ? ? 
disulf6 disulf ?    ? A CYS 58 SG ? ? ? 1_555 A CYS 70 SG ? ? A CYS 58 A CYS 70 1_555 ? ? ? ? ? ? ? 2.053 ? ? 
disulf7 disulf ?    ? A CYS 63 SG ? ? ? 1_555 A CYS 77 SG ? ? A CYS 63 A CYS 77 1_555 ? ? ? ? ? ? ? 1.981 ? ? 
disulf8 disulf ?    ? A CYS 82 SG ? ? ? 1_555 A CYS 86 SG ? ? A CYS 82 A CYS 86 1_555 ? ? ? ? ? ? ? 2.070 ? ? 
covale1 covale both ? A PCA 1  C  ? ? ? 1_555 A ARG 2  N  ? ? A PCA 1  A ARG 2  1_555 ? ? ? ? ? ? ? 1.313 ? ? 
covale2 covale both ? B NAG .  O4 ? ? ? 1_555 B NAG .  C1 ? ? B NAG 1  B NAG 2  1_555 ? ? ? ? ? ? ? 1.447 ? ? 
covale3 covale both ? B NAG .  O4 ? ? ? 1_555 B NAG .  C1 ? ? B NAG 2  B NAG 3  1_555 ? ? ? ? ? ? ? 1.457 ? ? 
# 
loop_
_struct_conn_type.id 
_struct_conn_type.criteria 
_struct_conn_type.reference 
disulf ? ? 
covale ? ? 
# 
loop_
_pdbx_modification_feature.ordinal 
_pdbx_modification_feature.label_comp_id 
_pdbx_modification_feature.label_asym_id 
_pdbx_modification_feature.label_seq_id 
_pdbx_modification_feature.label_alt_id 
_pdbx_modification_feature.modified_residue_label_comp_id 
_pdbx_modification_feature.modified_residue_label_asym_id 
_pdbx_modification_feature.modified_residue_label_seq_id 
_pdbx_modification_feature.modified_residue_label_alt_id 
_pdbx_modification_feature.auth_comp_id 
_pdbx_modification_feature.auth_asym_id 
_pdbx_modification_feature.auth_seq_id 
_pdbx_modification_feature.PDB_ins_code 
_pdbx_modification_feature.symmetry 
_pdbx_modification_feature.modified_residue_auth_comp_id 
_pdbx_modification_feature.modified_residue_auth_asym_id 
_pdbx_modification_feature.modified_residue_auth_seq_id 
_pdbx_modification_feature.modified_residue_PDB_ins_code 
_pdbx_modification_feature.modified_residue_symmetry 
_pdbx_modification_feature.comp_id_linking_atom 
_pdbx_modification_feature.modified_residue_id_linking_atom 
_pdbx_modification_feature.modified_residue_id 
_pdbx_modification_feature.ref_pcm_id 
_pdbx_modification_feature.ref_comp_id 
_pdbx_modification_feature.type 
_pdbx_modification_feature.category 
1 PCA A 1  ? .   . .  . PCA A 1  ? 1_555 .   . .  . .     .  .  GLN 1 PCA 'Pyrrolidone carboxylic acid' 
'Named protein modification' 
2 CYS A 3  ? CYS A 18 ? CYS A 3  ? 1_555 CYS A 18 ? 1_555 SG SG .   . .   None                          'Disulfide bridge' 
3 CYS A 12 ? CYS A 24 ? CYS A 12 ? 1_555 CYS A 24 ? 1_555 SG SG .   . .   None                          'Disulfide bridge' 
4 CYS A 17 ? CYS A 31 ? CYS A 17 ? 1_555 CYS A 31 ? 1_555 SG SG .   . .   None                          'Disulfide bridge' 
5 CYS A 35 ? CYS A 39 ? CYS A 35 ? 1_555 CYS A 39 ? 1_555 SG SG .   . .   None                          'Disulfide bridge' 
6 CYS A 49 ? CYS A 64 ? CYS A 49 ? 1_555 CYS A 64 ? 1_555 SG SG .   . .   None                          'Disulfide bridge' 
7 CYS A 58 ? CYS A 70 ? CYS A 58 ? 1_555 CYS A 70 ? 1_555 SG SG .   . .   None                          'Disulfide bridge' 
8 CYS A 63 ? CYS A 77 ? CYS A 63 ? 1_555 CYS A 77 ? 1_555 SG SG .   . .   None                          'Disulfide bridge' 
9 CYS A 82 ? CYS A 86 ? CYS A 82 ? 1_555 CYS A 86 ? 1_555 SG SG .   . .   None                          'Disulfide bridge' 
# 
loop_
_struct_sheet.id 
_struct_sheet.type 
_struct_sheet.number_strands 
_struct_sheet.details 
A ? 3 ? 
B ? 3 ? 
# 
loop_
_struct_sheet_order.sheet_id 
_struct_sheet_order.range_id_1 
_struct_sheet_order.range_id_2 
_struct_sheet_order.offset 
_struct_sheet_order.sense 
A 1 2 ? anti-parallel 
A 2 3 ? anti-parallel 
B 1 2 ? anti-parallel 
B 2 3 ? anti-parallel 
# 
loop_
_struct_sheet_range.sheet_id 
_struct_sheet_range.id 
_struct_sheet_range.beg_label_comp_id 
_struct_sheet_range.beg_label_asym_id 
_struct_sheet_range.beg_label_seq_id 
_struct_sheet_range.pdbx_beg_PDB_ins_code 
_struct_sheet_range.end_label_comp_id 
_struct_sheet_range.end_label_asym_id 
_struct_sheet_range.end_label_seq_id 
_struct_sheet_range.pdbx_end_PDB_ins_code 
_struct_sheet_range.beg_auth_comp_id 
_struct_sheet_range.beg_auth_asym_id 
_struct_sheet_range.beg_auth_seq_id 
_struct_sheet_range.end_auth_comp_id 
_struct_sheet_range.end_auth_asym_id 
_struct_sheet_range.end_auth_seq_id 
A 1 CYS A 24 ? GLY A 25 ? CYS A 24 GLY A 25 
A 2 CYS A 17 ? SER A 19 ? CYS A 17 SER A 19 
A 3 CYS A 35 ? ASN A 37 ? CYS A 35 ASN A 37 
B 1 CYS A 70 ? GLY A 71 ? CYS A 70 GLY A 71 
B 2 CYS A 63 ? SER A 65 ? CYS A 63 SER A 65 
B 3 CYS A 82 ? TYR A 84 ? CYS A 82 TYR A 84 
# 
loop_
_pdbx_struct_sheet_hbond.sheet_id 
_pdbx_struct_sheet_hbond.range_id_1 
_pdbx_struct_sheet_hbond.range_id_2 
_pdbx_struct_sheet_hbond.range_1_label_atom_id 
_pdbx_struct_sheet_hbond.range_1_label_comp_id 
_pdbx_struct_sheet_hbond.range_1_label_asym_id 
_pdbx_struct_sheet_hbond.range_1_label_seq_id 
_pdbx_struct_sheet_hbond.range_1_PDB_ins_code 
_pdbx_struct_sheet_hbond.range_1_auth_atom_id 
_pdbx_struct_sheet_hbond.range_1_auth_comp_id 
_pdbx_struct_sheet_hbond.range_1_auth_asym_id 
_pdbx_struct_sheet_hbond.range_1_auth_seq_id 
_pdbx_struct_sheet_hbond.range_2_label_atom_id 
_pdbx_struct_sheet_hbond.range_2_label_comp_id 
_pdbx_struct_sheet_hbond.range_2_label_asym_id 
_pdbx_struct_sheet_hbond.range_2_label_seq_id 
_pdbx_struct_sheet_hbond.range_2_PDB_ins_code 
_pdbx_struct_sheet_hbond.range_2_auth_atom_id 
_pdbx_struct_sheet_hbond.range_2_auth_comp_id 
_pdbx_struct_sheet_hbond.range_2_auth_asym_id 
_pdbx_struct_sheet_hbond.range_2_auth_seq_id 
A 1 2 N GLY A 25 ? N GLY A 25 O CYS A 17 ? O CYS A 17 
A 2 3 O CYS A 18 ? O CYS A 18 N GLU A 36 ? N GLU A 36 
B 1 2 O GLY A 71 ? O GLY A 71 N CYS A 63 ? N CYS A 63 
B 2 3 O CYS A 64 ? O CYS A 64 N GLN A 83 ? N GLN A 83 
# 
_pdbx_entry_details.entry_id                   1ENM 
_pdbx_entry_details.compound_details           
;The structure comprises two hevein-like domains,
each containing a distinct saccharide-binding site.
The two binding sites are located at opposite
extremities of the molecule.  The principal
binding-site residues are SER 19, TRP 21, TRP 23,
and TYR 30 on the first domain, and the homologous
residues SER 65, HIS 67, TRP 69, and TYR 76 on the
second domain.

The crystallographic asymmetric unit contains one
molecule of UDA and a single trisaccharide ligand.
The ligand interacts simultaneously with the
binding site on the N-terminal domain of one
molecule and that of the C-terminal domain of
a symmetry-related molecule.
;
_pdbx_entry_details.source_details             ? 
_pdbx_entry_details.nonpolymer_details         ? 
_pdbx_entry_details.sequence_details           ? 
_pdbx_entry_details.has_ligand_of_interest     ? 
_pdbx_entry_details.has_protein_modification   Y 
# 
loop_
_pdbx_validate_rmsd_bond.id 
_pdbx_validate_rmsd_bond.PDB_model_num 
_pdbx_validate_rmsd_bond.auth_atom_id_1 
_pdbx_validate_rmsd_bond.auth_asym_id_1 
_pdbx_validate_rmsd_bond.auth_comp_id_1 
_pdbx_validate_rmsd_bond.auth_seq_id_1 
_pdbx_validate_rmsd_bond.PDB_ins_code_1 
_pdbx_validate_rmsd_bond.label_alt_id_1 
_pdbx_validate_rmsd_bond.auth_atom_id_2 
_pdbx_validate_rmsd_bond.auth_asym_id_2 
_pdbx_validate_rmsd_bond.auth_comp_id_2 
_pdbx_validate_rmsd_bond.auth_seq_id_2 
_pdbx_validate_rmsd_bond.PDB_ins_code_2 
_pdbx_validate_rmsd_bond.label_alt_id_2 
_pdbx_validate_rmsd_bond.bond_value 
_pdbx_validate_rmsd_bond.bond_target_value 
_pdbx_validate_rmsd_bond.bond_deviation 
_pdbx_validate_rmsd_bond.bond_standard_deviation 
_pdbx_validate_rmsd_bond.linker_flag 
1 1 C A GLY 79 ? A N A GLY 80 ? A 1.183 1.336 -0.153 0.023 Y 
2 1 C A GLY 79 ? B N A SER 80 ? B 0.735 1.336 -0.601 0.023 Y 
# 
loop_
_pdbx_validate_rmsd_angle.id 
_pdbx_validate_rmsd_angle.PDB_model_num 
_pdbx_validate_rmsd_angle.auth_atom_id_1 
_pdbx_validate_rmsd_angle.auth_asym_id_1 
_pdbx_validate_rmsd_angle.auth_comp_id_1 
_pdbx_validate_rmsd_angle.auth_seq_id_1 
_pdbx_validate_rmsd_angle.PDB_ins_code_1 
_pdbx_validate_rmsd_angle.label_alt_id_1 
_pdbx_validate_rmsd_angle.auth_atom_id_2 
_pdbx_validate_rmsd_angle.auth_asym_id_2 
_pdbx_validate_rmsd_angle.auth_comp_id_2 
_pdbx_validate_rmsd_angle.auth_seq_id_2 
_pdbx_validate_rmsd_angle.PDB_ins_code_2 
_pdbx_validate_rmsd_angle.label_alt_id_2 
_pdbx_validate_rmsd_angle.auth_atom_id_3 
_pdbx_validate_rmsd_angle.auth_asym_id_3 
_pdbx_validate_rmsd_angle.auth_comp_id_3 
_pdbx_validate_rmsd_angle.auth_seq_id_3 
_pdbx_validate_rmsd_angle.PDB_ins_code_3 
_pdbx_validate_rmsd_angle.label_alt_id_3 
_pdbx_validate_rmsd_angle.angle_value 
_pdbx_validate_rmsd_angle.angle_target_value 
_pdbx_validate_rmsd_angle.angle_deviation 
_pdbx_validate_rmsd_angle.angle_standard_deviation 
_pdbx_validate_rmsd_angle.linker_flag 
1 1 CG A ARG 16 ? A CD A ARG 16 ? A NE A ARG 16 ? A 127.44 111.80 15.64  2.10 N 
2 1 CD A ARG 16 ? A NE A ARG 16 ? A CZ A ARG 16 ? A 140.47 123.60 16.87  1.40 N 
3 1 CA A GLY 79 ? A C  A GLY 79 ? A N  A GLY 80 ? A 144.77 116.20 28.57  2.00 Y 
4 1 O  A GLY 79 ? A C  A GLY 79 ? A N  A GLY 80 ? A 92.29  123.20 -30.91 1.70 Y 
5 1 C  A GLY 79 ? A N  A GLY 80 ? A CA A GLY 80 ? A 158.98 122.30 36.68  2.10 Y 
6 1 CA A GLY 79 ? B C  A GLY 79 ? B N  A SER 80 ? B 137.41 117.20 20.21  2.20 Y 
7 1 O  A GLY 79 ? B C  A GLY 79 ? B N  A SER 80 ? B 100.22 122.70 -22.48 1.60 Y 
8 1 C  A GLY 79 ? B N  A SER 80 ? B CA A SER 80 ? B 159.82 121.70 38.12  2.50 Y 
# 
_pdbx_validate_torsion.id              1 
_pdbx_validate_torsion.PDB_model_num   1 
_pdbx_validate_torsion.auth_comp_id    SER 
_pdbx_validate_torsion.auth_asym_id    A 
_pdbx_validate_torsion.auth_seq_id     80 
_pdbx_validate_torsion.PDB_ins_code    ? 
_pdbx_validate_torsion.label_alt_id    B 
_pdbx_validate_torsion.phi             48.66 
_pdbx_validate_torsion.psi             -27.99 
# 
_pdbx_validate_peptide_omega.id               1 
_pdbx_validate_peptide_omega.PDB_model_num    1 
_pdbx_validate_peptide_omega.auth_comp_id_1   GLY 
_pdbx_validate_peptide_omega.auth_asym_id_1   A 
_pdbx_validate_peptide_omega.auth_seq_id_1    79 
_pdbx_validate_peptide_omega.PDB_ins_code_1   ? 
_pdbx_validate_peptide_omega.label_alt_id_1   A 
_pdbx_validate_peptide_omega.auth_comp_id_2   GLY 
_pdbx_validate_peptide_omega.auth_asym_id_2   A 
_pdbx_validate_peptide_omega.auth_seq_id_2    80 
_pdbx_validate_peptide_omega.PDB_ins_code_2   ? 
_pdbx_validate_peptide_omega.label_alt_id_2   A 
_pdbx_validate_peptide_omega.omega            139.96 
# 
loop_
_pdbx_validate_main_chain_plane.id 
_pdbx_validate_main_chain_plane.PDB_model_num 
_pdbx_validate_main_chain_plane.auth_comp_id 
_pdbx_validate_main_chain_plane.auth_asym_id 
_pdbx_validate_main_chain_plane.auth_seq_id 
_pdbx_validate_main_chain_plane.PDB_ins_code 
_pdbx_validate_main_chain_plane.label_alt_id 
_pdbx_validate_main_chain_plane.improper_torsion_angle 
1 1 GLY A 79 ? A 15.56 
2 1 LYS A 81 ? B 11.49 
# 
loop_
_pdbx_validate_polymer_linkage.id 
_pdbx_validate_polymer_linkage.PDB_model_num 
_pdbx_validate_polymer_linkage.auth_atom_id_1 
_pdbx_validate_polymer_linkage.auth_asym_id_1 
_pdbx_validate_polymer_linkage.auth_comp_id_1 
_pdbx_validate_polymer_linkage.auth_seq_id_1 
_pdbx_validate_polymer_linkage.PDB_ins_code_1 
_pdbx_validate_polymer_linkage.label_alt_id_1 
_pdbx_validate_polymer_linkage.auth_atom_id_2 
_pdbx_validate_polymer_linkage.auth_asym_id_2 
_pdbx_validate_polymer_linkage.auth_comp_id_2 
_pdbx_validate_polymer_linkage.auth_seq_id_2 
_pdbx_validate_polymer_linkage.PDB_ins_code_2 
_pdbx_validate_polymer_linkage.label_alt_id_2 
_pdbx_validate_polymer_linkage.dist 
1 1 C A GLY 79 ? A N A GLY 80 ? A 1.18 
2 1 C A GLY 79 ? B N A SER 80 ? B 0.74 
# 
_pdbx_molecule_features.prd_id    PRD_900017 
_pdbx_molecule_features.name      triacetyl-beta-chitotriose 
_pdbx_molecule_features.type      Oligosaccharide 
_pdbx_molecule_features.class     Inhibitor 
_pdbx_molecule_features.details   oligosaccharide 
# 
_pdbx_molecule.instance_id   1 
_pdbx_molecule.prd_id        PRD_900017 
_pdbx_molecule.asym_id       B 
# 
_pdbx_struct_mod_residue.id               1 
_pdbx_struct_mod_residue.label_asym_id    A 
_pdbx_struct_mod_residue.label_comp_id    PCA 
_pdbx_struct_mod_residue.label_seq_id     1 
_pdbx_struct_mod_residue.auth_asym_id     A 
_pdbx_struct_mod_residue.auth_comp_id     PCA 
_pdbx_struct_mod_residue.auth_seq_id      1 
_pdbx_struct_mod_residue.PDB_ins_code     ? 
_pdbx_struct_mod_residue.parent_comp_id   GLN 
_pdbx_struct_mod_residue.details          'PYROGLUTAMIC ACID' 
# 
loop_
_pdbx_unobs_or_zero_occ_residues.id 
_pdbx_unobs_or_zero_occ_residues.PDB_model_num 
_pdbx_unobs_or_zero_occ_residues.polymer_flag 
_pdbx_unobs_or_zero_occ_residues.occupancy_flag 
_pdbx_unobs_or_zero_occ_residues.auth_asym_id 
_pdbx_unobs_or_zero_occ_residues.auth_comp_id 
_pdbx_unobs_or_zero_occ_residues.auth_seq_id 
_pdbx_unobs_or_zero_occ_residues.PDB_ins_code 
_pdbx_unobs_or_zero_occ_residues.label_asym_id 
_pdbx_unobs_or_zero_occ_residues.label_comp_id 
_pdbx_unobs_or_zero_occ_residues.label_seq_id 
1 1 Y 1 A SER 87 ? A SER 87 
2 1 Y 1 A SER 88 ? A SER 88 
3 1 Y 1 A SER 89 ? A SER 89 
# 
loop_
_chem_comp_atom.comp_id 
_chem_comp_atom.atom_id 
_chem_comp_atom.type_symbol 
_chem_comp_atom.pdbx_aromatic_flag 
_chem_comp_atom.pdbx_stereo_config 
_chem_comp_atom.pdbx_ordinal 
ALA N    N N N 1   
ALA CA   C N S 2   
ALA C    C N N 3   
ALA O    O N N 4   
ALA CB   C N N 5   
ALA OXT  O N N 6   
ALA H    H N N 7   
ALA H2   H N N 8   
ALA HA   H N N 9   
ALA HB1  H N N 10  
ALA HB2  H N N 11  
ALA HB3  H N N 12  
ALA HXT  H N N 13  
ARG N    N N N 14  
ARG CA   C N S 15  
ARG C    C N N 16  
ARG O    O N N 17  
ARG CB   C N N 18  
ARG CG   C N N 19  
ARG CD   C N N 20  
ARG NE   N N N 21  
ARG CZ   C N N 22  
ARG NH1  N N N 23  
ARG NH2  N N N 24  
ARG OXT  O N N 25  
ARG H    H N N 26  
ARG H2   H N N 27  
ARG HA   H N N 28  
ARG HB2  H N N 29  
ARG HB3  H N N 30  
ARG HG2  H N N 31  
ARG HG3  H N N 32  
ARG HD2  H N N 33  
ARG HD3  H N N 34  
ARG HE   H N N 35  
ARG HH11 H N N 36  
ARG HH12 H N N 37  
ARG HH21 H N N 38  
ARG HH22 H N N 39  
ARG HXT  H N N 40  
ASN N    N N N 41  
ASN CA   C N S 42  
ASN C    C N N 43  
ASN O    O N N 44  
ASN CB   C N N 45  
ASN CG   C N N 46  
ASN OD1  O N N 47  
ASN ND2  N N N 48  
ASN OXT  O N N 49  
ASN H    H N N 50  
ASN H2   H N N 51  
ASN HA   H N N 52  
ASN HB2  H N N 53  
ASN HB3  H N N 54  
ASN HD21 H N N 55  
ASN HD22 H N N 56  
ASN HXT  H N N 57  
ASP N    N N N 58  
ASP CA   C N S 59  
ASP C    C N N 60  
ASP O    O N N 61  
ASP CB   C N N 62  
ASP CG   C N N 63  
ASP OD1  O N N 64  
ASP OD2  O N N 65  
ASP OXT  O N N 66  
ASP H    H N N 67  
ASP H2   H N N 68  
ASP HA   H N N 69  
ASP HB2  H N N 70  
ASP HB3  H N N 71  
ASP HD2  H N N 72  
ASP HXT  H N N 73  
CYS N    N N N 74  
CYS CA   C N R 75  
CYS C    C N N 76  
CYS O    O N N 77  
CYS CB   C N N 78  
CYS SG   S N N 79  
CYS OXT  O N N 80  
CYS H    H N N 81  
CYS H2   H N N 82  
CYS HA   H N N 83  
CYS HB2  H N N 84  
CYS HB3  H N N 85  
CYS HG   H N N 86  
CYS HXT  H N N 87  
GLN N    N N N 88  
GLN CA   C N S 89  
GLN C    C N N 90  
GLN O    O N N 91  
GLN CB   C N N 92  
GLN CG   C N N 93  
GLN CD   C N N 94  
GLN OE1  O N N 95  
GLN NE2  N N N 96  
GLN OXT  O N N 97  
GLN H    H N N 98  
GLN H2   H N N 99  
GLN HA   H N N 100 
GLN HB2  H N N 101 
GLN HB3  H N N 102 
GLN HG2  H N N 103 
GLN HG3  H N N 104 
GLN HE21 H N N 105 
GLN HE22 H N N 106 
GLN HXT  H N N 107 
GLU N    N N N 108 
GLU CA   C N S 109 
GLU C    C N N 110 
GLU O    O N N 111 
GLU CB   C N N 112 
GLU CG   C N N 113 
GLU CD   C N N 114 
GLU OE1  O N N 115 
GLU OE2  O N N 116 
GLU OXT  O N N 117 
GLU H    H N N 118 
GLU H2   H N N 119 
GLU HA   H N N 120 
GLU HB2  H N N 121 
GLU HB3  H N N 122 
GLU HG2  H N N 123 
GLU HG3  H N N 124 
GLU HE2  H N N 125 
GLU HXT  H N N 126 
GLY N    N N N 127 
GLY CA   C N N 128 
GLY C    C N N 129 
GLY O    O N N 130 
GLY OXT  O N N 131 
GLY H    H N N 132 
GLY H2   H N N 133 
GLY HA2  H N N 134 
GLY HA3  H N N 135 
GLY HXT  H N N 136 
HIS N    N N N 137 
HIS CA   C N S 138 
HIS C    C N N 139 
HIS O    O N N 140 
HIS CB   C N N 141 
HIS CG   C Y N 142 
HIS ND1  N Y N 143 
HIS CD2  C Y N 144 
HIS CE1  C Y N 145 
HIS NE2  N Y N 146 
HIS OXT  O N N 147 
HIS H    H N N 148 
HIS H2   H N N 149 
HIS HA   H N N 150 
HIS HB2  H N N 151 
HIS HB3  H N N 152 
HIS HD1  H N N 153 
HIS HD2  H N N 154 
HIS HE1  H N N 155 
HIS HE2  H N N 156 
HIS HXT  H N N 157 
HOH O    O N N 158 
HOH H1   H N N 159 
HOH H2   H N N 160 
ILE N    N N N 161 
ILE CA   C N S 162 
ILE C    C N N 163 
ILE O    O N N 164 
ILE CB   C N S 165 
ILE CG1  C N N 166 
ILE CG2  C N N 167 
ILE CD1  C N N 168 
ILE OXT  O N N 169 
ILE H    H N N 170 
ILE H2   H N N 171 
ILE HA   H N N 172 
ILE HB   H N N 173 
ILE HG12 H N N 174 
ILE HG13 H N N 175 
ILE HG21 H N N 176 
ILE HG22 H N N 177 
ILE HG23 H N N 178 
ILE HD11 H N N 179 
ILE HD12 H N N 180 
ILE HD13 H N N 181 
ILE HXT  H N N 182 
LEU N    N N N 183 
LEU CA   C N S 184 
LEU C    C N N 185 
LEU O    O N N 186 
LEU CB   C N N 187 
LEU CG   C N N 188 
LEU CD1  C N N 189 
LEU CD2  C N N 190 
LEU OXT  O N N 191 
LEU H    H N N 192 
LEU H2   H N N 193 
LEU HA   H N N 194 
LEU HB2  H N N 195 
LEU HB3  H N N 196 
LEU HG   H N N 197 
LEU HD11 H N N 198 
LEU HD12 H N N 199 
LEU HD13 H N N 200 
LEU HD21 H N N 201 
LEU HD22 H N N 202 
LEU HD23 H N N 203 
LEU HXT  H N N 204 
LYS N    N N N 205 
LYS CA   C N S 206 
LYS C    C N N 207 
LYS O    O N N 208 
LYS CB   C N N 209 
LYS CG   C N N 210 
LYS CD   C N N 211 
LYS CE   C N N 212 
LYS NZ   N N N 213 
LYS OXT  O N N 214 
LYS H    H N N 215 
LYS H2   H N N 216 
LYS HA   H N N 217 
LYS HB2  H N N 218 
LYS HB3  H N N 219 
LYS HG2  H N N 220 
LYS HG3  H N N 221 
LYS HD2  H N N 222 
LYS HD3  H N N 223 
LYS HE2  H N N 224 
LYS HE3  H N N 225 
LYS HZ1  H N N 226 
LYS HZ2  H N N 227 
LYS HZ3  H N N 228 
LYS HXT  H N N 229 
NAG C1   C N R 230 
NAG C2   C N R 231 
NAG C3   C N R 232 
NAG C4   C N S 233 
NAG C5   C N R 234 
NAG C6   C N N 235 
NAG C7   C N N 236 
NAG C8   C N N 237 
NAG N2   N N N 238 
NAG O1   O N N 239 
NAG O3   O N N 240 
NAG O4   O N N 241 
NAG O5   O N N 242 
NAG O6   O N N 243 
NAG O7   O N N 244 
NAG H1   H N N 245 
NAG H2   H N N 246 
NAG H3   H N N 247 
NAG H4   H N N 248 
NAG H5   H N N 249 
NAG H61  H N N 250 
NAG H62  H N N 251 
NAG H81  H N N 252 
NAG H82  H N N 253 
NAG H83  H N N 254 
NAG HN2  H N N 255 
NAG HO1  H N N 256 
NAG HO3  H N N 257 
NAG HO4  H N N 258 
NAG HO6  H N N 259 
PCA N    N N N 260 
PCA CA   C N S 261 
PCA CB   C N N 262 
PCA CG   C N N 263 
PCA CD   C N N 264 
PCA OE   O N N 265 
PCA C    C N N 266 
PCA O    O N N 267 
PCA OXT  O N N 268 
PCA H    H N N 269 
PCA HA   H N N 270 
PCA HB2  H N N 271 
PCA HB3  H N N 272 
PCA HG2  H N N 273 
PCA HG3  H N N 274 
PCA HXT  H N N 275 
PRO N    N N N 276 
PRO CA   C N S 277 
PRO C    C N N 278 
PRO O    O N N 279 
PRO CB   C N N 280 
PRO CG   C N N 281 
PRO CD   C N N 282 
PRO OXT  O N N 283 
PRO H    H N N 284 
PRO HA   H N N 285 
PRO HB2  H N N 286 
PRO HB3  H N N 287 
PRO HG2  H N N 288 
PRO HG3  H N N 289 
PRO HD2  H N N 290 
PRO HD3  H N N 291 
PRO HXT  H N N 292 
SER N    N N N 293 
SER CA   C N S 294 
SER C    C N N 295 
SER O    O N N 296 
SER CB   C N N 297 
SER OG   O N N 298 
SER OXT  O N N 299 
SER H    H N N 300 
SER H2   H N N 301 
SER HA   H N N 302 
SER HB2  H N N 303 
SER HB3  H N N 304 
SER HG   H N N 305 
SER HXT  H N N 306 
THR N    N N N 307 
THR CA   C N S 308 
THR C    C N N 309 
THR O    O N N 310 
THR CB   C N R 311 
THR OG1  O N N 312 
THR CG2  C N N 313 
THR OXT  O N N 314 
THR H    H N N 315 
THR H2   H N N 316 
THR HA   H N N 317 
THR HB   H N N 318 
THR HG1  H N N 319 
THR HG21 H N N 320 
THR HG22 H N N 321 
THR HG23 H N N 322 
THR HXT  H N N 323 
TRP N    N N N 324 
TRP CA   C N S 325 
TRP C    C N N 326 
TRP O    O N N 327 
TRP CB   C N N 328 
TRP CG   C Y N 329 
TRP CD1  C Y N 330 
TRP CD2  C Y N 331 
TRP NE1  N Y N 332 
TRP CE2  C Y N 333 
TRP CE3  C Y N 334 
TRP CZ2  C Y N 335 
TRP CZ3  C Y N 336 
TRP CH2  C Y N 337 
TRP OXT  O N N 338 
TRP H    H N N 339 
TRP H2   H N N 340 
TRP HA   H N N 341 
TRP HB2  H N N 342 
TRP HB3  H N N 343 
TRP HD1  H N N 344 
TRP HE1  H N N 345 
TRP HE3  H N N 346 
TRP HZ2  H N N 347 
TRP HZ3  H N N 348 
TRP HH2  H N N 349 
TRP HXT  H N N 350 
TYR N    N N N 351 
TYR CA   C N S 352 
TYR C    C N N 353 
TYR O    O N N 354 
TYR CB   C N N 355 
TYR CG   C Y N 356 
TYR CD1  C Y N 357 
TYR CD2  C Y N 358 
TYR CE1  C Y N 359 
TYR CE2  C Y N 360 
TYR CZ   C Y N 361 
TYR OH   O N N 362 
TYR OXT  O N N 363 
TYR H    H N N 364 
TYR H2   H N N 365 
TYR HA   H N N 366 
TYR HB2  H N N 367 
TYR HB3  H N N 368 
TYR HD1  H N N 369 
TYR HD2  H N N 370 
TYR HE1  H N N 371 
TYR HE2  H N N 372 
TYR HH   H N N 373 
TYR HXT  H N N 374 
VAL N    N N N 375 
VAL CA   C N S 376 
VAL C    C N N 377 
VAL O    O N N 378 
VAL CB   C N N 379 
VAL CG1  C N N 380 
VAL CG2  C N N 381 
VAL OXT  O N N 382 
VAL H    H N N 383 
VAL H2   H N N 384 
VAL HA   H N N 385 
VAL HB   H N N 386 
VAL HG11 H N N 387 
VAL HG12 H N N 388 
VAL HG13 H N N 389 
VAL HG21 H N N 390 
VAL HG22 H N N 391 
VAL HG23 H N N 392 
VAL HXT  H N N 393 
# 
loop_
_chem_comp_bond.comp_id 
_chem_comp_bond.atom_id_1 
_chem_comp_bond.atom_id_2 
_chem_comp_bond.value_order 
_chem_comp_bond.pdbx_aromatic_flag 
_chem_comp_bond.pdbx_stereo_config 
_chem_comp_bond.pdbx_ordinal 
ALA N   CA   sing N N 1   
ALA N   H    sing N N 2   
ALA N   H2   sing N N 3   
ALA CA  C    sing N N 4   
ALA CA  CB   sing N N 5   
ALA CA  HA   sing N N 6   
ALA C   O    doub N N 7   
ALA C   OXT  sing N N 8   
ALA CB  HB1  sing N N 9   
ALA CB  HB2  sing N N 10  
ALA CB  HB3  sing N N 11  
ALA OXT HXT  sing N N 12  
ARG N   CA   sing N N 13  
ARG N   H    sing N N 14  
ARG N   H2   sing N N 15  
ARG CA  C    sing N N 16  
ARG CA  CB   sing N N 17  
ARG CA  HA   sing N N 18  
ARG C   O    doub N N 19  
ARG C   OXT  sing N N 20  
ARG CB  CG   sing N N 21  
ARG CB  HB2  sing N N 22  
ARG CB  HB3  sing N N 23  
ARG CG  CD   sing N N 24  
ARG CG  HG2  sing N N 25  
ARG CG  HG3  sing N N 26  
ARG CD  NE   sing N N 27  
ARG CD  HD2  sing N N 28  
ARG CD  HD3  sing N N 29  
ARG NE  CZ   sing N N 30  
ARG NE  HE   sing N N 31  
ARG CZ  NH1  sing N N 32  
ARG CZ  NH2  doub N N 33  
ARG NH1 HH11 sing N N 34  
ARG NH1 HH12 sing N N 35  
ARG NH2 HH21 sing N N 36  
ARG NH2 HH22 sing N N 37  
ARG OXT HXT  sing N N 38  
ASN N   CA   sing N N 39  
ASN N   H    sing N N 40  
ASN N   H2   sing N N 41  
ASN CA  C    sing N N 42  
ASN CA  CB   sing N N 43  
ASN CA  HA   sing N N 44  
ASN C   O    doub N N 45  
ASN C   OXT  sing N N 46  
ASN CB  CG   sing N N 47  
ASN CB  HB2  sing N N 48  
ASN CB  HB3  sing N N 49  
ASN CG  OD1  doub N N 50  
ASN CG  ND2  sing N N 51  
ASN ND2 HD21 sing N N 52  
ASN ND2 HD22 sing N N 53  
ASN OXT HXT  sing N N 54  
ASP N   CA   sing N N 55  
ASP N   H    sing N N 56  
ASP N   H2   sing N N 57  
ASP CA  C    sing N N 58  
ASP CA  CB   sing N N 59  
ASP CA  HA   sing N N 60  
ASP C   O    doub N N 61  
ASP C   OXT  sing N N 62  
ASP CB  CG   sing N N 63  
ASP CB  HB2  sing N N 64  
ASP CB  HB3  sing N N 65  
ASP CG  OD1  doub N N 66  
ASP CG  OD2  sing N N 67  
ASP OD2 HD2  sing N N 68  
ASP OXT HXT  sing N N 69  
CYS N   CA   sing N N 70  
CYS N   H    sing N N 71  
CYS N   H2   sing N N 72  
CYS CA  C    sing N N 73  
CYS CA  CB   sing N N 74  
CYS CA  HA   sing N N 75  
CYS C   O    doub N N 76  
CYS C   OXT  sing N N 77  
CYS CB  SG   sing N N 78  
CYS CB  HB2  sing N N 79  
CYS CB  HB3  sing N N 80  
CYS SG  HG   sing N N 81  
CYS OXT HXT  sing N N 82  
GLN N   CA   sing N N 83  
GLN N   H    sing N N 84  
GLN N   H2   sing N N 85  
GLN CA  C    sing N N 86  
GLN CA  CB   sing N N 87  
GLN CA  HA   sing N N 88  
GLN C   O    doub N N 89  
GLN C   OXT  sing N N 90  
GLN CB  CG   sing N N 91  
GLN CB  HB2  sing N N 92  
GLN CB  HB3  sing N N 93  
GLN CG  CD   sing N N 94  
GLN CG  HG2  sing N N 95  
GLN CG  HG3  sing N N 96  
GLN CD  OE1  doub N N 97  
GLN CD  NE2  sing N N 98  
GLN NE2 HE21 sing N N 99  
GLN NE2 HE22 sing N N 100 
GLN OXT HXT  sing N N 101 
GLU N   CA   sing N N 102 
GLU N   H    sing N N 103 
GLU N   H2   sing N N 104 
GLU CA  C    sing N N 105 
GLU CA  CB   sing N N 106 
GLU CA  HA   sing N N 107 
GLU C   O    doub N N 108 
GLU C   OXT  sing N N 109 
GLU CB  CG   sing N N 110 
GLU CB  HB2  sing N N 111 
GLU CB  HB3  sing N N 112 
GLU CG  CD   sing N N 113 
GLU CG  HG2  sing N N 114 
GLU CG  HG3  sing N N 115 
GLU CD  OE1  doub N N 116 
GLU CD  OE2  sing N N 117 
GLU OE2 HE2  sing N N 118 
GLU OXT HXT  sing N N 119 
GLY N   CA   sing N N 120 
GLY N   H    sing N N 121 
GLY N   H2   sing N N 122 
GLY CA  C    sing N N 123 
GLY CA  HA2  sing N N 124 
GLY CA  HA3  sing N N 125 
GLY C   O    doub N N 126 
GLY C   OXT  sing N N 127 
GLY OXT HXT  sing N N 128 
HIS N   CA   sing N N 129 
HIS N   H    sing N N 130 
HIS N   H2   sing N N 131 
HIS CA  C    sing N N 132 
HIS CA  CB   sing N N 133 
HIS CA  HA   sing N N 134 
HIS C   O    doub N N 135 
HIS C   OXT  sing N N 136 
HIS CB  CG   sing N N 137 
HIS CB  HB2  sing N N 138 
HIS CB  HB3  sing N N 139 
HIS CG  ND1  sing Y N 140 
HIS CG  CD2  doub Y N 141 
HIS ND1 CE1  doub Y N 142 
HIS ND1 HD1  sing N N 143 
HIS CD2 NE2  sing Y N 144 
HIS CD2 HD2  sing N N 145 
HIS CE1 NE2  sing Y N 146 
HIS CE1 HE1  sing N N 147 
HIS NE2 HE2  sing N N 148 
HIS OXT HXT  sing N N 149 
HOH O   H1   sing N N 150 
HOH O   H2   sing N N 151 
ILE N   CA   sing N N 152 
ILE N   H    sing N N 153 
ILE N   H2   sing N N 154 
ILE CA  C    sing N N 155 
ILE CA  CB   sing N N 156 
ILE CA  HA   sing N N 157 
ILE C   O    doub N N 158 
ILE C   OXT  sing N N 159 
ILE CB  CG1  sing N N 160 
ILE CB  CG2  sing N N 161 
ILE CB  HB   sing N N 162 
ILE CG1 CD1  sing N N 163 
ILE CG1 HG12 sing N N 164 
ILE CG1 HG13 sing N N 165 
ILE CG2 HG21 sing N N 166 
ILE CG2 HG22 sing N N 167 
ILE CG2 HG23 sing N N 168 
ILE CD1 HD11 sing N N 169 
ILE CD1 HD12 sing N N 170 
ILE CD1 HD13 sing N N 171 
ILE OXT HXT  sing N N 172 
LEU N   CA   sing N N 173 
LEU N   H    sing N N 174 
LEU N   H2   sing N N 175 
LEU CA  C    sing N N 176 
LEU CA  CB   sing N N 177 
LEU CA  HA   sing N N 178 
LEU C   O    doub N N 179 
LEU C   OXT  sing N N 180 
LEU CB  CG   sing N N 181 
LEU CB  HB2  sing N N 182 
LEU CB  HB3  sing N N 183 
LEU CG  CD1  sing N N 184 
LEU CG  CD2  sing N N 185 
LEU CG  HG   sing N N 186 
LEU CD1 HD11 sing N N 187 
LEU CD1 HD12 sing N N 188 
LEU CD1 HD13 sing N N 189 
LEU CD2 HD21 sing N N 190 
LEU CD2 HD22 sing N N 191 
LEU CD2 HD23 sing N N 192 
LEU OXT HXT  sing N N 193 
LYS N   CA   sing N N 194 
LYS N   H    sing N N 195 
LYS N   H2   sing N N 196 
LYS CA  C    sing N N 197 
LYS CA  CB   sing N N 198 
LYS CA  HA   sing N N 199 
LYS C   O    doub N N 200 
LYS C   OXT  sing N N 201 
LYS CB  CG   sing N N 202 
LYS CB  HB2  sing N N 203 
LYS CB  HB3  sing N N 204 
LYS CG  CD   sing N N 205 
LYS CG  HG2  sing N N 206 
LYS CG  HG3  sing N N 207 
LYS CD  CE   sing N N 208 
LYS CD  HD2  sing N N 209 
LYS CD  HD3  sing N N 210 
LYS CE  NZ   sing N N 211 
LYS CE  HE2  sing N N 212 
LYS CE  HE3  sing N N 213 
LYS NZ  HZ1  sing N N 214 
LYS NZ  HZ2  sing N N 215 
LYS NZ  HZ3  sing N N 216 
LYS OXT HXT  sing N N 217 
NAG C1  C2   sing N N 218 
NAG C1  O1   sing N N 219 
NAG C1  O5   sing N N 220 
NAG C1  H1   sing N N 221 
NAG C2  C3   sing N N 222 
NAG C2  N2   sing N N 223 
NAG C2  H2   sing N N 224 
NAG C3  C4   sing N N 225 
NAG C3  O3   sing N N 226 
NAG C3  H3   sing N N 227 
NAG C4  C5   sing N N 228 
NAG C4  O4   sing N N 229 
NAG C4  H4   sing N N 230 
NAG C5  C6   sing N N 231 
NAG C5  O5   sing N N 232 
NAG C5  H5   sing N N 233 
NAG C6  O6   sing N N 234 
NAG C6  H61  sing N N 235 
NAG C6  H62  sing N N 236 
NAG C7  C8   sing N N 237 
NAG C7  N2   sing N N 238 
NAG C7  O7   doub N N 239 
NAG C8  H81  sing N N 240 
NAG C8  H82  sing N N 241 
NAG C8  H83  sing N N 242 
NAG N2  HN2  sing N N 243 
NAG O1  HO1  sing N N 244 
NAG O3  HO3  sing N N 245 
NAG O4  HO4  sing N N 246 
NAG O6  HO6  sing N N 247 
PCA N   CA   sing N N 248 
PCA N   CD   sing N N 249 
PCA N   H    sing N N 250 
PCA CA  CB   sing N N 251 
PCA CA  C    sing N N 252 
PCA CA  HA   sing N N 253 
PCA CB  CG   sing N N 254 
PCA CB  HB2  sing N N 255 
PCA CB  HB3  sing N N 256 
PCA CG  CD   sing N N 257 
PCA CG  HG2  sing N N 258 
PCA CG  HG3  sing N N 259 
PCA CD  OE   doub N N 260 
PCA C   O    doub N N 261 
PCA C   OXT  sing N N 262 
PCA OXT HXT  sing N N 263 
PRO N   CA   sing N N 264 
PRO N   CD   sing N N 265 
PRO N   H    sing N N 266 
PRO CA  C    sing N N 267 
PRO CA  CB   sing N N 268 
PRO CA  HA   sing N N 269 
PRO C   O    doub N N 270 
PRO C   OXT  sing N N 271 
PRO CB  CG   sing N N 272 
PRO CB  HB2  sing N N 273 
PRO CB  HB3  sing N N 274 
PRO CG  CD   sing N N 275 
PRO CG  HG2  sing N N 276 
PRO CG  HG3  sing N N 277 
PRO CD  HD2  sing N N 278 
PRO CD  HD3  sing N N 279 
PRO OXT HXT  sing N N 280 
SER N   CA   sing N N 281 
SER N   H    sing N N 282 
SER N   H2   sing N N 283 
SER CA  C    sing N N 284 
SER CA  CB   sing N N 285 
SER CA  HA   sing N N 286 
SER C   O    doub N N 287 
SER C   OXT  sing N N 288 
SER CB  OG   sing N N 289 
SER CB  HB2  sing N N 290 
SER CB  HB3  sing N N 291 
SER OG  HG   sing N N 292 
SER OXT HXT  sing N N 293 
THR N   CA   sing N N 294 
THR N   H    sing N N 295 
THR N   H2   sing N N 296 
THR CA  C    sing N N 297 
THR CA  CB   sing N N 298 
THR CA  HA   sing N N 299 
THR C   O    doub N N 300 
THR C   OXT  sing N N 301 
THR CB  OG1  sing N N 302 
THR CB  CG2  sing N N 303 
THR CB  HB   sing N N 304 
THR OG1 HG1  sing N N 305 
THR CG2 HG21 sing N N 306 
THR CG2 HG22 sing N N 307 
THR CG2 HG23 sing N N 308 
THR OXT HXT  sing N N 309 
TRP N   CA   sing N N 310 
TRP N   H    sing N N 311 
TRP N   H2   sing N N 312 
TRP CA  C    sing N N 313 
TRP CA  CB   sing N N 314 
TRP CA  HA   sing N N 315 
TRP C   O    doub N N 316 
TRP C   OXT  sing N N 317 
TRP CB  CG   sing N N 318 
TRP CB  HB2  sing N N 319 
TRP CB  HB3  sing N N 320 
TRP CG  CD1  doub Y N 321 
TRP CG  CD2  sing Y N 322 
TRP CD1 NE1  sing Y N 323 
TRP CD1 HD1  sing N N 324 
TRP CD2 CE2  doub Y N 325 
TRP CD2 CE3  sing Y N 326 
TRP NE1 CE2  sing Y N 327 
TRP NE1 HE1  sing N N 328 
TRP CE2 CZ2  sing Y N 329 
TRP CE3 CZ3  doub Y N 330 
TRP CE3 HE3  sing N N 331 
TRP CZ2 CH2  doub Y N 332 
TRP CZ2 HZ2  sing N N 333 
TRP CZ3 CH2  sing Y N 334 
TRP CZ3 HZ3  sing N N 335 
TRP CH2 HH2  sing N N 336 
TRP OXT HXT  sing N N 337 
TYR N   CA   sing N N 338 
TYR N   H    sing N N 339 
TYR N   H2   sing N N 340 
TYR CA  C    sing N N 341 
TYR CA  CB   sing N N 342 
TYR CA  HA   sing N N 343 
TYR C   O    doub N N 344 
TYR C   OXT  sing N N 345 
TYR CB  CG   sing N N 346 
TYR CB  HB2  sing N N 347 
TYR CB  HB3  sing N N 348 
TYR CG  CD1  doub Y N 349 
TYR CG  CD2  sing Y N 350 
TYR CD1 CE1  sing Y N 351 
TYR CD1 HD1  sing N N 352 
TYR CD2 CE2  doub Y N 353 
TYR CD2 HD2  sing N N 354 
TYR CE1 CZ   doub Y N 355 
TYR CE1 HE1  sing N N 356 
TYR CE2 CZ   sing Y N 357 
TYR CE2 HE2  sing N N 358 
TYR CZ  OH   sing N N 359 
TYR OH  HH   sing N N 360 
TYR OXT HXT  sing N N 361 
VAL N   CA   sing N N 362 
VAL N   H    sing N N 363 
VAL N   H2   sing N N 364 
VAL CA  C    sing N N 365 
VAL CA  CB   sing N N 366 
VAL CA  HA   sing N N 367 
VAL C   O    doub N N 368 
VAL C   OXT  sing N N 369 
VAL CB  CG1  sing N N 370 
VAL CB  CG2  sing N N 371 
VAL CB  HB   sing N N 372 
VAL CG1 HG11 sing N N 373 
VAL CG1 HG12 sing N N 374 
VAL CG1 HG13 sing N N 375 
VAL CG2 HG21 sing N N 376 
VAL CG2 HG22 sing N N 377 
VAL CG2 HG23 sing N N 378 
VAL OXT HXT  sing N N 379 
# 
loop_
_pdbx_entity_branch_list.entity_id 
_pdbx_entity_branch_list.comp_id 
_pdbx_entity_branch_list.num 
_pdbx_entity_branch_list.hetero 
2 NAG 1 n 
2 NAG 2 n 
2 NAG 3 n 
# 
_pdbx_initial_refinement_model.id               1 
_pdbx_initial_refinement_model.entity_id_list   ? 
_pdbx_initial_refinement_model.type             'experimental model' 
_pdbx_initial_refinement_model.source_name      PDB 
_pdbx_initial_refinement_model.accession_code   1EIS 
_pdbx_initial_refinement_model.details          ? 
# 
_atom_sites.entry_id                    1ENM 
_atom_sites.fract_transf_matrix[1][1]   0.01495612 
_atom_sites.fract_transf_matrix[1][2]   -0.01753577 
_atom_sites.fract_transf_matrix[1][3]   -0.01157304 
_atom_sites.fract_transf_matrix[2][1]   -0.01514017 
_atom_sites.fract_transf_matrix[2][2]   -0.00286685 
_atom_sites.fract_transf_matrix[2][3]   -0.01522209 
_atom_sites.fract_transf_matrix[3][1]   0.00731038 
_atom_sites.fract_transf_matrix[3][2]   0.01259970 
_atom_sites.fract_transf_matrix[3][3]   -0.00964400 
_atom_sites.fract_transf_vector[1]      0.172591 
_atom_sites.fract_transf_vector[2]      0.440466 
_atom_sites.fract_transf_vector[3]      0.142962 
# 
loop_
_atom_type.symbol 
C 
N 
O 
S 
# 
loop_
_atom_site.group_PDB 
_atom_site.id 
_atom_site.type_symbol 
_atom_site.label_atom_id 
_atom_site.label_alt_id 
_atom_site.label_comp_id 
_atom_site.label_asym_id 
_atom_site.label_entity_id 
_atom_site.label_seq_id 
_atom_site.pdbx_PDB_ins_code 
_atom_site.Cartn_x 
_atom_site.Cartn_y 
_atom_site.Cartn_z 
_atom_site.occupancy 
_atom_site.B_iso_or_equiv 
_atom_site.pdbx_formal_charge 
_atom_site.auth_seq_id 
_atom_site.auth_comp_id 
_atom_site.auth_asym_id 
_atom_site.auth_atom_id 
_atom_site.pdbx_PDB_model_num 
HETATM 1   N N   . PCA A 1 1  ? 1.644   -7.811  11.104  1.00 18.32 ? 1   PCA A N   1 
HETATM 2   C CA  . PCA A 1 1  ? 2.538   -7.680  12.064  1.00 25.25 ? 1   PCA A CA  1 
HETATM 3   C CB  . PCA A 1 1  ? 3.772   -7.702  11.100  1.00 23.27 ? 1   PCA A CB  1 
HETATM 4   C CG  . PCA A 1 1  ? 3.315   -8.492  9.824   1.00 24.10 ? 1   PCA A CG  1 
HETATM 5   C CD  . PCA A 1 1  ? 1.725   -8.372  9.956   1.00 31.20 ? 1   PCA A CD  1 
HETATM 6   O OE  . PCA A 1 1  ? 1.396   -8.489  8.876   1.00 27.16 ? 1   PCA A OE  1 
HETATM 7   C C   . PCA A 1 1  ? 2.396   -6.253  12.588  1.00 21.82 ? 1   PCA A C   1 
HETATM 8   O O   . PCA A 1 1  ? 1.444   -5.605  12.074  1.00 21.60 ? 1   PCA A O   1 
ATOM   9   N N   . ARG A 1 2  ? 3.225   -5.949  13.560  1.00 22.14 ? 2   ARG A N   1 
ATOM   10  C CA  . ARG A 1 2  ? 3.179   -4.602  14.217  1.00 24.07 ? 2   ARG A CA  1 
ATOM   11  C C   . ARG A 1 2  ? 3.818   -3.530  13.340  1.00 25.87 ? 2   ARG A C   1 
ATOM   12  O O   . ARG A 1 2  ? 4.733   -3.823  12.563  1.00 25.18 ? 2   ARG A O   1 
ATOM   13  C CB  . ARG A 1 2  ? 3.858   -4.667  15.573  1.00 27.19 ? 2   ARG A CB  1 
ATOM   14  C CG  . ARG A 1 2  ? 3.268   -5.633  16.559  1.00 31.22 ? 2   ARG A CG  1 
ATOM   15  C CD  . ARG A 1 2  ? 1.766   -5.657  16.565  1.00 30.48 ? 2   ARG A CD  1 
ATOM   16  N NE  . ARG A 1 2  ? 1.124   -4.427  16.931  1.00 32.47 ? 2   ARG A NE  1 
ATOM   17  C CZ  . ARG A 1 2  ? 0.917   -3.944  18.137  1.00 33.67 ? 2   ARG A CZ  1 
ATOM   18  N NH1 . ARG A 1 2  ? 1.352   -4.607  19.214  1.00 39.10 ? 2   ARG A NH1 1 
ATOM   19  N NH2 . ARG A 1 2  ? 0.274   -2.800  18.311  1.00 32.98 ? 2   ARG A NH2 1 
ATOM   20  N N   . CYS A 1 3  ? 3.367   -2.293  13.499  1.00 22.89 ? 3   CYS A N   1 
ATOM   21  C CA  . CYS A 1 3  ? 3.865   -1.178  12.682  1.00 23.90 ? 3   CYS A CA  1 
ATOM   22  C C   . CYS A 1 3  ? 3.497   0.166   13.316  1.00 24.45 ? 3   CYS A C   1 
ATOM   23  O O   . CYS A 1 3  ? 2.687   0.195   14.252  1.00 21.03 ? 3   CYS A O   1 
ATOM   24  C CB  . CYS A 1 3  ? 3.178   -1.263  11.300  1.00 19.45 ? 3   CYS A CB  1 
ATOM   25  S SG  . CYS A 1 3  ? 1.353   -1.267  11.350  1.00 16.50 ? 3   CYS A SG  1 
ATOM   26  N N   . GLY A 1 4  ? 4.052   1.250   12.805  1.00 25.35 ? 4   GLY A N   1 
ATOM   27  C CA  . GLY A 1 4  ? 3.601   2.592   13.147  1.00 26.11 ? 4   GLY A CA  1 
ATOM   28  C C   . GLY A 1 4  ? 3.804   2.979   14.593  1.00 26.21 ? 4   GLY A C   1 
ATOM   29  O O   . GLY A 1 4  ? 4.620   2.396   15.303  1.00 26.65 ? 4   GLY A O   1 
ATOM   30  N N   . SER A 1 5  ? 3.066   4.005   15.044  1.00 27.63 ? 5   SER A N   1 
ATOM   31  C CA  . SER A 1 5  ? 3.266   4.586   16.352  1.00 32.64 ? 5   SER A CA  1 
ATOM   32  C C   . SER A 1 5  ? 3.039   3.648   17.513  1.00 34.23 ? 5   SER A C   1 
ATOM   33  O O   . SER A 1 5  ? 3.760   3.711   18.514  1.00 33.83 ? 5   SER A O   1 
ATOM   34  C CB  . SER A 1 5  ? 2.455   5.875   16.529  1.00 35.64 ? 5   SER A CB  1 
ATOM   35  O OG  . SER A 1 5  ? 1.074   5.626   16.529  1.00 38.64 ? 5   SER A OG  1 
ATOM   36  N N   . GLN A 1 6  ? 2.078   2.742   17.407  1.00 34.49 ? 6   GLN A N   1 
ATOM   37  C CA  . GLN A 1 6  ? 1.791   1.799   18.483  1.00 38.04 ? 6   GLN A CA  1 
ATOM   38  C C   . GLN A 1 6  ? 2.661   0.561   18.415  1.00 39.92 ? 6   GLN A C   1 
ATOM   39  O O   . GLN A 1 6  ? 2.839   -0.145  19.410  1.00 42.20 ? 6   GLN A O   1 
ATOM   40  C CB  . GLN A 1 6  ? 0.313   1.353   18.365  1.00 38.26 ? 6   GLN A CB  1 
ATOM   41  C CG  . GLN A 1 6  ? -0.661  2.428   18.788  1.00 42.26 ? 6   GLN A CG  1 
ATOM   42  C CD  . GLN A 1 6  ? -0.505  2.753   20.277  1.00 43.56 ? 6   GLN A CD  1 
ATOM   43  O OE1 . GLN A 1 6  ? -0.558  1.846   21.109  1.00 45.57 ? 6   GLN A OE1 1 
ATOM   44  N NE2 . GLN A 1 6  ? -0.308  4.018   20.565  1.00 48.25 ? 6   GLN A NE2 1 
ATOM   45  N N   . GLY A 1 7  ? 3.146   0.236   17.220  1.00 41.72 ? 7   GLY A N   1 
ATOM   46  C CA  . GLY A 1 7  ? 3.850   -0.968  16.940  1.00 42.10 ? 7   GLY A CA  1 
ATOM   47  C C   . GLY A 1 7  ? 5.343   -0.919  16.898  1.00 42.44 ? 7   GLY A C   1 
ATOM   48  O O   . GLY A 1 7  ? 5.979   -1.974  16.676  1.00 43.50 ? 7   GLY A O   1 
ATOM   49  N N   . GLY A 1 8  ? 5.978   0.236   17.098  1.00 42.03 ? 8   GLY A N   1 
ATOM   50  C CA  . GLY A 1 8  ? 7.431   0.300   17.107  1.00 42.27 ? 8   GLY A CA  1 
ATOM   51  C C   . GLY A 1 8  ? 8.030   0.994   15.912  1.00 42.32 ? 8   GLY A C   1 
ATOM   52  O O   . GLY A 1 8  ? 9.269   1.016   15.766  1.00 44.09 ? 8   GLY A O   1 
ATOM   53  N N   . GLY A 1 9  ? 7.221   1.559   15.020  1.00 40.18 ? 9   GLY A N   1 
ATOM   54  C CA  . GLY A 1 9  ? 7.687   2.321   13.909  1.00 40.11 ? 9   GLY A CA  1 
ATOM   55  C C   . GLY A 1 9  ? 7.964   1.610   12.622  1.00 39.75 ? 9   GLY A C   1 
ATOM   56  O O   . GLY A 1 9  ? 8.265   2.289   11.607  1.00 40.96 ? 9   GLY A O   1 
ATOM   57  N N   A SER A 1 10 ? 7.828   0.297   12.536  0.33 39.21 ? 10  SER A N   1 
ATOM   58  C CA  A SER A 1 10 ? 8.082   -0.412  11.279  0.33 38.11 ? 10  SER A CA  1 
ATOM   59  C C   A SER A 1 10 ? 7.063   -0.039  10.202  0.33 36.87 ? 10  SER A C   1 
ATOM   60  O O   A SER A 1 10 ? 5.981   0.456   10.475  0.33 32.77 ? 10  SER A O   1 
ATOM   61  C CB  A SER A 1 10 ? 8.069   -1.923  11.505  0.33 39.46 ? 10  SER A CB  1 
ATOM   62  O OG  A SER A 1 10 ? 9.028   -2.563  10.644  0.33 40.79 ? 10  SER A OG  1 
ATOM   63  N N   B GLY A 1 10 ? 7.828   0.297   12.536  0.67 39.21 ? 10  GLY A N   1 
ATOM   64  C CA  B GLY A 1 10 ? 8.082   -0.412  11.279  0.67 38.11 ? 10  GLY A CA  1 
ATOM   65  C C   B GLY A 1 10 ? 7.063   -0.039  10.202  0.67 36.87 ? 10  GLY A C   1 
ATOM   66  O O   B GLY A 1 10 ? 5.981   0.456   10.475  0.67 32.77 ? 10  GLY A O   1 
ATOM   67  N N   . THR A 1 11 ? 7.470   -0.243  8.946   1.00 35.55 ? 11  THR A N   1 
ATOM   68  C CA  . THR A 1 11 ? 6.566   -0.107  7.798   1.00 33.95 ? 11  THR A CA  1 
ATOM   69  C C   . THR A 1 11 ? 6.113   -1.533  7.450   1.00 30.63 ? 11  THR A C   1 
ATOM   70  O O   . THR A 1 11 ? 6.869   -2.474  7.752   1.00 32.64 ? 11  THR A O   1 
ATOM   71  C CB  . THR A 1 11 ? 7.282   0.522   6.590   1.00 38.77 ? 11  THR A CB  1 
ATOM   72  O OG1 . THR A 1 11 ? 7.490   1.932   6.833   1.00 40.19 ? 11  THR A OG1 1 
ATOM   73  C CG2 . THR A 1 11 ? 6.458   0.400   5.317   1.00 38.75 ? 11  THR A CG2 1 
ATOM   74  N N   . CYS A 1 12 ? 4.917   -1.728  6.965   1.00 27.84 ? 12  CYS A N   1 
ATOM   75  C CA  . CYS A 1 12 ? 4.402   -3.095  6.748   1.00 22.76 ? 12  CYS A CA  1 
ATOM   76  C C   . CYS A 1 12 ? 5.027   -3.798  5.570   1.00 24.20 ? 12  CYS A C   1 
ATOM   77  O O   . CYS A 1 12 ? 5.161   -3.197  4.498   1.00 22.67 ? 12  CYS A O   1 
ATOM   78  C CB  . CYS A 1 12 ? 2.876   -2.939  6.443   1.00 19.60 ? 12  CYS A CB  1 
ATOM   79  S SG  . CYS A 1 12 ? 2.030   -2.403  7.962   1.00 17.14 ? 12  CYS A SG  1 
ATOM   80  N N   . PRO A 1 13 ? 5.208   -5.110  5.669   1.00 23.43 ? 13  PRO A N   1 
ATOM   81  C CA  . PRO A 1 13 ? 5.568   -5.924  4.524   1.00 24.78 ? 13  PRO A CA  1 
ATOM   82  C C   . PRO A 1 13 ? 4.546   -5.744  3.400   1.00 25.03 ? 13  PRO A C   1 
ATOM   83  O O   . PRO A 1 13 ? 3.331   -5.610  3.625   1.00 23.24 ? 13  PRO A O   1 
ATOM   84  C CB  . PRO A 1 13 ? 5.543   -7.346  5.051   1.00 24.94 ? 13  PRO A CB  1 
ATOM   85  C CG  . PRO A 1 13 ? 5.741   -7.210  6.528   1.00 25.28 ? 13  PRO A CG  1 
ATOM   86  C CD  . PRO A 1 13 ? 4.958   -5.927  6.878   1.00 24.32 ? 13  PRO A CD  1 
ATOM   87  N N   A GLY A 1 14 ? 5.071   -5.640  2.180   0.44 24.26 ? 14  GLY A N   1 
ATOM   88  C CA  A GLY A 1 14 ? 4.235   -5.470  0.997   0.44 21.85 ? 14  GLY A CA  1 
ATOM   89  C C   A GLY A 1 14 ? 3.611   -4.066  0.974   0.44 20.71 ? 14  GLY A C   1 
ATOM   90  O O   A GLY A 1 14 ? 2.724   -3.806  0.171   0.44 23.04 ? 14  GLY A O   1 
ATOM   91  N N   B ALA A 1 14 ? 5.065   -5.643  2.180   0.56 24.35 ? 14  ALA A N   1 
ATOM   92  C CA  B ALA A 1 14 ? 4.196   -5.483  1.005   0.56 21.51 ? 14  ALA A CA  1 
ATOM   93  C C   B ALA A 1 14 ? 3.610   -4.068  0.977   0.56 20.86 ? 14  ALA A C   1 
ATOM   94  O O   B ALA A 1 14 ? 2.717   -3.800  0.175   0.56 22.88 ? 14  ALA A O   1 
ATOM   95  C CB  B ALA A 1 14 ? 3.057   -6.502  1.054   0.00 34.55 ? 14  ALA A CB  1 
ATOM   96  N N   . LEU A 1 15 ? 4.139   -3.180  1.788   1.00 20.55 ? 15  LEU A N   1 
ATOM   97  C CA  . LEU A 1 15 ? 3.685   -1.803  1.832   1.00 22.87 ? 15  LEU A CA  1 
ATOM   98  C C   . LEU A 1 15 ? 2.179   -1.714  2.054   1.00 20.33 ? 15  LEU A C   1 
ATOM   99  O O   . LEU A 1 15 ? 1.542   -0.781  1.585   1.00 22.31 ? 15  LEU A O   1 
ATOM   100 C CB  . LEU A 1 15 ? 4.085   -1.028  0.578   1.00 26.29 ? 15  LEU A CB  1 
ATOM   101 C CG  . LEU A 1 15 ? 5.570   -0.719  0.395   1.00 30.59 ? 15  LEU A CG  1 
ATOM   102 C CD1 . LEU A 1 15 ? 6.097   0.199   1.472   1.00 33.10 ? 15  LEU A CD1 1 
ATOM   103 C CD2 . LEU A 1 15 ? 6.387   -1.999  0.304   1.00 34.12 ? 15  LEU A CD2 1 
ATOM   104 N N   A ARG A 1 16 ? 1.654   -2.598  2.917   0.44 18.50 ? 16  ARG A N   1 
ATOM   105 C CA  A ARG A 1 16 ? 0.235   -2.531  3.267   0.44 19.12 ? 16  ARG A CA  1 
ATOM   106 C C   A ARG A 1 16 ? -0.018  -1.386  4.270   0.44 18.23 ? 16  ARG A C   1 
ATOM   107 O O   A ARG A 1 16 ? 0.906   -0.824  4.827   0.44 19.21 ? 16  ARG A O   1 
ATOM   108 C CB  A ARG A 1 16 ? -0.282  -3.824  3.832   0.44 19.16 ? 16  ARG A CB  1 
ATOM   109 C CG  A ARG A 1 16 ? -0.277  -5.062  3.052   0.44 24.86 ? 16  ARG A CG  1 
ATOM   110 C CD  A ARG A 1 16 ? -0.353  -5.068  1.614   0.44 29.09 ? 16  ARG A CD  1 
ATOM   111 N NE  A ARG A 1 16 ? -1.482  -4.918  0.832   0.44 33.20 ? 16  ARG A NE  1 
ATOM   112 C CZ  A ARG A 1 16 ? -2.476  -4.109  0.660   0.44 35.42 ? 16  ARG A CZ  1 
ATOM   113 N NH1 A ARG A 1 16 ? -2.685  -3.029  1.428   0.44 31.90 ? 16  ARG A NH1 1 
ATOM   114 N NH2 A ARG A 1 16 ? -3.372  -4.331  -0.325  0.44 36.42 ? 16  ARG A NH2 1 
ATOM   115 N N   B TRP A 1 16 ? 1.662   -2.586  2.925   0.56 18.88 ? 16  TRP A N   1 
ATOM   116 C CA  B TRP A 1 16 ? 0.235   -2.525  3.280   0.56 19.33 ? 16  TRP A CA  1 
ATOM   117 C C   B TRP A 1 16 ? -0.011  -1.392  4.265   0.56 18.48 ? 16  TRP A C   1 
ATOM   118 O O   B TRP A 1 16 ? 0.906   -0.824  4.834   0.56 19.21 ? 16  TRP A O   1 
ATOM   119 C CB  B TRP A 1 16 ? -0.167  -3.878  3.959   0.56 28.87 ? 16  TRP A CB  1 
ATOM   120 C CG  B TRP A 1 16 ? -0.718  -4.799  2.917   0.56 33.36 ? 16  TRP A CG  1 
ATOM   121 C CD1 B TRP A 1 16 ? -0.586  -6.161  2.880   0.56 35.34 ? 16  TRP A CD1 1 
ATOM   122 C CD2 B TRP A 1 16 ? -1.510  -4.440  1.781   0.56 34.19 ? 16  TRP A CD2 1 
ATOM   123 N NE1 B TRP A 1 16 ? -1.222  -6.663  1.768   0.56 37.02 ? 16  TRP A NE1 1 
ATOM   124 C CE2 B TRP A 1 16 ? -1.799  -5.626  1.077   0.56 35.73 ? 16  TRP A CE2 1 
ATOM   125 C CE3 B TRP A 1 16 ? -1.997  -3.224  1.285   0.56 36.92 ? 16  TRP A CE3 1 
ATOM   126 C CZ2 B TRP A 1 16 ? -2.558  -5.637  -0.090  0.56 34.48 ? 16  TRP A CZ2 1 
ATOM   127 C CZ3 B TRP A 1 16 ? -2.744  -3.237  0.115   0.56 38.84 ? 16  TRP A CZ3 1 
ATOM   128 C CH2 B TRP A 1 16 ? -3.013  -4.439  -0.559  0.56 36.87 ? 16  TRP A CH2 1 
ATOM   129 N N   . CYS A 1 17 ? -1.299  -1.140  4.542   1.00 17.36 ? 17  CYS A N   1 
ATOM   130 C CA  . CYS A 1 17 ? -1.613  0.001   5.444   1.00 19.20 ? 17  CYS A CA  1 
ATOM   131 C C   . CYS A 1 17 ? -1.353  -0.359  6.892   1.00 19.27 ? 17  CYS A C   1 
ATOM   132 O O   . CYS A 1 17 ? -1.551  -1.521  7.277   1.00 20.33 ? 17  CYS A O   1 
ATOM   133 C CB  . CYS A 1 17 ? -3.092  0.370   5.286   1.00 22.54 ? 17  CYS A CB  1 
ATOM   134 S SG  . CYS A 1 17 ? -3.710  0.350   3.594   1.00 19.46 ? 17  CYS A SG  1 
ATOM   135 N N   . CYS A 1 18 ? -0.943  0.604   7.697   1.00 16.00 ? 18  CYS A N   1 
ATOM   136 C CA  . CYS A 1 18 ? -0.790  0.423   9.136   1.00 17.48 ? 18  CYS A CA  1 
ATOM   137 C C   . CYS A 1 18 ? -1.942  1.123   9.853   1.00 18.34 ? 18  CYS A C   1 
ATOM   138 O O   . CYS A 1 18 ? -2.191  2.337   9.612   1.00 18.63 ? 18  CYS A O   1 
ATOM   139 C CB  . CYS A 1 18 ? 0.538   1.059   9.610   1.00 16.92 ? 18  CYS A CB  1 
ATOM   140 S SG  . CYS A 1 18 ? 0.903   0.728   11.360  1.00 18.31 ? 18  CYS A SG  1 
ATOM   141 N N   . SER A 1 19 ? -2.665  0.383   10.684  1.00 16.95 ? 19  SER A N   1 
ATOM   142 C CA  . SER A 1 19 ? -3.829  0.978   11.368  1.00 16.23 ? 19  SER A CA  1 
ATOM   143 C C   . SER A 1 19 ? -3.395  1.818   12.522  1.00 16.61 ? 19  SER A C   1 
ATOM   144 O O   . SER A 1 19 ? -2.272  1.710   13.027  1.00 17.25 ? 19  SER A O   1 
ATOM   145 C CB  . SER A 1 19 ? -4.770  -0.174  11.829  1.00 14.84 ? 19  SER A CB  1 
ATOM   146 O OG  . SER A 1 19 ? -4.225  -0.779  12.998  1.00 14.78 ? 19  SER A OG  1 
ATOM   147 N N   . ILE A 1 20 ? -4.372  2.577   13.131  1.00 16.66 ? 20  ILE A N   1 
ATOM   148 C CA  . ILE A 1 20 ? -4.006  3.335   14.333  1.00 16.98 ? 20  ILE A CA  1 
ATOM   149 C C   . ILE A 1 20 ? -3.717  2.438   15.516  1.00 18.36 ? 20  ILE A C   1 
ATOM   150 O O   . ILE A 1 20 ? -3.086  2.862   16.481  1.00 18.57 ? 20  ILE A O   1 
ATOM   151 C CB  . ILE A 1 20 ? -5.132  4.334   14.697  1.00 16.80 ? 20  ILE A CB  1 
ATOM   152 C CG1 . ILE A 1 20 ? -6.463  3.580   14.812  1.00 17.43 ? 20  ILE A CG1 1 
ATOM   153 C CG2 . ILE A 1 20 ? -5.247  5.400   13.614  1.00 20.96 ? 20  ILE A CG2 1 
ATOM   154 C CD1 . ILE A 1 20 ? -7.522  4.416   15.549  1.00 21.24 ? 20  ILE A CD1 1 
ATOM   155 N N   . TRP A 1 21 ? -4.134  1.151   15.449  1.00 17.63 ? 21  TRP A N   1 
ATOM   156 C CA  . TRP A 1 21 ? -3.770  0.217   16.511  1.00 19.26 ? 21  TRP A CA  1 
ATOM   157 C C   . TRP A 1 21 ? -2.412  -0.414  16.328  1.00 20.44 ? 21  TRP A C   1 
ATOM   158 O O   . TRP A 1 21 ? -1.960  -1.208  17.181  1.00 20.36 ? 21  TRP A O   1 
ATOM   159 C CB  . TRP A 1 21 ? -4.839  -0.891  16.668  1.00 19.06 ? 21  TRP A CB  1 
ATOM   160 C CG  . TRP A 1 21 ? -6.191  -0.315  17.003  1.00 21.48 ? 21  TRP A CG  1 
ATOM   161 C CD1 . TRP A 1 21 ? -6.637  0.028   18.254  1.00 24.10 ? 21  TRP A CD1 1 
ATOM   162 C CD2 . TRP A 1 21 ? -7.240  -0.009  16.097  1.00 20.45 ? 21  TRP A CD2 1 
ATOM   163 N NE1 . TRP A 1 21 ? -7.910  0.531   18.164  1.00 26.47 ? 21  TRP A NE1 1 
ATOM   164 C CE2 . TRP A 1 21 ? -8.310  0.524   16.861  1.00 25.86 ? 21  TRP A CE2 1 
ATOM   165 C CE3 . TRP A 1 21 ? -7.410  -0.151  14.719  1.00 19.07 ? 21  TRP A CE3 1 
ATOM   166 C CZ2 . TRP A 1 21 ? -9.505  0.935   16.277  1.00 26.16 ? 21  TRP A CZ2 1 
ATOM   167 C CZ3 . TRP A 1 21 ? -8.591  0.269   14.138  1.00 24.26 ? 21  TRP A CZ3 1 
ATOM   168 C CH2 . TRP A 1 21 ? -9.635  0.800   14.927  1.00 24.73 ? 21  TRP A CH2 1 
ATOM   169 N N   . GLY A 1 22 ? -1.681  -0.091  15.250  1.00 19.04 ? 22  GLY A N   1 
ATOM   170 C CA  . GLY A 1 22 ? -0.339  -0.607  15.072  1.00 18.71 ? 22  GLY A CA  1 
ATOM   171 C C   . GLY A 1 22 ? -0.287  -2.007  14.473  1.00 19.59 ? 22  GLY A C   1 
ATOM   172 O O   . GLY A 1 22 ? 0.673   -2.744  14.746  1.00 21.28 ? 22  GLY A O   1 
ATOM   173 N N   . TRP A 1 23 ? -1.231  -2.356  13.619  1.00 19.35 ? 23  TRP A N   1 
ATOM   174 C CA  . TRP A 1 23 ? -1.194  -3.594  12.851  1.00 19.07 ? 23  TRP A CA  1 
ATOM   175 C C   . TRP A 1 23 ? -1.309  -3.348  11.351  1.00 16.31 ? 23  TRP A C   1 
ATOM   176 O O   . TRP A 1 23 ? -2.011  -2.465  10.884  1.00 16.65 ? 23  TRP A O   1 
ATOM   177 C CB  . TRP A 1 23 ? -2.363  -4.518  13.275  1.00 18.59 ? 23  TRP A CB  1 
ATOM   178 C CG  . TRP A 1 23 ? -2.255  -4.927  14.709  1.00 19.96 ? 23  TRP A CG  1 
ATOM   179 C CD1 . TRP A 1 23 ? -2.800  -4.290  15.800  1.00 23.99 ? 23  TRP A CD1 1 
ATOM   180 C CD2 . TRP A 1 23 ? -1.548  -6.061  15.217  1.00 23.12 ? 23  TRP A CD2 1 
ATOM   181 N NE1 . TRP A 1 23 ? -2.447  -4.952  16.943  1.00 22.90 ? 23  TRP A NE1 1 
ATOM   182 C CE2 . TRP A 1 23 ? -1.729  -6.068  16.614  1.00 24.09 ? 23  TRP A CE2 1 
ATOM   183 C CE3 . TRP A 1 23 ? -0.816  -7.087  14.618  1.00 22.24 ? 23  TRP A CE3 1 
ATOM   184 C CZ2 . TRP A 1 23 ? -1.158  -7.048  17.437  1.00 27.35 ? 23  TRP A CZ2 1 
ATOM   185 C CZ3 . TRP A 1 23 ? -0.268  -8.070  15.433  1.00 27.54 ? 23  TRP A CZ3 1 
ATOM   186 C CH2 . TRP A 1 23 ? -0.433  -8.024  16.823  1.00 28.85 ? 23  TRP A CH2 1 
ATOM   187 N N   . CYS A 1 24 ? -0.748  -4.294  10.551  1.00 16.34 ? 24  CYS A N   1 
ATOM   188 C CA  . CYS A 1 24 ? -0.806  -4.162  9.095   1.00 16.01 ? 24  CYS A CA  1 
ATOM   189 C C   . CYS A 1 24 ? -1.986  -4.883  8.495   1.00 20.22 ? 24  CYS A C   1 
ATOM   190 O O   . CYS A 1 24 ? -2.283  -6.039  8.903   1.00 19.77 ? 24  CYS A O   1 
ATOM   191 C CB  . CYS A 1 24 ? 0.482   -4.907  8.533   1.00 17.31 ? 24  CYS A CB  1 
ATOM   192 S SG  . CYS A 1 24 ? 2.006   -4.121  9.077   1.00 16.66 ? 24  CYS A SG  1 
ATOM   193 N N   . GLY A 1 25 ? -2.563  -4.355  7.412   1.00 18.35 ? 25  GLY A N   1 
ATOM   194 C CA  . GLY A 1 25 ? -3.664  -5.051  6.750   1.00 21.00 ? 25  GLY A CA  1 
ATOM   195 C C   . GLY A 1 25 ? -4.016  -4.356  5.438   1.00 22.59 ? 25  GLY A C   1 
ATOM   196 O O   . GLY A 1 25 ? -3.408  -3.329  5.114   1.00 22.86 ? 25  GLY A O   1 
ATOM   197 N N   . ASP A 1 26 ? -5.066  -4.818  4.780   1.00 23.89 ? 26  ASP A N   1 
ATOM   198 C CA  . ASP A 1 26 ? -5.393  -4.339  3.444   1.00 27.11 ? 26  ASP A CA  1 
ATOM   199 C C   . ASP A 1 26 ? -6.845  -3.988  3.261   1.00 28.30 ? 26  ASP A C   1 
ATOM   200 O O   . ASP A 1 26 ? -7.288  -3.739  2.127   1.00 29.94 ? 26  ASP A O   1 
ATOM   201 C CB  . ASP A 1 26 ? -4.940  -5.366  2.402   1.00 29.98 ? 26  ASP A CB  1 
ATOM   202 C CG  . ASP A 1 26 ? -5.667  -6.681  2.433   1.00 35.39 ? 26  ASP A CG  1 
ATOM   203 O OD1 . ASP A 1 26 ? -6.578  -6.914  3.241   1.00 35.52 ? 26  ASP A OD1 1 
ATOM   204 O OD2 . ASP A 1 26 ? -5.309  -7.578  1.606   1.00 37.77 ? 26  ASP A OD2 1 
ATOM   205 N N   . SER A 1 27 ? -7.610  -3.917  4.339   1.00 26.47 ? 27  SER A N   1 
ATOM   206 C CA  . SER A 1 27 ? -9.041  -3.576  4.222   1.00 25.78 ? 27  SER A CA  1 
ATOM   207 C C   . SER A 1 27 ? -9.326  -2.275  4.953   1.00 24.99 ? 27  SER A C   1 
ATOM   208 O O   . SER A 1 27 ? -8.411  -1.677  5.536   1.00 22.45 ? 27  SER A O   1 
ATOM   209 C CB  . SER A 1 27 ? -9.861  -4.725  4.836   1.00 30.54 ? 27  SER A CB  1 
ATOM   210 O OG  . SER A 1 27 ? -9.403  -4.988  6.150   1.00 29.54 ? 27  SER A OG  1 
ATOM   211 N N   . GLU A 1 28 ? -10.575 -1.862  5.015   1.00 25.36 ? 28  GLU A N   1 
ATOM   212 C CA  . GLU A 1 28 ? -11.003 -0.615  5.599   1.00 27.35 ? 28  GLU A CA  1 
ATOM   213 C C   . GLU A 1 28 ? -10.447 -0.215  6.923   1.00 24.69 ? 28  GLU A C   1 
ATOM   214 O O   . GLU A 1 28 ? -10.026 0.956   7.096   1.00 24.08 ? 28  GLU A O   1 
ATOM   215 C CB  . GLU A 1 28 ? -12.544 -0.518  5.573   1.00 32.20 ? 28  GLU A CB  1 
ATOM   216 C CG  . GLU A 1 28 ? -13.118 0.567   6.483   1.00 37.82 ? 28  GLU A CG  1 
ATOM   217 C CD  . GLU A 1 28 ? -12.905 1.950   5.916   1.00 39.73 ? 28  GLU A CD  1 
ATOM   218 O OE1 . GLU A 1 28 ? -12.704 2.034   4.679   1.00 41.10 ? 28  GLU A OE1 1 
ATOM   219 O OE2 . GLU A 1 28 ? -12.909 2.945   6.675   1.00 40.68 ? 28  GLU A OE2 1 
ATOM   220 N N   . PRO A 1 29 ? -10.493 -1.043  7.958   1.00 23.50 ? 29  PRO A N   1 
ATOM   221 C CA  . PRO A 1 29 ? -10.025 -0.692  9.277   1.00 23.81 ? 29  PRO A CA  1 
ATOM   222 C C   . PRO A 1 29 ? -8.548  -0.365  9.339   1.00 22.88 ? 29  PRO A C   1 
ATOM   223 O O   . PRO A 1 29 ? -8.099  0.363   10.222  1.00 20.51 ? 29  PRO A O   1 
ATOM   224 C CB  . PRO A 1 29 ? -10.380 -1.867  10.157  1.00 25.22 ? 29  PRO A CB  1 
ATOM   225 C CG  . PRO A 1 29 ? -10.808 -2.956  9.280   1.00 28.49 ? 29  PRO A CG  1 
ATOM   226 C CD  . PRO A 1 29 ? -11.103 -2.394  7.909   1.00 26.45 ? 29  PRO A CD  1 
ATOM   227 N N   . TYR A 1 30 ? -7.778  -0.814  8.315   1.00 19.61 ? 30  TYR A N   1 
ATOM   228 C CA  . TYR A 1 30 ? -6.351  -0.517  8.303   1.00 19.30 ? 30  TYR A CA  1 
ATOM   229 C C   . TYR A 1 30 ? -6.031  0.687   7.406   1.00 18.07 ? 30  TYR A C   1 
ATOM   230 O O   . TYR A 1 30 ? -5.023  1.359   7.615   1.00 16.20 ? 30  TYR A O   1 
ATOM   231 C CB  . TYR A 1 30 ? -5.594  -1.725  7.674   1.00 17.97 ? 30  TYR A CB  1 
ATOM   232 C CG  . TYR A 1 30 ? -5.829  -3.012  8.443   1.00 18.95 ? 30  TYR A CG  1 
ATOM   233 C CD1 . TYR A 1 30 ? -6.936  -3.803  8.153   1.00 19.88 ? 30  TYR A CD1 1 
ATOM   234 C CD2 . TYR A 1 30 ? -4.971  -3.406  9.447   1.00 18.92 ? 30  TYR A CD2 1 
ATOM   235 C CE1 . TYR A 1 30 ? -7.164  -4.987  8.877   1.00 18.86 ? 30  TYR A CE1 1 
ATOM   236 C CE2 . TYR A 1 30 ? -5.182  -4.583  10.156  1.00 17.59 ? 30  TYR A CE2 1 
ATOM   237 C CZ  . TYR A 1 30 ? -6.282  -5.361  9.831   1.00 19.13 ? 30  TYR A CZ  1 
ATOM   238 O OH  . TYR A 1 30 ? -6.474  -6.542  10.550  1.00 23.66 ? 30  TYR A OH  1 
ATOM   239 N N   . CYS A 1 31 ? -6.724  0.742   6.274   1.00 18.87 ? 31  CYS A N   1 
ATOM   240 C CA  . CYS A 1 31 ? -6.427  1.649   5.196   1.00 21.47 ? 31  CYS A CA  1 
ATOM   241 C C   . CYS A 1 31 ? -7.312  2.873   5.111   1.00 24.06 ? 31  CYS A C   1 
ATOM   242 O O   . CYS A 1 31 ? -6.961  3.829   4.411   1.00 22.17 ? 31  CYS A O   1 
ATOM   243 C CB  . CYS A 1 31 ? -6.672  0.855   3.842   1.00 21.80 ? 31  CYS A CB  1 
ATOM   244 S SG  . CYS A 1 31 ? -5.503  -0.542  3.717   1.00 21.79 ? 31  CYS A SG  1 
ATOM   245 N N   . GLY A 1 32 ? -8.515  2.795   5.697   1.00 24.16 ? 32  GLY A N   1 
ATOM   246 C CA  . GLY A 1 32 ? -9.460  3.903   5.536   1.00 24.49 ? 32  GLY A CA  1 
ATOM   247 C C   . GLY A 1 32 ? -9.419  4.867   6.702   1.00 24.39 ? 32  GLY A C   1 
ATOM   248 O O   . GLY A 1 32 ? -8.405  5.464   7.036   1.00 23.28 ? 32  GLY A O   1 
ATOM   249 N N   . ARG A 1 33 ? -10.590 5.046   7.325   1.00 27.57 ? 33  ARG A N   1 
ATOM   250 C CA  . ARG A 1 33 ? -10.761 6.008   8.397   1.00 30.35 ? 33  ARG A CA  1 
ATOM   251 C C   . ARG A 1 33 ? -9.827  5.786   9.550   1.00 28.27 ? 33  ARG A C   1 
ATOM   252 O O   . ARG A 1 33 ? -9.308  6.773   10.120  1.00 29.83 ? 33  ARG A O   1 
ATOM   253 C CB  . ARG A 1 33 ? -12.241 5.977   8.872   1.00 37.24 ? 33  ARG A CB  1 
ATOM   254 C CG  . ARG A 1 33 ? -12.500 6.849   10.087  1.00 46.17 ? 33  ARG A CG  1 
ATOM   255 C CD  . ARG A 1 33 ? -13.925 6.708   10.605  1.00 52.20 ? 33  ARG A CD  1 
ATOM   256 N NE  . ARG A 1 33 ? -14.437 5.369   10.564  1.00 57.09 ? 33  ARG A NE  1 
ATOM   257 C CZ  . ARG A 1 33 ? -14.633 4.504   11.531  1.00 60.77 ? 33  ARG A CZ  1 
ATOM   258 N NH1 . ARG A 1 33 ? -14.375 4.797   12.801  1.00 62.31 ? 33  ARG A NH1 1 
ATOM   259 N NH2 . ARG A 1 33 ? -15.119 3.286   11.247  1.00 62.61 ? 33  ARG A NH2 1 
ATOM   260 N N   . THR A 1 34 ? -9.550  4.544   9.919   1.00 25.37 ? 34  THR A N   1 
ATOM   261 C CA  . THR A 1 34 ? -8.691  4.266   11.077  1.00 24.52 ? 34  THR A CA  1 
ATOM   262 C C   . THR A 1 34 ? -7.281  3.898   10.673  1.00 23.31 ? 34  THR A C   1 
ATOM   263 O O   . THR A 1 34 ? -6.534  3.211   11.366  1.00 21.99 ? 34  THR A O   1 
ATOM   264 C CB  . THR A 1 34 ? -9.332  3.184   11.961  1.00 24.30 ? 34  THR A CB  1 
ATOM   265 O OG1 . THR A 1 34 ? -9.808  2.108   11.142  1.00 23.74 ? 34  THR A OG1 1 
ATOM   266 C CG2 . THR A 1 34 ? -10.588 3.809   12.649  1.00 26.12 ? 34  THR A CG2 1 
ATOM   267 N N   . CYS A 1 35 ? -6.860  4.432   9.518   1.00 23.93 ? 35  CYS A N   1 
ATOM   268 C CA  . CYS A 1 35 ? -5.499  4.201   9.038   1.00 22.10 ? 35  CYS A CA  1 
ATOM   269 C C   . CYS A 1 35 ? -4.518  5.205   9.585   1.00 24.32 ? 35  CYS A C   1 
ATOM   270 O O   . CYS A 1 35 ? -4.828  6.424   9.664   1.00 26.08 ? 35  CYS A O   1 
ATOM   271 C CB  . CYS A 1 35 ? -5.475  4.248   7.502   1.00 21.29 ? 35  CYS A CB  1 
ATOM   272 S SG  . CYS A 1 35 ? -3.827  3.950   6.825   1.00 19.05 ? 35  CYS A SG  1 
ATOM   273 N N   . GLU A 1 36 ? -3.312  4.776   9.927   1.00 23.12 ? 36  GLU A N   1 
ATOM   274 C CA  . GLU A 1 36 ? -2.257  5.634   10.358  1.00 22.53 ? 36  GLU A CA  1 
ATOM   275 C C   . GLU A 1 36 ? -1.276  5.970   9.245   1.00 24.93 ? 36  GLU A C   1 
ATOM   276 O O   . GLU A 1 36 ? -0.920  7.154   9.062   1.00 23.39 ? 36  GLU A O   1 
ATOM   277 C CB  . GLU A 1 36 ? -1.491  5.083   11.575  1.00 25.02 ? 36  GLU A CB  1 
ATOM   278 C CG  . GLU A 1 36 ? -0.432  6.066   12.063  1.00 30.99 ? 36  GLU A CG  1 
ATOM   279 C CD  . GLU A 1 36 ? 0.397   5.513   13.207  1.00 34.68 ? 36  GLU A CD  1 
ATOM   280 O OE1 . GLU A 1 36 ? -0.150  5.333   14.358  1.00 33.95 ? 36  GLU A OE1 1 
ATOM   281 O OE2 . GLU A 1 36 ? 1.635   5.225   13.015  1.00 36.97 ? 36  GLU A OE2 1 
ATOM   282 N N   . ASN A 1 37 ? -0.763  4.948   8.553   1.00 21.23 ? 37  ASN A N   1 
ATOM   283 C CA  . ASN A 1 37 ? 0.210   5.223   7.488   1.00 23.14 ? 37  ASN A CA  1 
ATOM   284 C C   . ASN A 1 37 ? 0.024   4.313   6.289   1.00 22.77 ? 37  ASN A C   1 
ATOM   285 O O   . ASN A 1 37 ? -0.594  3.260   6.383   1.00 20.84 ? 37  ASN A O   1 
ATOM   286 C CB  . ASN A 1 37 ? 1.608   5.272   7.998   1.00 27.47 ? 37  ASN A CB  1 
ATOM   287 C CG  . ASN A 1 37 ? 2.275   3.996   8.362   1.00 31.55 ? 37  ASN A CG  1 
ATOM   288 O OD1 . ASN A 1 37 ? 2.333   3.032   7.582   1.00 34.14 ? 37  ASN A OD1 1 
ATOM   289 N ND2 . ASN A 1 37 ? 2.845   3.934   9.581   1.00 34.40 ? 37  ASN A ND2 1 
ATOM   290 N N   . LYS A 1 38 ? 0.600   4.724   5.149   1.00 19.80 ? 38  LYS A N   1 
ATOM   291 C CA  . LYS A 1 38 ? 0.410   4.013   3.887   1.00 21.87 ? 38  LYS A CA  1 
ATOM   292 C C   . LYS A 1 38 ? -1.053  3.786   3.605   1.00 22.83 ? 38  LYS A C   1 
ATOM   293 O O   . LYS A 1 38 ? -1.514  2.692   3.255   1.00 21.13 ? 38  LYS A O   1 
ATOM   294 C CB  . LYS A 1 38 ? 1.225   2.723   3.822   1.00 21.65 ? 38  LYS A CB  1 
ATOM   295 C CG  . LYS A 1 38 ? 2.709   2.836   4.046   1.00 25.42 ? 38  LYS A CG  1 
ATOM   296 C CD  . LYS A 1 38 ? 3.418   3.711   3.009   1.00 28.79 ? 38  LYS A CD  1 
ATOM   297 C CE  . LYS A 1 38 ? 4.926   3.683   3.222   1.00 28.62 ? 38  LYS A CE  1 
ATOM   298 N NZ  . LYS A 1 38 ? 5.648   4.639   2.325   1.00 29.88 ? 38  LYS A NZ  1 
ATOM   299 N N   . CYS A 1 39 ? -1.865  4.857   3.749   1.00 22.91 ? 39  CYS A N   1 
ATOM   300 C CA  . CYS A 1 39 ? -3.299  4.773   3.614   1.00 23.76 ? 39  CYS A CA  1 
ATOM   301 C C   . CYS A 1 39 ? -3.821  4.988   2.203   1.00 26.74 ? 39  CYS A C   1 
ATOM   302 O O   . CYS A 1 39 ? -3.141  5.588   1.378   1.00 26.39 ? 39  CYS A O   1 
ATOM   303 C CB  . CYS A 1 39 ? -3.949  5.867   4.522   1.00 21.43 ? 39  CYS A CB  1 
ATOM   304 S SG  . CYS A 1 39 ? -3.232  5.831   6.199   1.00 20.36 ? 39  CYS A SG  1 
ATOM   305 N N   . TRP A 1 40 ? -5.069  4.576   1.953   1.00 26.23 ? 40  TRP A N   1 
ATOM   306 C CA  . TRP A 1 40 ? -5.700  4.749   0.671   1.00 28.24 ? 40  TRP A CA  1 
ATOM   307 C C   . TRP A 1 40 ? -5.766  6.235   0.260   1.00 30.13 ? 40  TRP A C   1 
ATOM   308 O O   . TRP A 1 40 ? -5.748  6.523   -0.942  1.00 28.92 ? 40  TRP A O   1 
ATOM   309 C CB  . TRP A 1 40 ? -7.106  4.189   0.615   1.00 28.84 ? 40  TRP A CB  1 
ATOM   310 C CG  . TRP A 1 40 ? -7.248  2.706   0.635   1.00 29.91 ? 40  TRP A CG  1 
ATOM   311 C CD1 . TRP A 1 40 ? -6.374  1.778   0.147   1.00 28.31 ? 40  TRP A CD1 1 
ATOM   312 C CD2 . TRP A 1 40 ? -8.373  1.965   1.134   1.00 30.22 ? 40  TRP A CD2 1 
ATOM   313 N NE1 . TRP A 1 40 ? -6.874  0.512   0.337   1.00 28.58 ? 40  TRP A NE1 1 
ATOM   314 C CE2 . TRP A 1 40 ? -8.096  0.603   0.960   1.00 27.06 ? 40  TRP A CE2 1 
ATOM   315 C CE3 . TRP A 1 40 ? -9.579  2.344   1.753   1.00 30.20 ? 40  TRP A CE3 1 
ATOM   316 C CZ2 . TRP A 1 40 ? -8.984  -0.401  1.329   1.00 29.74 ? 40  TRP A CZ2 1 
ATOM   317 C CZ3 . TRP A 1 40 ? -10.454 1.347   2.136   1.00 30.38 ? 40  TRP A CZ3 1 
ATOM   318 C CH2 . TRP A 1 40 ? -10.158 -0.014  1.930   1.00 30.80 ? 40  TRP A CH2 1 
ATOM   319 N N   . SER A 1 41 ? -5.905  7.111   1.230   1.00 28.42 ? 41  SER A N   1 
ATOM   320 C CA  . SER A 1 41 ? -6.017  8.553   0.922   1.00 29.85 ? 41  SER A CA  1 
ATOM   321 C C   . SER A 1 41 ? -4.685  9.149   0.558   1.00 30.26 ? 41  SER A C   1 
ATOM   322 O O   . SER A 1 41 ? -4.598  10.335  0.170   1.00 31.05 ? 41  SER A O   1 
ATOM   323 C CB  . SER A 1 41 ? -6.585  9.249   2.191   1.00 28.96 ? 41  SER A CB  1 
ATOM   324 O OG  . SER A 1 41 ? -5.518  9.323   3.152   1.00 29.47 ? 41  SER A OG  1 
ATOM   325 N N   . GLY A 1 42 ? -3.593  8.380   0.624   1.00 28.04 ? 42  GLY A N   1 
ATOM   326 C CA  . GLY A 1 42 ? -2.271  8.856   0.375   1.00 27.56 ? 42  GLY A CA  1 
ATOM   327 C C   . GLY A 1 42 ? -1.715  8.687   -1.024  1.00 25.89 ? 42  GLY A C   1 
ATOM   328 O O   . GLY A 1 42 ? -0.511  8.963   -1.224  1.00 26.12 ? 42  GLY A O   1 
ATOM   329 N N   . GLU A 1 43 ? -2.462  8.179   -1.972  1.00 24.79 ? 43  GLU A N   1 
ATOM   330 C CA  . GLU A 1 43 ? -1.967  8.003   -3.339  1.00 25.57 ? 43  GLU A CA  1 
ATOM   331 C C   . GLU A 1 43 ? -1.547  9.358   -3.927  1.00 25.79 ? 43  GLU A C   1 
ATOM   332 O O   . GLU A 1 43 ? -2.214  10.356  -3.637  1.00 24.17 ? 43  GLU A O   1 
ATOM   333 C CB  . GLU A 1 43 ? -3.041  7.380   -4.231  1.00 26.12 ? 43  GLU A CB  1 
ATOM   334 C CG  . GLU A 1 43 ? -2.535  7.069   -5.627  1.00 26.53 ? 43  GLU A CG  1 
ATOM   335 C CD  . GLU A 1 43 ? -3.458  6.316   -6.522  1.00 29.66 ? 43  GLU A CD  1 
ATOM   336 O OE1 . GLU A 1 43 ? -4.178  5.374   -6.105  1.00 24.17 ? 43  GLU A OE1 1 
ATOM   337 O OE2 . GLU A 1 43 ? -3.439  6.613   -7.754  1.00 30.98 ? 43  GLU A OE2 1 
ATOM   338 N N   . ARG A 1 44 ? -0.447  9.387   -4.651  1.00 23.93 ? 44  ARG A N   1 
ATOM   339 C CA  . ARG A 1 44 ? 0.022   10.628  -5.288  1.00 26.56 ? 44  ARG A CA  1 
ATOM   340 C C   . ARG A 1 44 ? -0.965  11.108  -6.341  1.00 25.55 ? 44  ARG A C   1 
ATOM   341 O O   . ARG A 1 44 ? -1.595  10.323  -7.055  1.00 22.32 ? 44  ARG A O   1 
ATOM   342 C CB  . ARG A 1 44 ? 1.381   10.388  -5.973  1.00 24.72 ? 44  ARG A CB  1 
ATOM   343 C CG  . ARG A 1 44 ? 2.540   10.205  -4.991  1.00 25.39 ? 44  ARG A CG  1 
ATOM   344 C CD  . ARG A 1 44 ? 3.780   9.719   -5.759  1.00 29.65 ? 44  ARG A CD  1 
ATOM   345 N NE  . ARG A 1 44 ? 4.165   10.665  -6.795  1.00 30.73 ? 44  ARG A NE  1 
ATOM   346 C CZ  . ARG A 1 44 ? 5.030   11.656  -6.627  1.00 34.28 ? 44  ARG A CZ  1 
ATOM   347 N NH1 . ARG A 1 44 ? 5.635   11.833  -5.454  1.00 35.13 ? 44  ARG A NH1 1 
ATOM   348 N NH2 . ARG A 1 44 ? 5.323   12.461  -7.645  1.00 34.93 ? 44  ARG A NH2 1 
ATOM   349 N N   . SER A 1 45 ? -0.999  12.450  -6.521  1.00 26.79 ? 45  SER A N   1 
ATOM   350 C CA  . SER A 1 45 ? -1.907  12.984  -7.558  1.00 27.97 ? 45  SER A CA  1 
ATOM   351 C C   . SER A 1 45 ? -1.494  12.549  -8.936  1.00 27.95 ? 45  SER A C   1 
ATOM   352 O O   . SER A 1 45 ? -2.299  12.643  -9.887  1.00 30.06 ? 45  SER A O   1 
ATOM   353 C CB  . SER A 1 45 ? -1.912  14.535  -7.439  1.00 29.73 ? 45  SER A CB  1 
ATOM   354 O OG  . SER A 1 45 ? -0.546  14.970  -7.549  1.00 35.32 ? 45  SER A OG  1 
ATOM   355 N N   . ASP A 1 46 ? -0.249  12.109  -9.127  1.00 27.63 ? 46  ASP A N   1 
ATOM   356 C CA  . ASP A 1 46 ? 0.184   11.667  -10.462 1.00 27.91 ? 46  ASP A CA  1 
ATOM   357 C C   . ASP A 1 46 ? 0.075   10.164  -10.612 1.00 28.49 ? 46  ASP A C   1 
ATOM   358 O O   . ASP A 1 46 ? 0.526   9.556   -11.597 1.00 24.15 ? 46  ASP A O   1 
ATOM   359 C CB  . ASP A 1 46 ? 1.586   12.160  -10.773 1.00 30.54 ? 46  ASP A CB  1 
ATOM   360 C CG  . ASP A 1 46 ? 2.659   11.742  -9.816  1.00 32.56 ? 46  ASP A CG  1 
ATOM   361 O OD1 . ASP A 1 46 ? 2.456   10.798  -9.015  1.00 28.96 ? 46  ASP A OD1 1 
ATOM   362 O OD2 . ASP A 1 46 ? 3.755   12.369  -9.809  1.00 33.25 ? 46  ASP A OD2 1 
ATOM   363 N N   . HIS A 1 47 ? -0.470  9.505   -9.578  1.00 27.11 ? 47  HIS A N   1 
ATOM   364 C CA  . HIS A 1 47 ? -0.675  8.083   -9.601  1.00 26.57 ? 47  HIS A CA  1 
ATOM   365 C C   . HIS A 1 47 ? 0.601   7.266   -9.664  1.00 26.20 ? 47  HIS A C   1 
ATOM   366 O O   . HIS A 1 47 ? 0.490   6.050   -9.895  1.00 26.78 ? 47  HIS A O   1 
ATOM   367 C CB  . HIS A 1 47 ? -1.558  7.686   -10.817 1.00 28.18 ? 47  HIS A CB  1 
ATOM   368 C CG  . HIS A 1 47 ? -2.818  8.484   -10.882 1.00 33.34 ? 47  HIS A CG  1 
ATOM   369 N ND1 . HIS A 1 47 ? -3.724  8.533   -9.841  1.00 32.91 ? 47  HIS A ND1 1 
ATOM   370 C CD2 . HIS A 1 47 ? -3.298  9.307   -11.846 1.00 33.56 ? 47  HIS A CD2 1 
ATOM   371 C CE1 . HIS A 1 47 ? -4.726  9.331   -10.174 1.00 34.93 ? 47  HIS A CE1 1 
ATOM   372 N NE2 . HIS A 1 47 ? -4.488  9.814   -11.383 1.00 37.52 ? 47  HIS A NE2 1 
ATOM   373 N N   . ARG A 1 48 ? 1.771   7.863   -9.466  1.00 25.75 ? 48  ARG A N   1 
ATOM   374 C CA  . ARG A 1 48 ? 3.009   7.100   -9.530  1.00 25.14 ? 48  ARG A CA  1 
ATOM   375 C C   . ARG A 1 48 ? 3.302   6.343   -8.236  1.00 22.64 ? 48  ARG A C   1 
ATOM   376 O O   . ARG A 1 48 ? 2.741   6.652   -7.183  1.00 21.09 ? 48  ARG A O   1 
ATOM   377 C CB  A ARG A 1 48 ? 4.205   8.008   -9.855  0.50 26.05 ? 48  ARG A CB  1 
ATOM   378 C CB  B ARG A 1 48 ? 4.184   7.965   -9.962  0.50 27.07 ? 48  ARG A CB  1 
ATOM   379 C CG  A ARG A 1 48 ? 4.121   8.692   -11.216 0.50 29.78 ? 48  ARG A CG  1 
ATOM   380 C CG  B ARG A 1 48 ? 4.061   8.361   -11.458 0.50 30.53 ? 48  ARG A CG  1 
ATOM   381 C CD  A ARG A 1 48 ? 5.429   9.437   -11.523 0.50 32.54 ? 48  ARG A CD  1 
ATOM   382 C CD  B ARG A 1 48 ? 5.431   8.669   -12.038 0.50 35.12 ? 48  ARG A CD  1 
ATOM   383 N NE  A ARG A 1 48 ? 6.521   8.511   -11.785 0.50 34.75 ? 48  ARG A NE  1 
ATOM   384 N NE  B ARG A 1 48 ? 6.472   7.838   -11.435 0.50 36.82 ? 48  ARG A NE  1 
ATOM   385 C CZ  A ARG A 1 48 ? 7.797   8.804   -11.923 0.50 35.99 ? 48  ARG A CZ  1 
ATOM   386 C CZ  B ARG A 1 48 ? 6.634   6.546   -11.682 0.50 36.99 ? 48  ARG A CZ  1 
ATOM   387 N NH1 A ARG A 1 48 ? 8.237   10.053  -11.832 0.50 35.52 ? 48  ARG A NH1 1 
ATOM   388 N NH1 B ARG A 1 48 ? 5.854   5.914   -12.549 0.50 38.00 ? 48  ARG A NH1 1 
ATOM   389 N NH2 A ARG A 1 48 ? 8.684   7.829   -12.163 0.50 36.37 ? 48  ARG A NH2 1 
ATOM   390 N NH2 B ARG A 1 48 ? 7.586   5.861   -11.062 0.50 38.45 ? 48  ARG A NH2 1 
ATOM   391 N N   . CYS A 1 49 ? 4.013   5.226   -8.379  1.00 22.52 ? 49  CYS A N   1 
ATOM   392 C CA  . CYS A 1 49 ? 4.369   4.439   -7.179  1.00 22.87 ? 49  CYS A CA  1 
ATOM   393 C C   . CYS A 1 49 ? 5.731   3.811   -7.347  1.00 26.19 ? 49  CYS A C   1 
ATOM   394 O O   . CYS A 1 49 ? 6.419   4.066   -8.350  1.00 26.09 ? 49  CYS A O   1 
ATOM   395 C CB  . CYS A 1 49 ? 3.279   3.426   -6.877  1.00 21.35 ? 49  CYS A CB  1 
ATOM   396 S SG  . CYS A 1 49 ? 2.927   2.214   -8.145  1.00 20.59 ? 49  CYS A SG  1 
ATOM   397 N N   . GLY A 1 50 ? 6.152   2.973   -6.402  1.00 25.51 ? 50  GLY A N   1 
ATOM   398 C CA  . GLY A 1 50 ? 7.469   2.327   -6.532  1.00 29.73 ? 50  GLY A CA  1 
ATOM   399 C C   . GLY A 1 50 ? 8.554   3.149   -5.861  1.00 29.81 ? 50  GLY A C   1 
ATOM   400 O O   . GLY A 1 50 ? 8.331   4.234   -5.325  1.00 28.14 ? 50  GLY A O   1 
ATOM   401 N N   . ALA A 1 51 ? 9.767   2.593   -5.836  1.00 32.92 ? 51  ALA A N   1 
ATOM   402 C CA  . ALA A 1 51 ? 10.878  3.165   -5.106  1.00 36.58 ? 51  ALA A CA  1 
ATOM   403 C C   . ALA A 1 51 ? 11.340  4.516   -5.576  1.00 37.19 ? 51  ALA A C   1 
ATOM   404 O O   . ALA A 1 51 ? 11.829  5.328   -4.754  1.00 38.81 ? 51  ALA A O   1 
ATOM   405 C CB  . ALA A 1 51 ? 12.051  2.162   -5.088  1.00 38.52 ? 51  ALA A CB  1 
ATOM   406 N N   . ALA A 1 52 ? 11.176  4.860   -6.845  1.00 37.38 ? 52  ALA A N   1 
ATOM   407 C CA  . ALA A 1 52 ? 11.611  6.158   -7.343  1.00 38.38 ? 52  ALA A CA  1 
ATOM   408 C C   . ALA A 1 52 ? 10.846  7.304   -6.704  1.00 37.83 ? 52  ALA A C   1 
ATOM   409 O O   . ALA A 1 52 ? 11.373  8.417   -6.627  1.00 37.72 ? 52  ALA A O   1 
ATOM   410 C CB  . ALA A 1 52 ? 11.539  6.220   -8.857  1.00 40.54 ? 52  ALA A CB  1 
ATOM   411 N N   . VAL A 1 53 ? 9.630   7.052   -6.217  1.00 34.41 ? 53  VAL A N   1 
ATOM   412 C CA  . VAL A 1 53 ? 8.853   8.099   -5.568  1.00 33.12 ? 53  VAL A CA  1 
ATOM   413 C C   . VAL A 1 53 ? 8.588   7.777   -4.099  1.00 32.95 ? 53  VAL A C   1 
ATOM   414 O O   . VAL A 1 53 ? 7.677   8.329   -3.490  1.00 32.77 ? 53  VAL A O   1 
ATOM   415 C CB  . VAL A 1 53 ? 7.545   8.425   -6.276  1.00 33.89 ? 53  VAL A CB  1 
ATOM   416 C CG1 . VAL A 1 53 ? 7.787   9.264   -7.534  1.00 36.10 ? 53  VAL A CG1 1 
ATOM   417 C CG2 . VAL A 1 53 ? 6.773   7.157   -6.641  1.00 30.15 ? 53  VAL A CG2 1 
ATOM   418 N N   . GLY A 1 54 ? 9.428   6.932   -3.516  1.00 34.29 ? 54  GLY A N   1 
ATOM   419 C CA  . GLY A 1 54 ? 9.401   6.619   -2.120  1.00 33.76 ? 54  GLY A CA  1 
ATOM   420 C C   . GLY A 1 54 ? 8.332   5.651   -1.671  1.00 32.75 ? 54  GLY A C   1 
ATOM   421 O O   . GLY A 1 54 ? 7.918   5.717   -0.497  1.00 33.04 ? 54  GLY A O   1 
ATOM   422 N N   . ASN A 1 55 ? 7.927   4.706   -2.500  1.00 31.61 ? 55  ASN A N   1 
ATOM   423 C CA  . ASN A 1 55 ? 6.992   3.656   -2.125  1.00 30.07 ? 55  ASN A CA  1 
ATOM   424 C C   . ASN A 1 55 ? 5.736   4.160   -1.451  1.00 28.42 ? 55  ASN A C   1 
ATOM   425 O O   . ASN A 1 55 ? 5.275   3.615   -0.427  1.00 27.12 ? 55  ASN A O   1 
ATOM   426 C CB  . ASN A 1 55 ? 7.682   2.604   -1.236  1.00 33.98 ? 55  ASN A CB  1 
ATOM   427 C CG  . ASN A 1 55 ? 8.784   1.879   -1.995  1.00 37.13 ? 55  ASN A CG  1 
ATOM   428 O OD1 . ASN A 1 55 ? 8.584   1.439   -3.126  1.00 37.19 ? 55  ASN A OD1 1 
ATOM   429 N ND2 . ASN A 1 55 ? 9.953   1.790   -1.371  1.00 38.86 ? 55  ASN A ND2 1 
ATOM   430 N N   . PRO A 1 56 ? 5.065   5.121   -2.080  1.00 25.27 ? 56  PRO A N   1 
ATOM   431 C CA  . PRO A 1 56 ? 3.785   5.609   -1.615  1.00 24.07 ? 56  PRO A CA  1 
ATOM   432 C C   . PRO A 1 56 ? 2.705   4.561   -1.803  1.00 22.22 ? 56  PRO A C   1 
ATOM   433 O O   . PRO A 1 56 ? 2.848   3.658   -2.635  1.00 23.89 ? 56  PRO A O   1 
ATOM   434 C CB  . PRO A 1 56 ? 3.508   6.812   -2.563  1.00 24.54 ? 56  PRO A CB  1 
ATOM   435 C CG  . PRO A 1 56 ? 4.158   6.354   -3.842  1.00 25.04 ? 56  PRO A CG  1 
ATOM   436 C CD  . PRO A 1 56 ? 5.477   5.741   -3.365  1.00 24.09 ? 56  PRO A CD  1 
ATOM   437 N N   . PRO A 1 57 ? 1.590   4.702   -1.103  1.00 21.83 ? 57  PRO A N   1 
ATOM   438 C CA  . PRO A 1 57 ? 0.459   3.839   -1.215  1.00 23.36 ? 57  PRO A CA  1 
ATOM   439 C C   . PRO A 1 57 ? -0.310  4.032   -2.519  1.00 24.11 ? 57  PRO A C   1 
ATOM   440 O O   . PRO A 1 57 ? -0.098  5.022   -3.226  1.00 24.58 ? 57  PRO A O   1 
ATOM   441 C CB  . PRO A 1 57 ? -0.434  4.245   -0.040  1.00 22.56 ? 57  PRO A CB  1 
ATOM   442 C CG  . PRO A 1 57 ? -0.114  5.716   0.164   1.00 22.70 ? 57  PRO A CG  1 
ATOM   443 C CD  . PRO A 1 57 ? 1.380   5.811   -0.106  1.00 23.55 ? 57  PRO A CD  1 
ATOM   444 N N   . CYS A 1 58 ? -1.220  3.128   -2.803  1.00 22.15 ? 58  CYS A N   1 
ATOM   445 C CA  . CYS A 1 58 ? -2.229  3.307   -3.835  1.00 22.18 ? 58  CYS A CA  1 
ATOM   446 C C   . CYS A 1 58 ? -3.605  3.357   -3.113  1.00 25.71 ? 58  CYS A C   1 
ATOM   447 O O   . CYS A 1 58 ? -3.659  2.972   -1.944  1.00 21.88 ? 58  CYS A O   1 
ATOM   448 C CB  . CYS A 1 58 ? -2.237  2.237   -4.890  1.00 18.44 ? 58  CYS A CB  1 
ATOM   449 S SG  . CYS A 1 58 ? -0.671  2.122   -5.824  1.00 21.26 ? 58  CYS A SG  1 
ATOM   450 N N   . GLY A 1 59 ? -4.601  3.830   -3.814  1.00 25.12 ? 59  GLY A N   1 
ATOM   451 C CA  . GLY A 1 59 ? -5.937  3.977   -3.278  1.00 28.05 ? 59  GLY A CA  1 
ATOM   452 C C   . GLY A 1 59 ? -6.681  2.663   -3.192  1.00 27.45 ? 59  GLY A C   1 
ATOM   453 O O   . GLY A 1 59 ? -6.134  1.584   -3.430  1.00 25.82 ? 59  GLY A O   1 
ATOM   454 N N   . GLN A 1 60 ? -7.959  2.739   -2.843  1.00 28.65 ? 60  GLN A N   1 
ATOM   455 C CA  . GLN A 1 60 ? -8.789  1.578   -2.613  1.00 30.45 ? 60  GLN A CA  1 
ATOM   456 C C   . GLN A 1 60 ? -8.963  0.704   -3.838  1.00 32.02 ? 60  GLN A C   1 
ATOM   457 O O   . GLN A 1 60 ? -9.371  1.164   -4.904  1.00 31.32 ? 60  GLN A O   1 
ATOM   458 C CB  . GLN A 1 60 ? -10.165 2.027   -2.070  1.00 34.04 ? 60  GLN A CB  1 
ATOM   459 C CG  . GLN A 1 60 ? -11.019 0.874   -1.568  1.00 36.71 ? 60  GLN A CG  1 
ATOM   460 C CD  . GLN A 1 60 ? -12.397 1.356   -1.115  1.00 39.84 ? 60  GLN A CD  1 
ATOM   461 O OE1 . GLN A 1 60 ? -12.595 2.547   -0.884  1.00 40.74 ? 60  GLN A OE1 1 
ATOM   462 N NE2 . GLN A 1 60 ? -13.334 0.430   -1.016  1.00 42.36 ? 60  GLN A NE2 1 
ATOM   463 N N   . ASP A 1 61 ? -8.648  -0.579  -3.707  1.00 30.21 ? 61  ASP A N   1 
ATOM   464 C CA  . ASP A 1 61 ? -8.704  -1.540  -4.776  1.00 33.36 ? 61  ASP A CA  1 
ATOM   465 C C   . ASP A 1 61 ? -7.763  -1.174  -5.935  1.00 31.81 ? 61  ASP A C   1 
ATOM   466 O O   . ASP A 1 61 ? -7.971  -1.602  -7.060  1.00 32.10 ? 61  ASP A O   1 
ATOM   467 C CB  . ASP A 1 61 ? -10.118 -1.764  -5.307  1.00 36.55 ? 61  ASP A CB  1 
ATOM   468 C CG  . ASP A 1 61 ? -11.010 -2.399  -4.231  1.00 40.87 ? 61  ASP A CG  1 
ATOM   469 O OD1 . ASP A 1 61 ? -10.670 -3.513  -3.779  1.00 43.72 ? 61  ASP A OD1 1 
ATOM   470 O OD2 . ASP A 1 61 ? -11.990 -1.757  -3.845  1.00 41.21 ? 61  ASP A OD2 1 
ATOM   471 N N   . ARG A 1 62 ? -6.723  -0.435  -5.606  1.00 29.80 ? 62  ARG A N   1 
ATOM   472 C CA  . ARG A 1 62 ? -5.689  -0.110  -6.612  1.00 28.23 ? 62  ARG A CA  1 
ATOM   473 C C   . ARG A 1 62 ? -4.374  -0.708  -6.180  1.00 26.74 ? 62  ARG A C   1 
ATOM   474 O O   . ARG A 1 62 ? -4.153  -0.895  -4.967  1.00 27.03 ? 62  ARG A O   1 
ATOM   475 C CB  . ARG A 1 62 ? -5.631  1.412   -6.778  1.00 25.74 ? 62  ARG A CB  1 
ATOM   476 C CG  . ARG A 1 62 ? -6.909  1.935   -7.478  1.00 29.46 ? 62  ARG A CG  1 
ATOM   477 C CD  . ARG A 1 62 ? -7.040  3.437   -7.289  1.00 29.97 ? 62  ARG A CD  1 
ATOM   478 N NE  . ARG A 1 62 ? -6.020  4.199   -7.949  1.00 30.45 ? 62  ARG A NE  1 
ATOM   479 C CZ  . ARG A 1 62 ? -5.943  4.487   -9.242  1.00 31.89 ? 62  ARG A CZ  1 
ATOM   480 N NH1 . ARG A 1 62 ? -6.853  4.055   -10.096 1.00 30.62 ? 62  ARG A NH1 1 
ATOM   481 N NH2 . ARG A 1 62 ? -4.939  5.249   -9.683  1.00 30.95 ? 62  ARG A NH2 1 
ATOM   482 N N   . CYS A 1 63 ? -3.568  -1.202  -7.122  1.00 24.66 ? 63  CYS A N   1 
ATOM   483 C CA  . CYS A 1 63 ? -2.290  -1.795  -6.802  1.00 24.24 ? 63  CYS A CA  1 
ATOM   484 C C   . CYS A 1 63 ? -1.166  -1.083  -7.593  1.00 24.80 ? 63  CYS A C   1 
ATOM   485 O O   . CYS A 1 63 ? -1.463  -0.396  -8.549  1.00 25.60 ? 63  CYS A O   1 
ATOM   486 C CB  . CYS A 1 63 ? -2.261  -3.280  -7.243  1.00 29.45 ? 63  CYS A CB  1 
ATOM   487 S SG  . CYS A 1 63 ? -3.812  -4.131  -6.759  1.00 31.31 ? 63  CYS A SG  1 
ATOM   488 N N   . CYS A 1 64 ? 0.044   -1.255  -7.118  1.00 24.99 ? 64  CYS A N   1 
ATOM   489 C CA  . CYS A 1 64 ? 1.209   -0.665  -7.752  1.00 24.47 ? 64  CYS A CA  1 
ATOM   490 C C   . CYS A 1 64 ? 1.842   -1.653  -8.735  1.00 26.15 ? 64  CYS A C   1 
ATOM   491 O O   . CYS A 1 64 ? 2.332   -2.721  -8.306  1.00 23.78 ? 64  CYS A O   1 
ATOM   492 C CB  . CYS A 1 64 ? 2.240   -0.309  -6.658  1.00 24.13 ? 64  CYS A CB  1 
ATOM   493 S SG  . CYS A 1 64 ? 3.711   0.479   -7.355  1.00 21.84 ? 64  CYS A SG  1 
ATOM   494 N N   . SER A 1 65 ? 1.697   -1.384  -10.027 1.00 25.40 ? 65  SER A N   1 
ATOM   495 C CA  . SER A 1 65 ? 2.259   -2.265  -11.048 1.00 25.84 ? 65  SER A CA  1 
ATOM   496 C C   . SER A 1 65 ? 3.772   -2.252  -11.043 1.00 25.29 ? 65  SER A C   1 
ATOM   497 O O   . SER A 1 65 ? 4.423   -1.353  -10.507 1.00 24.73 ? 65  SER A O   1 
ATOM   498 C CB  . SER A 1 65 ? 1.745   -1.818  -12.446 1.00 26.76 ? 65  SER A CB  1 
ATOM   499 O OG  . SER A 1 65 ? 2.499   -0.679  -12.860 1.00 22.40 ? 65  SER A OG  1 
ATOM   500 N N   . VAL A 1 66 ? 4.364   -3.242  -11.742 1.00 25.74 ? 66  VAL A N   1 
ATOM   501 C CA  . VAL A 1 66 ? 5.820   -3.287  -11.872 1.00 27.32 ? 66  VAL A CA  1 
ATOM   502 C C   . VAL A 1 66 ? 6.341   -2.122  -12.707 1.00 27.35 ? 66  VAL A C   1 
ATOM   503 O O   . VAL A 1 66 ? 7.517   -1.761  -12.581 1.00 30.27 ? 66  VAL A O   1 
ATOM   504 C CB  . VAL A 1 66 ? 6.276   -4.612  -12.525 1.00 27.38 ? 66  VAL A CB  1 
ATOM   505 C CG1 . VAL A 1 66 ? 6.100   -5.753  -11.498 1.00 28.08 ? 66  VAL A CG1 1 
ATOM   506 C CG2 . VAL A 1 66 ? 5.435   -4.917  -13.752 1.00 26.63 ? 66  VAL A CG2 1 
ATOM   507 N N   . HIS A 1 67 ? 5.475   -1.488  -13.470 1.00 26.85 ? 67  HIS A N   1 
ATOM   508 C CA  . HIS A 1 67 ? 5.888   -0.316  -14.271 1.00 26.68 ? 67  HIS A CA  1 
ATOM   509 C C   . HIS A 1 67 ? 6.008   0.938   -13.460 1.00 27.13 ? 67  HIS A C   1 
ATOM   510 O O   . HIS A 1 67 ? 6.656   1.912   -13.883 1.00 28.81 ? 67  HIS A O   1 
ATOM   511 C CB  . HIS A 1 67 ? 4.895   -0.126  -15.433 1.00 24.25 ? 67  HIS A CB  1 
ATOM   512 C CG  . HIS A 1 67 ? 4.766   -1.385  -16.241 1.00 24.62 ? 67  HIS A CG  1 
ATOM   513 N ND1 . HIS A 1 67 ? 5.839   -1.915  -16.928 1.00 27.19 ? 67  HIS A ND1 1 
ATOM   514 C CD2 . HIS A 1 67 ? 3.741   -2.240  -16.413 1.00 25.34 ? 67  HIS A CD2 1 
ATOM   515 C CE1 . HIS A 1 67 ? 5.474   -3.039  -17.514 1.00 24.90 ? 67  HIS A CE1 1 
ATOM   516 N NE2 . HIS A 1 67 ? 4.200   -3.258  -17.202 1.00 27.35 ? 67  HIS A NE2 1 
ATOM   517 N N   . GLY A 1 68 ? 5.376   1.008   -12.274 1.00 23.27 ? 68  GLY A N   1 
ATOM   518 C CA  . GLY A 1 68 ? 5.491   2.179   -11.432 1.00 21.55 ? 68  GLY A CA  1 
ATOM   519 C C   . GLY A 1 68 ? 4.252   3.052   -11.379 1.00 20.95 ? 68  GLY A C   1 
ATOM   520 O O   . GLY A 1 68 ? 4.380   4.259   -11.103 1.00 21.56 ? 68  GLY A O   1 
ATOM   521 N N   . TRP A 1 69 ? 3.073   2.524   -11.666 1.00 20.62 ? 69  TRP A N   1 
ATOM   522 C CA  . TRP A 1 69 ? 1.845   3.274   -11.502 1.00 24.70 ? 69  TRP A CA  1 
ATOM   523 C C   . TRP A 1 69 ? 0.794   2.488   -10.702 1.00 24.20 ? 69  TRP A C   1 
ATOM   524 O O   . TRP A 1 69 ? 0.661   1.296   -10.865 1.00 21.84 ? 69  TRP A O   1 
ATOM   525 C CB  . TRP A 1 69 ? 1.204   3.683   -12.838 1.00 27.85 ? 69  TRP A CB  1 
ATOM   526 C CG  . TRP A 1 69 ? 1.882   4.888   -13.435 1.00 32.31 ? 69  TRP A CG  1 
ATOM   527 C CD1 . TRP A 1 69 ? 1.553   6.204   -13.215 1.00 34.93 ? 69  TRP A CD1 1 
ATOM   528 C CD2 . TRP A 1 69 ? 3.007   4.892   -14.310 1.00 34.81 ? 69  TRP A CD2 1 
ATOM   529 N NE1 . TRP A 1 69 ? 2.407   7.019   -13.909 1.00 36.22 ? 69  TRP A NE1 1 
ATOM   530 C CE2 . TRP A 1 69 ? 3.318   6.240   -14.588 1.00 35.53 ? 69  TRP A CE2 1 
ATOM   531 C CE3 . TRP A 1 69 ? 3.797   3.889   -14.873 1.00 36.13 ? 69  TRP A CE3 1 
ATOM   532 C CZ2 . TRP A 1 69 ? 4.363   6.611   -15.423 1.00 37.71 ? 69  TRP A CZ2 1 
ATOM   533 C CZ3 . TRP A 1 69 ? 4.847   4.256   -15.703 1.00 36.44 ? 69  TRP A CZ3 1 
ATOM   534 C CH2 . TRP A 1 69 ? 5.122   5.609   -15.968 1.00 38.78 ? 69  TRP A CH2 1 
ATOM   535 N N   . CYS A 1 70 ? -0.039  3.265   -9.993  1.00 25.30 ? 70  CYS A N   1 
ATOM   536 C CA  . CYS A 1 70 ? -1.193  2.708   -9.311  1.00 25.39 ? 70  CYS A CA  1 
ATOM   537 C C   . CYS A 1 70 ? -2.337  2.556   -10.314 1.00 28.69 ? 70  CYS A C   1 
ATOM   538 O O   . CYS A 1 70 ? -2.525  3.430   -11.165 1.00 27.90 ? 70  CYS A O   1 
ATOM   539 C CB  . CYS A 1 70 ? -1.695  3.711   -8.217  1.00 21.76 ? 70  CYS A CB  1 
ATOM   540 S SG  . CYS A 1 70 ? -0.613  3.910   -6.832  1.00 20.10 ? 70  CYS A SG  1 
ATOM   541 N N   . GLY A 1 71 ? -3.094  1.481   -10.208 1.00 27.26 ? 71  GLY A N   1 
ATOM   542 C CA  . GLY A 1 71 ? -4.288  1.303   -11.018 1.00 27.74 ? 71  GLY A CA  1 
ATOM   543 C C   . GLY A 1 71 ? -5.098  0.104   -10.514 1.00 31.15 ? 71  GLY A C   1 
ATOM   544 O O   . GLY A 1 71 ? -4.644  -0.641  -9.658  1.00 30.86 ? 71  GLY A O   1 
ATOM   545 N N   . GLY A 1 72 ? -6.262  -0.092  -11.118 1.00 33.47 ? 72  GLY A N   1 
ATOM   546 C CA  . GLY A 1 72 ? -7.117  -1.219  -10.739 1.00 36.65 ? 72  GLY A CA  1 
ATOM   547 C C   . GLY A 1 72 ? -7.069  -2.282  -11.835 1.00 39.04 ? 72  GLY A C   1 
ATOM   548 O O   . GLY A 1 72 ? -6.718  -1.982  -12.985 1.00 38.89 ? 72  GLY A O   1 
ATOM   549 N N   . GLY A 1 73 ? -7.356  -3.516  -11.470 1.00 39.74 ? 73  GLY A N   1 
ATOM   550 C CA  . GLY A 1 73 ? -7.425  -4.597  -12.418 1.00 41.08 ? 73  GLY A CA  1 
ATOM   551 C C   . GLY A 1 73 ? -6.166  -5.416  -12.544 1.00 41.62 ? 73  GLY A C   1 
ATOM   552 O O   . GLY A 1 73 ? -5.109  -5.137  -11.989 1.00 39.21 ? 73  GLY A O   1 
ATOM   553 N N   . ASN A 1 74 ? -6.297  -6.487  -13.342 1.00 43.13 ? 74  ASN A N   1 
ATOM   554 C CA  . ASN A 1 74 ? -5.251  -7.456  -13.556 1.00 43.86 ? 74  ASN A CA  1 
ATOM   555 C C   . ASN A 1 74 ? -3.961  -6.815  -14.043 1.00 41.68 ? 74  ASN A C   1 
ATOM   556 O O   . ASN A 1 74 ? -2.867  -7.206  -13.635 1.00 41.55 ? 74  ASN A O   1 
ATOM   557 C CB  . ASN A 1 74 ? -5.734  -8.515  -14.573 1.00 51.43 ? 74  ASN A CB  1 
ATOM   558 C CG  . ASN A 1 74 ? -7.186  -8.890  -14.376 1.00 56.59 ? 74  ASN A CG  1 
ATOM   559 O OD1 . ASN A 1 74 ? -7.673  -9.042  -13.252 1.00 59.26 ? 74  ASN A OD1 1 
ATOM   560 N ND2 . ASN A 1 74 ? -7.918  -9.038  -15.482 1.00 59.00 ? 74  ASN A ND2 1 
ATOM   561 N N   . ASP A 1 75 ? -4.089  -5.802  -14.888 1.00 40.62 ? 75  ASP A N   1 
ATOM   562 C CA  . ASP A 1 75 ? -2.937  -5.095  -15.432 1.00 39.07 ? 75  ASP A CA  1 
ATOM   563 C C   . ASP A 1 75 ? -2.008  -4.586  -14.337 1.00 35.56 ? 75  ASP A C   1 
ATOM   564 O O   . ASP A 1 75 ? -0.811  -4.412  -14.559 1.00 33.89 ? 75  ASP A O   1 
ATOM   565 C CB  . ASP A 1 75 ? -3.410  -3.900  -16.279 1.00 44.17 ? 75  ASP A CB  1 
ATOM   566 C CG  . ASP A 1 75 ? -3.794  -4.303  -17.684 1.00 47.82 ? 75  ASP A CG  1 
ATOM   567 O OD1 . ASP A 1 75 ? -3.539  -5.466  -18.056 1.00 49.46 ? 75  ASP A OD1 1 
ATOM   568 O OD2 . ASP A 1 75 ? -4.339  -3.453  -18.423 1.00 51.74 ? 75  ASP A OD2 1 
ATOM   569 N N   . TYR A 1 76 ? -2.593  -4.209  -13.201 1.00 32.28 ? 76  TYR A N   1 
ATOM   570 C CA  . TYR A 1 76 ? -1.821  -3.636  -12.111 1.00 31.26 ? 76  TYR A CA  1 
ATOM   571 C C   . TYR A 1 76 ? -1.714  -4.574  -10.904 1.00 31.73 ? 76  TYR A C   1 
ATOM   572 O O   . TYR A 1 76 ? -0.785  -4.422  -10.116 1.00 28.06 ? 76  TYR A O   1 
ATOM   573 C CB  . TYR A 1 76 ? -2.513  -2.348  -11.614 1.00 29.77 ? 76  TYR A CB  1 
ATOM   574 C CG  . TYR A 1 76 ? -2.590  -1.243  -12.634 1.00 27.11 ? 76  TYR A CG  1 
ATOM   575 C CD1 . TYR A 1 76 ? -3.538  -1.271  -13.645 1.00 28.18 ? 76  TYR A CD1 1 
ATOM   576 C CD2 . TYR A 1 76 ? -1.730  -0.154  -12.567 1.00 28.87 ? 76  TYR A CD2 1 
ATOM   577 C CE1 . TYR A 1 76 ? -3.638  -0.248  -14.566 1.00 29.15 ? 76  TYR A CE1 1 
ATOM   578 C CE2 . TYR A 1 76 ? -1.795  0.872   -13.502 1.00 28.51 ? 76  TYR A CE2 1 
ATOM   579 C CZ  . TYR A 1 76 ? -2.749  0.814   -14.498 1.00 28.60 ? 76  TYR A CZ  1 
ATOM   580 O OH  . TYR A 1 76 ? -2.837  1.820   -15.420 1.00 28.46 ? 76  TYR A OH  1 
ATOM   581 N N   . CYS A 1 77 ? -2.706  -5.437  -10.728 1.00 32.95 ? 77  CYS A N   1 
ATOM   582 C CA  . CYS A 1 77 ? -2.864  -6.181  -9.492  1.00 35.36 ? 77  CYS A CA  1 
ATOM   583 C C   . CYS A 1 77 ? -2.499  -7.640  -9.523  1.00 39.27 ? 77  CYS A C   1 
ATOM   584 O O   . CYS A 1 77 ? -2.406  -8.262  -8.437  1.00 37.88 ? 77  CYS A O   1 
ATOM   585 C CB  . CYS A 1 77 ? -4.352  -6.052  -9.038  1.00 33.76 ? 77  CYS A CB  1 
ATOM   586 S SG  . CYS A 1 77 ? -4.794  -4.402  -8.457  1.00 30.31 ? 77  CYS A SG  1 
ATOM   587 N N   . SER A 1 78 ? -2.180  -8.221  -10.668 1.00 43.01 ? 78  SER A N   1 
ATOM   588 C CA  . SER A 1 78 ? -1.929  -9.632  -10.795 1.00 46.47 ? 78  SER A CA  1 
ATOM   589 C C   . SER A 1 78 ? -0.486  -10.068 -10.763 1.00 47.50 ? 78  SER A C   1 
ATOM   590 O O   . SER A 1 78 ? 0.462   -9.304  -10.894 1.00 48.52 ? 78  SER A O   1 
ATOM   591 C CB  . SER A 1 78 ? -2.601  -10.187 -12.072 1.00 49.03 ? 78  SER A CB  1 
ATOM   592 O OG  . SER A 1 78 ? -3.999  -10.318 -11.825 1.00 51.98 ? 78  SER A OG  1 
ATOM   593 N N   A GLY A 1 79 ? -0.254  -11.289 -10.242 0.56 47.19 ? 79  GLY A N   1 
ATOM   594 N N   B GLY A 1 79 ? -0.312  -11.391 -10.582 0.44 47.26 ? 79  GLY A N   1 
ATOM   595 C CA  A GLY A 1 79 ? 0.995   -11.825 -10.020 0.56 46.44 ? 79  GLY A CA  1 
ATOM   596 C CA  B GLY A 1 79 ? 0.996   -12.003 -10.534 0.44 46.16 ? 79  GLY A CA  1 
ATOM   597 C C   A GLY A 1 79 ? 2.224   -11.096 -10.541 0.56 46.28 ? 79  GLY A C   1 
ATOM   598 C C   B GLY A 1 79 ? 1.880   -11.523 -11.678 0.44 45.47 ? 79  GLY A C   1 
ATOM   599 O O   A GLY A 1 79 ? 2.828   -10.293 -9.827  0.56 46.24 ? 79  GLY A O   1 
ATOM   600 O O   B GLY A 1 79 ? 1.479   -11.523 -12.837 0.44 45.23 ? 79  GLY A O   1 
ATOM   601 N N   A GLY A 1 80 ? 3.104   -11.129 -11.330 0.44 45.32 ? 80  GLY A N   1 
ATOM   602 C CA  A GLY A 1 80 ? 4.060   -10.656 -12.314 0.44 44.43 ? 80  GLY A CA  1 
ATOM   603 C C   A GLY A 1 80 ? 3.780   -9.227  -12.747 0.44 42.88 ? 80  GLY A C   1 
ATOM   604 O O   A GLY A 1 80 ? 4.714   -8.523  -13.155 0.44 43.49 ? 80  GLY A O   1 
ATOM   605 N N   B SER A 1 80 ? 2.593   -11.376 -11.786 0.56 45.82 ? 80  SER A N   1 
ATOM   606 C CA  B SER A 1 80 ? 3.795   -10.811 -12.377 0.56 45.53 ? 80  SER A CA  1 
ATOM   607 C C   B SER A 1 80 ? 3.669   -9.307  -12.590 0.56 43.41 ? 80  SER A C   1 
ATOM   608 O O   B SER A 1 80 ? 4.676   -8.592  -12.568 0.56 43.52 ? 80  SER A O   1 
ATOM   609 C CB  B SER A 1 80 ? 4.101   -11.508 -13.706 0.56 47.63 ? 80  SER A CB  1 
ATOM   610 O OG  B SER A 1 80 ? 5.500   -11.611 -13.909 0.56 50.08 ? 80  SER A OG  1 
ATOM   611 N N   A ASN A 1 81 ? 2.528   -8.789  -12.689 0.44 41.47 ? 81  ASN A N   1 
ATOM   612 C CA  A ASN A 1 81 ? 2.193   -7.427  -13.112 0.44 40.02 ? 81  ASN A CA  1 
ATOM   613 C C   A ASN A 1 81 ? 2.259   -6.452  -11.937 0.44 38.35 ? 81  ASN A C   1 
ATOM   614 O O   A ASN A 1 81 ? 2.253   -5.236  -12.130 0.44 37.00 ? 81  ASN A O   1 
ATOM   615 C CB  A ASN A 1 81 ? 0.784   -7.373  -13.708 0.44 41.74 ? 81  ASN A CB  1 
ATOM   616 C CG  A ASN A 1 81 ? 0.728   -7.835  -15.146 0.44 43.65 ? 81  ASN A CG  1 
ATOM   617 O OD1 A ASN A 1 81 ? 1.760   -8.063  -15.779 0.44 43.41 ? 81  ASN A OD1 1 
ATOM   618 N ND2 A ASN A 1 81 ? -0.482  -7.978  -15.677 0.44 44.51 ? 81  ASN A ND2 1 
ATOM   619 N N   B LYS A 1 81 ? 2.452   -8.828  -12.781 0.56 42.09 ? 81  LYS A N   1 
ATOM   620 C CA  B LYS A 1 81 ? 2.210   -7.433  -13.118 0.56 41.19 ? 81  LYS A CA  1 
ATOM   621 C C   B LYS A 1 81 ? 2.355   -6.491  -11.937 0.56 40.82 ? 81  LYS A C   1 
ATOM   622 O O   B LYS A 1 81 ? 2.189   -5.267  -12.094 0.56 38.69 ? 81  LYS A O   1 
ATOM   623 C CB  B LYS A 1 81 ? 0.823   -7.272  -13.760 0.56 41.00 ? 81  LYS A CB  1 
ATOM   624 C CG  B LYS A 1 81 ? 0.680   -8.043  -15.074 0.56 42.89 ? 81  LYS A CG  1 
ATOM   625 C CD  B LYS A 1 81 ? -0.688  -7.797  -15.695 0.56 43.51 ? 81  LYS A CD  1 
ATOM   626 C CE  B LYS A 1 81 ? -0.632  -7.956  -17.209 0.56 43.26 ? 81  LYS A CE  1 
ATOM   627 N NZ  B LYS A 1 81 ? -1.687  -7.144  -17.874 0.56 45.71 ? 81  LYS A NZ  1 
ATOM   628 N N   . CYS A 1 82 ? 2.231   -7.001  -10.730 1.00 35.78 ? 82  CYS A N   1 
ATOM   629 C CA  . CYS A 1 82 ? 2.114   -6.181  -9.528  1.00 32.96 ? 82  CYS A CA  1 
ATOM   630 C C   . CYS A 1 82 ? 3.337   -6.218  -8.664  1.00 32.11 ? 82  CYS A C   1 
ATOM   631 O O   . CYS A 1 82 ? 3.902   -7.294  -8.411  1.00 32.51 ? 82  CYS A O   1 
ATOM   632 C CB  . CYS A 1 82 ? 0.865   -6.680  -8.749  1.00 32.41 ? 82  CYS A CB  1 
ATOM   633 S SG  . CYS A 1 82 ? 0.493   -5.697  -7.286  1.00 26.96 ? 82  CYS A SG  1 
ATOM   634 N N   . GLN A 1 83 ? 3.792   -5.057  -8.157  1.00 28.97 ? 83  GLN A N   1 
ATOM   635 C CA  . GLN A 1 83 ? 4.935   -5.027  -7.274  1.00 29.14 ? 83  GLN A CA  1 
ATOM   636 C C   . GLN A 1 83 ? 4.552   -4.938  -5.791  1.00 30.39 ? 83  GLN A C   1 
ATOM   637 O O   . GLN A 1 83 ? 5.374   -5.337  -4.946  1.00 30.20 ? 83  GLN A O   1 
ATOM   638 C CB  . GLN A 1 83 ? 5.969   -4.021  -7.638  1.00 33.16 ? 83  GLN A CB  1 
ATOM   639 C CG  . GLN A 1 83 ? 5.636   -2.560  -7.609  1.00 34.64 ? 83  GLN A CG  1 
ATOM   640 C CD  . GLN A 1 83 ? 6.849   -1.682  -7.909  1.00 36.75 ? 83  GLN A CD  1 
ATOM   641 O OE1 . GLN A 1 83 ? 7.819   -1.685  -7.162  1.00 39.76 ? 83  GLN A OE1 1 
ATOM   642 N NE2 . GLN A 1 83 ? 6.762   -0.912  -8.990  1.00 35.22 ? 83  GLN A NE2 1 
ATOM   643 N N   . TYR A 1 84 ? 3.474   -4.239  -5.473  1.00 25.67 ? 84  TYR A N   1 
ATOM   644 C CA  . TYR A 1 84 ? 3.084   -4.126  -4.044  1.00 25.68 ? 84  TYR A CA  1 
ATOM   645 C C   . TYR A 1 84 ? 1.636   -3.733  -3.919  1.00 24.88 ? 84  TYR A C   1 
ATOM   646 O O   . TYR A 1 84 ? 1.000   -3.321  -4.899  1.00 24.38 ? 84  TYR A O   1 
ATOM   647 C CB  . TYR A 1 84 ? 4.033   -3.319  -3.245  1.00 24.36 ? 84  TYR A CB  1 
ATOM   648 C CG  . TYR A 1 84 ? 4.153   -1.836  -3.432  1.00 23.19 ? 84  TYR A CG  1 
ATOM   649 C CD1 . TYR A 1 84 ? 3.117   -0.967  -3.133  1.00 23.33 ? 84  TYR A CD1 1 
ATOM   650 C CD2 . TYR A 1 84 ? 5.365   -1.283  -3.858  1.00 22.57 ? 84  TYR A CD2 1 
ATOM   651 C CE1 . TYR A 1 84 ? 3.270   0.416   -3.266  1.00 23.58 ? 84  TYR A CE1 1 
ATOM   652 C CE2 . TYR A 1 84 ? 5.516   0.085   -3.999  1.00 22.30 ? 84  TYR A CE2 1 
ATOM   653 C CZ  . TYR A 1 84 ? 4.467   0.922   -3.718  1.00 22.05 ? 84  TYR A CZ  1 
ATOM   654 O OH  . TYR A 1 84 ? 4.623   2.284   -3.861  1.00 23.07 ? 84  TYR A OH  1 
ATOM   655 N N   . ARG A 1 85 ? 1.033   -3.968  -2.745  1.00 23.05 ? 85  ARG A N   1 
ATOM   656 C CA  . ARG A 1 85 ? -0.373  -3.799  -2.525  1.00 23.96 ? 85  ARG A CA  1 
ATOM   657 C C   . ARG A 1 85 ? -1.209  -4.560  -3.538  1.00 28.43 ? 85  ARG A C   1 
ATOM   658 O O   . ARG A 1 85 ? -2.183  -4.081  -4.103  1.00 28.79 ? 85  ARG A O   1 
ATOM   659 C CB  . ARG A 1 85 ? -0.783  -2.325  -2.436  1.00 22.98 ? 85  ARG A CB  1 
ATOM   660 C CG  . ARG A 1 85 ? -0.117  -1.607  -1.266  1.00 25.04 ? 85  ARG A CG  1 
ATOM   661 C CD  . ARG A 1 85 ? -0.208  -0.102  -1.401  1.00 21.43 ? 85  ARG A CD  1 
ATOM   662 N NE  . ARG A 1 85 ? -1.392  0.508   -0.906  1.00 22.68 ? 85  ARG A NE  1 
ATOM   663 C CZ  . ARG A 1 85 ? -1.674  0.947   0.307   1.00 22.43 ? 85  ARG A CZ  1 
ATOM   664 N NH1 . ARG A 1 85 ? -0.838  0.803   1.327   1.00 21.50 ? 85  ARG A NH1 1 
ATOM   665 N NH2 . ARG A 1 85 ? -2.847  1.559   0.510   1.00 23.62 ? 85  ARG A NH2 1 
ATOM   666 N N   . CYS A 1 86 ? -0.796  -5.811  -3.798  1.00 30.42 ? 86  CYS A N   1 
ATOM   667 C CA  . CYS A 1 86 ? -1.447  -6.654  -4.784  1.00 33.43 ? 86  CYS A CA  1 
ATOM   668 C C   . CYS A 1 86 ? -2.669  -7.370  -4.260  1.00 37.36 ? 86  CYS A C   1 
ATOM   669 O O   . CYS A 1 86 ? -2.760  -7.598  -3.036  1.00 39.10 ? 86  CYS A O   1 
ATOM   670 C CB  . CYS A 1 86 ? -0.406  -7.711  -5.275  1.00 30.78 ? 86  CYS A CB  1 
ATOM   671 S SG  . CYS A 1 86 ? 1.154   -6.891  -5.729  1.00 30.34 ? 86  CYS A SG  1 
HETATM 672 C C1  . NAG B 2 .  ? -8.822  -3.036  19.615  1.00 33.48 ? 1   NAG B C1  1 
HETATM 673 C C2  . NAG B 2 .  ? -7.927  -4.218  19.917  1.00 34.40 ? 1   NAG B C2  1 
HETATM 674 C C3  . NAG B 2 .  ? -6.921  -4.472  18.814  1.00 31.34 ? 1   NAG B C3  1 
HETATM 675 C C4  . NAG B 2 .  ? -7.662  -4.559  17.456  1.00 30.78 ? 1   NAG B C4  1 
HETATM 676 C C5  . NAG B 2 .  ? -8.488  -3.273  17.257  1.00 32.06 ? 1   NAG B C5  1 
HETATM 677 C C6  . NAG B 2 .  ? -9.267  -3.256  15.983  1.00 32.48 ? 1   NAG B C6  1 
HETATM 678 C C7  . NAG B 2 .  ? -7.376  -4.679  22.300  1.00 42.27 ? 1   NAG B C7  1 
HETATM 679 C C8  . NAG B 2 .  ? -6.375  -4.461  23.373  1.00 41.83 ? 1   NAG B C8  1 
HETATM 680 N N2  . NAG B 2 .  ? -7.154  -3.962  21.169  1.00 37.60 ? 1   NAG B N2  1 
HETATM 681 O O3  . NAG B 2 .  ? -6.235  -5.671  19.106  1.00 31.65 ? 1   NAG B O3  1 
HETATM 682 O O4  . NAG B 2 .  ? -6.676  -4.628  16.384  1.00 25.55 ? 1   NAG B O4  1 
HETATM 683 O O5  . NAG B 2 .  ? -9.417  -3.170  18.333  1.00 33.10 ? 1   NAG B O5  1 
HETATM 684 O O6  . NAG B 2 .  ? -10.076 -4.326  15.747  1.00 35.53 ? 1   NAG B O6  1 
HETATM 685 O O7  . NAG B 2 .  ? -8.274  -5.383  22.407  1.00 42.93 ? 1   NAG B O7  1 
HETATM 686 C C1  . NAG B 2 .  ? -6.689  -5.904  15.704  1.00 21.16 ? 2   NAG B C1  1 
HETATM 687 C C2  . NAG B 2 .  ? -5.886  -5.692  14.394  1.00 19.06 ? 2   NAG B C2  1 
HETATM 688 C C3  . NAG B 2 .  ? -5.648  -7.071  13.775  1.00 21.30 ? 2   NAG B C3  1 
HETATM 689 C C4  . NAG B 2 .  ? -4.897  -7.942  14.797  1.00 21.66 ? 2   NAG B C4  1 
HETATM 690 C C5  . NAG B 2 .  ? -5.623  -7.982  16.162  1.00 24.07 ? 2   NAG B C5  1 
HETATM 691 C C6  . NAG B 2 .  ? -4.702  -8.612  17.212  1.00 25.46 ? 2   NAG B C6  1 
HETATM 692 C C7  . NAG B 2 .  ? -6.385  -3.583  13.142  1.00 20.77 ? 2   NAG B C7  1 
HETATM 693 C C8  . NAG B 2 .  ? -7.358  -2.960  12.234  1.00 22.62 ? 2   NAG B C8  1 
HETATM 694 N N2  . NAG B 2 .  ? -6.664  -4.875  13.465  1.00 17.78 ? 2   NAG B N2  1 
HETATM 695 O O3  . NAG B 2 .  ? -4.815  -6.895  12.607  1.00 19.27 ? 2   NAG B O3  1 
HETATM 696 O O4  . NAG B 2 .  ? -4.867  -9.325  14.317  1.00 20.84 ? 2   NAG B O4  1 
HETATM 697 O O5  . NAG B 2 .  ? -5.852  -6.653  16.609  1.00 22.62 ? 2   NAG B O5  1 
HETATM 698 O O6  . NAG B 2 .  ? -5.413  -8.797  18.419  1.00 29.09 ? 2   NAG B O6  1 
HETATM 699 O O7  . NAG B 2 .  ? -5.447  -3.051  13.558  1.00 19.86 ? 2   NAG B O7  1 
HETATM 700 C C1  . NAG B 2 .  ? -3.526  -9.744  13.932  1.00 21.18 ? 3   NAG B C1  1 
HETATM 701 C C2  . NAG B 2 .  ? -3.704  -11.270 13.666  1.00 21.96 ? 3   NAG B C2  1 
HETATM 702 C C3  . NAG B 2 .  ? -2.332  -11.816 13.265  1.00 22.56 ? 3   NAG B C3  1 
HETATM 703 C C4  . NAG B 2 .  ? -2.000  -11.082 11.903  1.00 20.73 ? 3   NAG B C4  1 
HETATM 704 C C5  . NAG B 2 .  ? -1.942  -9.541  12.185  1.00 20.82 ? 3   NAG B C5  1 
HETATM 705 C C6  . NAG B 2 .  ? -1.709  -8.804  10.866  1.00 19.23 ? 3   NAG B C6  1 
HETATM 706 C C7  . NAG B 2 .  ? -5.359  -12.475 15.071  1.00 22.75 ? 3   NAG B C7  1 
HETATM 707 C C8  . NAG B 2 .  ? -5.654  -12.985 16.425  1.00 23.39 ? 3   NAG B C8  1 
HETATM 708 N N2  . NAG B 2 .  ? -4.104  -11.922 14.957  1.00 21.17 ? 3   NAG B N2  1 
HETATM 709 O O3  . NAG B 2 .  ? -2.521  -13.221 12.905  1.00 20.51 ? 3   NAG B O3  1 
HETATM 710 O O4  . NAG B 2 .  ? -0.690  -11.487 11.509  1.00 20.03 ? 3   NAG B O4  1 
HETATM 711 O O5  . NAG B 2 .  ? -3.280  -9.165  12.593  1.00 19.54 ? 3   NAG B O5  1 
HETATM 712 O O6  . NAG B 2 .  ? -1.477  -7.421  11.101  1.00 19.55 ? 3   NAG B O6  1 
HETATM 713 O O7  . NAG B 2 .  ? -6.102  -12.552 14.198  1.00 21.13 ? 3   NAG B O7  1 
HETATM 714 O O   . HOH C 3 .  ? -3.886  -0.013  -2.407  1.00 24.48 ? 93  HOH A O   1 
HETATM 715 O O   . HOH C 3 .  ? 0.981   6.985   -5.086  1.00 20.74 ? 94  HOH A O   1 
HETATM 716 O O   . HOH C 3 .  ? 2.786   0.468   6.491   1.00 29.69 ? 95  HOH A O   1 
HETATM 717 O O   . HOH C 3 .  ? -9.296  -6.242  12.678  1.00 30.18 ? 96  HOH A O   1 
HETATM 718 O O   . HOH C 3 .  ? -7.499  6.334   3.712   1.00 28.18 ? 97  HOH A O   1 
HETATM 719 O O   . HOH C 3 .  ? 8.219   -5.601  1.667   1.00 31.14 ? 98  HOH A O   1 
HETATM 720 O O   . HOH C 3 .  ? -0.697  7.671   3.905   1.00 32.03 ? 99  HOH A O   1 
HETATM 721 O O   . HOH C 3 .  ? 0.192   2.689   15.048  1.00 26.04 ? 100 HOH A O   1 
HETATM 722 O O   . HOH C 3 .  ? 3.408   6.150   11.687  1.00 43.07 ? 101 HOH A O   1 
HETATM 723 O O   . HOH C 3 .  ? 1.590   -6.554  5.726   1.00 35.07 ? 102 HOH A O   1 
HETATM 724 O O   . HOH C 3 .  ? -2.476  5.420   17.242  1.00 39.97 ? 103 HOH A O   1 
HETATM 725 O O   . HOH C 3 .  ? -1.872  -11.769 16.920  1.00 38.72 ? 104 HOH A O   1 
HETATM 726 O O   . HOH C 3 .  ? -8.249  -3.772  -8.708  1.00 44.88 ? 105 HOH A O   1 
HETATM 727 O O   . HOH C 3 .  ? 9.898   -0.144  -7.080  1.00 43.27 ? 106 HOH A O   1 
HETATM 728 O O   . HOH C 3 .  ? -2.287  7.396   15.268  1.00 47.63 ? 107 HOH A O   1 
HETATM 729 O O   . HOH C 3 .  ? 9.407   -1.084  -4.181  1.00 48.25 ? 108 HOH A O   1 
HETATM 730 O O   . HOH C 3 .  ? 5.568   10.145  -2.802  1.00 40.93 ? 109 HOH A O   1 
HETATM 731 O O   . HOH C 3 .  ? -1.156  -8.274  7.114   1.00 45.80 ? 110 HOH A O   1 
HETATM 732 O O   . HOH C 3 .  ? -3.369  8.878   13.885  1.00 39.52 ? 111 HOH A O   1 
HETATM 733 O O   . HOH C 3 .  ? -6.501  -7.106  5.764   1.00 46.45 ? 112 HOH A O   1 
HETATM 734 O O   . HOH C 3 .  ? 8.268   1.974   -16.010 1.00 40.69 ? 113 HOH A O   1 
HETATM 735 O O   . HOH C 3 .  ? -5.972  -7.950  -0.602  1.00 52.57 ? 114 HOH A O   1 
HETATM 736 O O   . HOH C 3 .  ? -5.062  13.077  -10.500 1.00 42.34 ? 115 HOH A O   1 
HETATM 737 O O   . HOH C 3 .  ? 0.103   4.957   23.738  1.00 60.93 ? 116 HOH A O   1 
HETATM 738 O O   . HOH C 3 .  ? 0.955   -4.439  -16.675 1.00 46.31 ? 117 HOH A O   1 
HETATM 739 O O   . HOH C 3 .  ? -8.349  -6.216  -14.482 1.00 62.82 ? 118 HOH A O   1 
HETATM 740 O O   . HOH C 3 .  ? -10.515 3.116   -5.895  1.00 56.18 ? 119 HOH A O   1 
HETATM 741 O O   . HOH C 3 .  ? -3.329  -4.419  19.513  1.00 47.73 ? 120 HOH A O   1 
HETATM 742 O O   . HOH C 3 .  ? -8.301  -8.059  20.051  1.00 50.51 ? 121 HOH A O   1 
HETATM 743 O O   . HOH C 3 .  ? -7.310  8.031   5.843   1.00 51.51 ? 122 HOH A O   1 
HETATM 744 O O   . HOH C 3 .  ? -3.525  -8.222  5.111   1.00 52.85 ? 123 HOH A O   1 
HETATM 745 O O   . HOH C 3 .  ? -5.234  -3.204  -3.373  1.00 45.00 ? 124 HOH A O   1 
HETATM 746 O O   . HOH C 3 .  ? -0.539  -14.699 11.265  1.00 41.99 ? 125 HOH A O   1 
HETATM 747 O O   . HOH C 3 .  ? -3.567  4.612   -13.352 1.00 46.58 ? 126 HOH A O   1 
HETATM 748 O O   . HOH C 3 .  ? 1.571   -11.090 13.132  1.00 42.57 ? 127 HOH A O   1 
HETATM 749 O O   . HOH C 3 .  ? -8.963  5.534   -2.665  1.00 47.29 ? 128 HOH A O   1 
HETATM 750 O O   . HOH C 3 .  ? 8.919   -2.578  5.775   1.00 45.56 ? 129 HOH A O   1 
# 
